data_3GUT
#
_entry.id   3GUT
#
_cell.length_a   167.493
_cell.length_b   167.493
_cell.length_c   172.757
_cell.angle_alpha   90.000
_cell.angle_beta   90.000
_cell.angle_gamma   90.000
#
_symmetry.space_group_name_H-M   'P 42'
#
loop_
_entity.id
_entity.type
_entity.pdbx_description
1 polymer 'Transcription factor p65'
2 polymer 'Nuclear factor NF-kappa-B p105 subunit'
3 polymer 'HIV-LTR Core Forward Strand'
4 polymer 'HIV-LTR Core Reverse Strand'
#
loop_
_entity_poly.entity_id
_entity_poly.type
_entity_poly.pdbx_seq_one_letter_code
_entity_poly.pdbx_strand_id
1 'polypeptide(L)'
;AYVEIIEQPKQRGMRFRYKCEGRSAGSIPGERSTDTTKTHPTIKINGYTGPGTVRISLVTKDPPHRPHPHELVGKDCRDG
YYEADLCPDRSIHSFQNLGIQCVKKRDLEQAISQRIQTNNNPFHVPIEEQRGDYDLNAVRLCFQVTVRDPAGRPLLLTPV
LSHPIFDNRAPNTAELKICRVNRNSGSCLGGDEIFLLCDKVQKEDIEVYFTGPGWEARGSFSQADVHRQVAIVFRTPPYA
DPSLQAPVRVSMQLRRPSDRELSEPMEFQYLPD
;
A,C,E,G
2 'polypeptide(L)'
;GPYLQILEQPKQRGFRFRYVCEGPSHGGLPGASSEKNKKSYPQVKICNYVGPAKVIVQLVTNGKNIHLHAHSLVGKHCED
GVCTVTAGPKDMVVGFANLGILHVTKKKVFETLEARMTEACIRGYNPGLLVHSDLAYLQAEGGGDRQLTDREKEIIRQAA
VQQTKEMDLSVVRLMFTAFLPDSTGSFTRRLEPVVSDAIYDSKAPNASNLKIVRMDRTAGCVTGGEEIYLLCDKVQKDDI
QIRFYEEEENGGVWEGFGDFSPTDVHRQFAIVFKTPKYKDVNITKPASVFVQLRRKSDLETSEPKPFLYYPE
;
B,D,F,H
3 'polydeoxyribonucleotide'
;(DA)(DG)(DG)(DG)(DA)(DC)(DT)(DT)(DT)(DC)(DC)(DG)(DC)(DT)(DG)(DG)(DG)(DG)(DA)(DC)
(DT)(DT)(DT)(DC)(DC)(DA)
;
X,I
4 'polydeoxyribonucleotide'
;(DT)(DT)(DG)(DG)(DA)(DA)(DA)(DG)(DT)(DC)(DC)(DC)(DC)(DA)(DG)(DC)(DG)(DG)(DA)(DA)
(DA)(DG)(DT)(DC)(DC)(DC)
;
Y,J
#
loop_
_chem_comp.id
_chem_comp.type
_chem_comp.name
_chem_comp.formula
DA DNA linking 2'-DEOXYADENOSINE-5'-MONOPHOSPHATE 'C10 H14 N5 O6 P'
DC DNA linking 2'-DEOXYCYTIDINE-5'-MONOPHOSPHATE 'C9 H14 N3 O7 P'
DG DNA linking 2'-DEOXYGUANOSINE-5'-MONOPHOSPHATE 'C10 H14 N5 O7 P'
DT DNA linking THYMIDINE-5'-MONOPHOSPHATE 'C10 H15 N2 O8 P'
#
# COMPACT_ATOMS: atom_id res chain seq x y z
N ALA A 1 -73.00 9.30 2.98
CA ALA A 1 -71.56 9.32 3.41
C ALA A 1 -71.38 10.05 4.75
N TYR A 2 -71.00 9.30 5.79
CA TYR A 2 -70.77 9.90 7.10
C TYR A 2 -69.46 9.38 7.73
N VAL A 3 -69.13 9.86 8.92
CA VAL A 3 -67.91 9.44 9.62
C VAL A 3 -68.24 8.90 11.02
N GLU A 4 -67.57 7.83 11.42
CA GLU A 4 -67.78 7.20 12.73
C GLU A 4 -66.43 6.69 13.26
N ILE A 5 -66.19 6.86 14.56
CA ILE A 5 -64.94 6.44 15.20
C ILE A 5 -64.88 4.94 15.53
N ILE A 6 -64.20 4.16 14.68
CA ILE A 6 -64.04 2.72 14.91
C ILE A 6 -63.38 2.54 16.27
N GLU A 7 -62.25 3.22 16.44
CA GLU A 7 -61.45 3.18 17.67
C GLU A 7 -61.31 4.56 18.29
N GLN A 8 -61.72 4.68 19.56
CA GLN A 8 -61.63 5.95 20.26
C GLN A 8 -60.25 6.09 20.93
N PRO A 9 -59.76 7.34 21.04
CA PRO A 9 -58.46 7.65 21.66
C PRO A 9 -58.57 7.41 23.16
N LYS A 10 -57.52 6.91 23.81
CA LYS A 10 -57.60 6.66 25.25
C LYS A 10 -57.93 7.99 25.93
N GLN A 11 -58.72 7.94 26.99
CA GLN A 11 -59.10 9.18 27.64
C GLN A 11 -58.15 9.65 28.69
N ARG A 12 -57.61 8.73 29.47
CA ARG A 12 -56.67 9.11 30.49
C ARG A 12 -55.37 8.36 30.29
N GLY A 13 -54.33 8.81 30.98
CA GLY A 13 -53.03 8.19 30.86
C GLY A 13 -52.01 9.13 30.23
N MET A 14 -52.38 9.72 29.10
CA MET A 14 -51.50 10.61 28.36
C MET A 14 -51.52 12.09 28.68
N ARG A 15 -50.39 12.60 29.15
CA ARG A 15 -50.23 14.01 29.52
C ARG A 15 -49.79 14.97 28.39
N PHE A 16 -50.55 16.06 28.23
CA PHE A 16 -50.28 17.08 27.23
C PHE A 16 -48.93 17.60 27.56
N ARG A 17 -48.10 17.80 26.55
CA ARG A 17 -46.77 18.28 26.83
C ARG A 17 -46.64 19.73 26.40
N TYR A 18 -45.95 20.52 27.21
CA TYR A 18 -45.78 21.94 26.95
C TYR A 18 -44.87 22.22 25.76
N LYS A 19 -44.99 23.42 25.20
CA LYS A 19 -44.16 23.76 24.04
C LYS A 19 -42.72 23.66 24.47
N CYS A 20 -42.44 24.10 25.69
CA CYS A 20 -41.08 24.05 26.19
C CYS A 20 -40.54 22.64 26.24
N GLU A 21 -41.41 21.68 26.46
CA GLU A 21 -40.98 20.28 26.52
C GLU A 21 -40.57 19.73 25.17
N GLY A 22 -39.36 19.17 25.12
CA GLY A 22 -38.87 18.62 23.88
C GLY A 22 -39.24 19.46 22.67
N ARG A 23 -39.29 18.81 21.51
CA ARG A 23 -39.63 19.46 20.24
C ARG A 23 -40.96 18.87 19.74
N SER A 24 -41.20 17.63 20.17
CA SER A 24 -42.40 16.87 19.84
C SER A 24 -42.85 16.07 21.04
N ALA A 25 -44.15 15.91 21.13
CA ALA A 25 -44.77 15.18 22.21
C ALA A 25 -45.02 13.78 21.71
N GLY A 26 -45.10 12.83 22.63
CA GLY A 26 -45.37 11.46 22.27
C GLY A 26 -46.64 11.46 21.43
N SER A 27 -47.13 10.30 21.07
CA SER A 27 -48.34 10.24 20.28
C SER A 27 -49.47 9.56 21.02
N ILE A 28 -50.66 10.15 20.89
CA ILE A 28 -51.86 9.64 21.53
C ILE A 28 -51.99 8.18 21.23
N PRO A 29 -52.04 7.35 22.28
CA PRO A 29 -52.17 5.90 22.15
C PRO A 29 -53.67 5.70 21.89
N GLY A 30 -54.07 4.49 21.53
CA GLY A 30 -55.47 4.23 21.26
C GLY A 30 -56.14 3.67 22.50
N GLU A 31 -57.47 3.67 22.54
CA GLU A 31 -58.16 3.20 23.72
C GLU A 31 -57.87 1.76 24.07
N ARG A 32 -57.89 0.94 23.03
CA ARG A 32 -57.66 -0.49 23.12
C ARG A 32 -56.31 -0.91 23.73
N SER A 33 -55.23 -0.27 23.25
CA SER A 33 -53.86 -0.59 23.67
C SER A 33 -53.61 -0.84 25.13
N THR A 34 -52.59 -1.68 25.35
CA THR A 34 -52.10 -2.06 26.66
C THR A 34 -50.72 -2.68 26.45
N ASP A 35 -50.24 -3.33 27.50
CA ASP A 35 -48.96 -4.01 27.56
C ASP A 35 -48.70 -4.89 26.34
N THR A 36 -49.65 -5.77 26.11
CA THR A 36 -49.57 -6.75 25.04
C THR A 36 -50.06 -6.32 23.64
N THR A 37 -50.81 -5.22 23.50
CA THR A 37 -51.32 -4.88 22.15
C THR A 37 -51.16 -3.47 21.53
N LYS A 38 -51.29 -3.48 20.20
CA LYS A 38 -51.19 -2.31 19.33
C LYS A 38 -52.54 -1.60 19.27
N THR A 39 -52.52 -0.27 19.32
CA THR A 39 -53.75 0.49 19.30
C THR A 39 -53.80 1.70 18.39
N HIS A 40 -54.84 1.77 17.60
CA HIS A 40 -55.00 2.87 16.67
C HIS A 40 -56.29 3.64 16.86
N PRO A 41 -56.18 4.96 17.03
CA PRO A 41 -57.38 5.78 17.20
C PRO A 41 -57.88 6.12 15.78
N THR A 42 -58.61 5.19 15.18
CA THR A 42 -59.13 5.28 13.80
C THR A 42 -60.55 5.89 13.60
N ILE A 43 -60.94 6.10 12.34
CA ILE A 43 -62.27 6.60 11.95
C ILE A 43 -62.74 5.81 10.71
N LYS A 44 -64.05 5.77 10.45
CA LYS A 44 -64.58 5.01 9.32
C LYS A 44 -65.52 5.84 8.43
N ILE A 45 -65.26 5.83 7.12
CA ILE A 45 -66.10 6.58 6.18
C ILE A 45 -67.17 5.66 5.57
N ASN A 46 -68.44 5.91 5.89
CA ASN A 46 -69.53 5.08 5.35
C ASN A 46 -70.23 5.73 4.15
N GLY A 47 -70.17 5.04 3.02
CA GLY A 47 -70.79 5.56 1.81
C GLY A 47 -69.79 6.37 1.00
N TYR A 48 -68.51 5.97 1.02
CA TYR A 48 -67.45 6.65 0.26
C TYR A 48 -66.00 6.16 0.48
N THR A 49 -65.37 5.78 -0.63
CA THR A 49 -63.98 5.33 -0.69
C THR A 49 -63.40 5.95 -1.95
N GLY A 50 -62.50 6.91 -1.78
CA GLY A 50 -61.92 7.56 -2.93
C GLY A 50 -61.27 8.85 -2.50
N PRO A 51 -60.98 9.75 -3.45
CA PRO A 51 -60.36 11.05 -3.17
C PRO A 51 -61.07 11.84 -2.07
N GLY A 52 -60.28 12.32 -1.11
CA GLY A 52 -60.82 13.09 -0.01
C GLY A 52 -59.74 13.60 0.93
N THR A 53 -60.07 14.60 1.73
CA THR A 53 -59.10 15.15 2.69
C THR A 53 -59.67 15.07 4.11
N VAL A 54 -58.77 15.10 5.10
CA VAL A 54 -59.16 15.03 6.51
C VAL A 54 -58.38 16.03 7.37
N ARG A 55 -59.12 16.75 8.21
CA ARG A 55 -58.52 17.74 9.12
C ARG A 55 -58.91 17.38 10.56
N ILE A 56 -57.93 17.07 11.40
CA ILE A 56 -58.23 16.75 12.80
C ILE A 56 -58.02 18.02 13.62
N SER A 57 -59.09 18.46 14.29
CA SER A 57 -59.02 19.68 15.08
C SER A 57 -59.30 19.42 16.57
N LEU A 58 -58.96 20.41 17.40
CA LEU A 58 -59.15 20.36 18.85
C LEU A 58 -60.34 21.22 19.30
N VAL A 59 -61.37 20.58 19.86
CA VAL A 59 -62.56 21.29 20.30
C VAL A 59 -62.79 21.07 21.79
N THR A 60 -63.45 22.04 22.46
CA THR A 60 -63.68 21.91 23.90
C THR A 60 -64.43 20.64 24.22
N LYS A 61 -64.58 20.39 25.52
CA LYS A 61 -65.24 19.19 26.02
C LYS A 61 -66.76 19.30 25.95
N ASP A 62 -67.30 20.17 26.79
CA ASP A 62 -68.73 20.35 26.88
C ASP A 62 -69.36 21.08 25.69
N PRO A 63 -70.67 20.85 25.46
CA PRO A 63 -71.56 21.38 24.41
C PRO A 63 -71.15 22.52 23.43
N PRO A 64 -70.90 23.77 23.89
CA PRO A 64 -70.51 24.81 22.92
C PRO A 64 -69.10 24.54 22.40
N HIS A 65 -68.92 23.48 21.61
CA HIS A 65 -67.60 23.09 21.10
C HIS A 65 -66.83 24.17 20.37
N ARG A 66 -66.38 25.14 21.15
CA ARG A 66 -65.58 26.25 20.64
C ARG A 66 -64.22 25.57 20.41
N PRO A 67 -63.46 26.00 19.38
CA PRO A 67 -62.16 25.36 19.14
C PRO A 67 -61.25 25.46 20.39
N HIS A 68 -60.38 24.47 20.62
CA HIS A 68 -59.50 24.46 21.81
C HIS A 68 -58.19 25.26 21.68
N PRO A 69 -57.80 26.01 22.73
CA PRO A 69 -56.57 26.80 22.69
C PRO A 69 -55.37 25.91 22.43
N HIS A 70 -55.43 24.69 23.00
CA HIS A 70 -54.35 23.70 22.85
C HIS A 70 -54.10 23.36 21.41
N GLU A 71 -52.94 22.80 21.14
CA GLU A 71 -52.60 22.49 19.77
C GLU A 71 -52.45 21.01 19.48
N LEU A 72 -52.54 20.69 18.20
CA LEU A 72 -52.40 19.33 17.74
C LEU A 72 -51.11 19.34 16.93
N VAL A 73 -50.07 18.77 17.52
CA VAL A 73 -48.75 18.72 16.91
C VAL A 73 -48.25 17.32 16.57
N GLY A 74 -47.47 17.26 15.49
CA GLY A 74 -46.93 16.01 15.01
C GLY A 74 -47.02 16.00 13.51
N LYS A 75 -46.92 14.83 12.91
CA LYS A 75 -46.98 14.68 11.46
C LYS A 75 -48.24 15.27 10.80
N ASP A 76 -48.04 16.00 9.71
CA ASP A 76 -49.11 16.62 8.94
C ASP A 76 -49.93 17.70 9.64
N CYS A 77 -49.40 18.24 10.74
CA CYS A 77 -50.13 19.28 11.44
C CYS A 77 -49.57 20.67 11.19
N ARG A 78 -50.21 21.66 11.80
CA ARG A 78 -49.82 23.05 11.68
C ARG A 78 -50.99 23.82 12.24
N ASP A 79 -50.74 25.05 12.68
CA ASP A 79 -51.78 25.90 13.25
C ASP A 79 -52.62 25.15 14.29
N GLY A 80 -52.03 24.11 14.88
CA GLY A 80 -52.70 23.32 15.90
C GLY A 80 -53.71 22.31 15.39
N TYR A 81 -53.56 21.91 14.13
CA TYR A 81 -54.49 20.95 13.56
C TYR A 81 -53.86 19.99 12.58
N TYR A 82 -54.44 18.80 12.53
CA TYR A 82 -53.98 17.76 11.65
C TYR A 82 -54.75 17.86 10.35
N GLU A 83 -54.06 17.64 9.23
CA GLU A 83 -54.70 17.69 7.92
C GLU A 83 -53.82 17.06 6.85
N ALA A 84 -54.43 16.20 6.04
CA ALA A 84 -53.71 15.52 4.98
C ALA A 84 -54.69 14.97 3.96
N ASP A 85 -54.25 13.98 3.20
CA ASP A 85 -55.09 13.37 2.19
C ASP A 85 -55.53 11.94 2.52
N LEU A 86 -56.85 11.75 2.54
CA LEU A 86 -57.44 10.45 2.81
C LEU A 86 -56.85 9.50 1.81
N CYS A 87 -56.77 8.23 2.17
CA CYS A 87 -56.30 7.23 1.25
C CYS A 87 -57.53 7.03 0.35
N PRO A 88 -57.40 7.24 -0.99
CA PRO A 88 -58.53 7.09 -1.93
C PRO A 88 -59.13 5.68 -2.11
N ASP A 89 -58.30 4.65 -1.96
CA ASP A 89 -58.76 3.28 -2.12
C ASP A 89 -58.94 2.54 -0.80
N ARG A 90 -59.34 3.26 0.24
CA ARG A 90 -59.56 2.69 1.57
C ARG A 90 -60.66 3.50 2.27
N SER A 91 -61.34 2.90 3.24
CA SER A 91 -62.41 3.60 3.96
C SER A 91 -62.12 3.68 5.46
N ILE A 92 -61.02 3.05 5.88
CA ILE A 92 -60.59 3.04 7.29
C ILE A 92 -59.23 3.75 7.47
N HIS A 93 -59.20 4.78 8.32
CA HIS A 93 -57.98 5.55 8.54
C HIS A 93 -57.61 5.76 10.03
N SER A 94 -56.46 5.24 10.45
CA SER A 94 -56.02 5.44 11.83
C SER A 94 -54.93 6.53 11.83
N PHE A 95 -54.84 7.29 12.91
CA PHE A 95 -53.85 8.36 13.05
C PHE A 95 -52.91 8.04 14.24
N GLN A 96 -51.70 7.60 13.94
CA GLN A 96 -50.76 7.20 14.99
C GLN A 96 -49.67 8.23 15.36
N ASN A 97 -49.84 9.48 14.97
CA ASN A 97 -48.83 10.49 15.30
C ASN A 97 -49.47 11.74 15.83
N LEU A 98 -50.53 11.59 16.59
CA LEU A 98 -51.20 12.76 17.14
C LEU A 98 -50.73 13.00 18.56
N GLY A 99 -50.27 14.21 18.82
CA GLY A 99 -49.83 14.54 20.15
C GLY A 99 -50.59 15.78 20.59
N ILE A 100 -50.59 16.07 21.88
CA ILE A 100 -51.27 17.26 22.35
C ILE A 100 -50.27 18.17 23.04
N GLN A 101 -50.33 19.44 22.66
CA GLN A 101 -49.43 20.45 23.20
C GLN A 101 -50.24 21.61 23.80
N CYS A 102 -50.41 21.57 25.11
CA CYS A 102 -51.19 22.59 25.78
C CYS A 102 -50.54 23.96 25.80
N VAL A 103 -51.35 24.98 26.05
CA VAL A 103 -50.88 26.35 26.12
C VAL A 103 -50.93 26.75 27.55
N LYS A 104 -50.22 27.81 27.86
CA LYS A 104 -50.19 28.34 29.21
C LYS A 104 -51.42 29.22 29.43
N LYS A 105 -51.94 29.19 30.66
CA LYS A 105 -53.10 29.99 31.03
C LYS A 105 -52.79 31.45 30.74
N ARG A 106 -51.50 31.74 30.56
CA ARG A 106 -51.03 33.09 30.27
C ARG A 106 -51.10 33.43 28.78
N ASP A 107 -50.72 32.48 27.92
CA ASP A 107 -50.78 32.70 26.49
C ASP A 107 -52.09 32.08 26.02
N LEU A 108 -53.15 32.33 26.77
CA LEU A 108 -54.46 31.79 26.43
C LEU A 108 -55.12 32.58 25.31
N GLU A 109 -55.21 33.89 25.51
CA GLU A 109 -55.83 34.79 24.55
C GLU A 109 -55.17 34.74 23.16
N GLN A 110 -53.85 34.62 23.14
CA GLN A 110 -53.09 34.57 21.89
C GLN A 110 -53.29 33.26 21.12
N ALA A 111 -53.69 32.20 21.83
CA ALA A 111 -53.92 30.90 21.19
C ALA A 111 -55.28 30.92 20.56
N ILE A 112 -56.24 31.53 21.26
CA ILE A 112 -57.61 31.64 20.79
C ILE A 112 -57.67 32.48 19.53
N SER A 113 -56.84 33.52 19.48
CA SER A 113 -56.78 34.39 18.32
C SER A 113 -56.21 33.66 17.10
N GLN A 114 -55.44 32.59 17.32
CA GLN A 114 -54.89 31.85 16.19
C GLN A 114 -55.87 30.84 15.61
N ARG A 115 -56.90 30.49 16.38
CA ARG A 115 -57.93 29.56 15.91
C ARG A 115 -58.82 30.37 14.96
N ILE A 116 -59.06 31.62 15.34
CA ILE A 116 -59.87 32.57 14.60
C ILE A 116 -59.22 32.97 13.27
N GLN A 117 -57.98 33.46 13.35
CA GLN A 117 -57.23 33.88 12.18
C GLN A 117 -56.90 32.75 11.20
N THR A 118 -56.85 31.51 11.68
CA THR A 118 -56.57 30.37 10.82
C THR A 118 -57.84 29.64 10.44
N ASN A 119 -58.98 30.22 10.78
CA ASN A 119 -60.28 29.62 10.49
C ASN A 119 -60.29 28.16 10.96
N ASN A 120 -60.42 28.01 12.28
CA ASN A 120 -60.46 26.72 12.93
C ASN A 120 -61.62 26.76 13.93
N ASN A 121 -62.82 26.51 13.40
CA ASN A 121 -64.07 26.53 14.15
C ASN A 121 -65.06 25.67 13.35
N PRO A 122 -64.96 24.33 13.47
CA PRO A 122 -65.79 23.33 12.79
C PRO A 122 -67.31 23.43 13.02
N PHE A 123 -67.69 23.77 14.26
CA PHE A 123 -69.09 23.93 14.65
C PHE A 123 -69.47 25.42 14.67
N HIS A 124 -68.70 26.21 13.90
CA HIS A 124 -68.85 27.67 13.75
C HIS A 124 -69.39 28.41 14.98
N VAL A 125 -68.98 28.00 16.18
CA VAL A 125 -69.44 28.67 17.40
C VAL A 125 -69.13 30.15 17.18
N PRO A 126 -70.15 31.01 17.36
CA PRO A 126 -70.11 32.47 17.20
C PRO A 126 -69.02 33.26 17.97
N ILE A 127 -68.58 34.42 17.44
CA ILE A 127 -67.55 35.25 18.11
C ILE A 127 -68.07 35.66 19.48
N GLU A 128 -69.41 35.75 19.59
CA GLU A 128 -70.11 36.13 20.83
C GLU A 128 -70.25 34.95 21.80
N GLU A 129 -70.61 33.79 21.28
CA GLU A 129 -70.77 32.55 22.07
C GLU A 129 -69.41 31.88 22.33
N GLN A 130 -68.34 32.58 21.94
CA GLN A 130 -66.96 32.10 22.11
C GLN A 130 -66.36 32.49 23.46
N ARG A 131 -66.98 33.46 24.12
CA ARG A 131 -66.53 33.96 25.41
C ARG A 131 -66.74 33.01 26.58
N GLY A 132 -65.73 32.95 27.45
CA GLY A 132 -65.80 32.09 28.62
C GLY A 132 -64.53 31.30 28.92
N ASP A 133 -64.50 30.70 30.10
CA ASP A 133 -63.38 29.89 30.55
C ASP A 133 -63.29 28.55 29.81
N TYR A 134 -62.06 28.14 29.50
CA TYR A 134 -61.79 26.89 28.78
C TYR A 134 -61.22 25.82 29.71
N ASP A 135 -61.74 24.60 29.62
CA ASP A 135 -61.21 23.53 30.45
C ASP A 135 -59.92 23.06 29.81
N LEU A 136 -58.78 23.50 30.35
CA LEU A 136 -57.49 23.12 29.77
C LEU A 136 -57.01 21.70 30.06
N ASN A 137 -57.74 20.94 30.86
CA ASN A 137 -57.31 19.57 31.18
C ASN A 137 -58.10 18.54 30.38
N ALA A 138 -58.89 19.03 29.43
CA ALA A 138 -59.73 18.16 28.59
C ALA A 138 -60.02 18.77 27.21
N VAL A 139 -59.98 17.94 26.17
CA VAL A 139 -60.28 18.41 24.81
C VAL A 139 -61.05 17.34 24.03
N ARG A 140 -61.34 17.64 22.76
CA ARG A 140 -62.06 16.71 21.87
C ARG A 140 -61.55 16.74 20.42
N LEU A 141 -61.10 15.60 19.92
CA LEU A 141 -60.62 15.54 18.55
C LEU A 141 -61.85 15.82 17.73
N CYS A 142 -61.71 16.62 16.68
CA CYS A 142 -62.86 16.94 15.82
C CYS A 142 -62.56 16.63 14.35
N PHE A 143 -62.78 15.38 13.94
CA PHE A 143 -62.53 15.00 12.56
C PHE A 143 -63.48 15.74 11.62
N GLN A 144 -62.92 16.35 10.58
CA GLN A 144 -63.71 17.06 9.57
C GLN A 144 -63.25 16.50 8.23
N VAL A 145 -63.97 15.49 7.75
CA VAL A 145 -63.64 14.81 6.49
C VAL A 145 -64.29 15.54 5.31
N THR A 146 -63.61 15.54 4.16
CA THR A 146 -64.13 16.18 2.96
C THR A 146 -63.96 15.23 1.77
N VAL A 147 -65.06 14.57 1.40
CA VAL A 147 -65.09 13.64 0.27
C VAL A 147 -65.74 14.40 -0.90
N ARG A 148 -66.21 13.69 -1.91
CA ARG A 148 -66.87 14.33 -3.03
C ARG A 148 -68.24 13.67 -3.24
N ASP A 149 -69.27 14.45 -3.55
CA ASP A 149 -70.61 13.87 -3.80
C ASP A 149 -70.54 12.95 -5.02
N PRO A 150 -71.56 12.08 -5.23
CA PRO A 150 -71.51 11.18 -6.40
C PRO A 150 -71.17 12.02 -7.63
N ALA A 151 -71.53 13.29 -7.51
CA ALA A 151 -71.35 14.35 -8.50
C ALA A 151 -69.89 14.61 -8.98
N GLY A 152 -68.97 14.93 -8.06
CA GLY A 152 -67.58 15.19 -8.45
C GLY A 152 -66.93 16.33 -7.68
N ARG A 153 -67.75 17.32 -7.33
CA ARG A 153 -67.36 18.55 -6.59
C ARG A 153 -67.20 18.24 -5.07
N PRO A 154 -66.08 18.67 -4.43
CA PRO A 154 -65.87 18.41 -2.99
C PRO A 154 -67.10 18.53 -2.09
N LEU A 155 -67.24 17.56 -1.18
CA LEU A 155 -68.36 17.49 -0.23
C LEU A 155 -67.85 17.35 1.20
N LEU A 156 -68.07 18.38 2.03
CA LEU A 156 -67.64 18.34 3.42
C LEU A 156 -68.69 17.59 4.25
N LEU A 157 -68.26 16.53 4.91
CA LEU A 157 -69.15 15.73 5.74
C LEU A 157 -69.31 16.44 7.10
N THR A 158 -70.12 15.85 7.98
CA THR A 158 -70.41 16.41 9.31
C THR A 158 -69.27 16.18 10.31
N PRO A 159 -68.94 17.19 11.16
CA PRO A 159 -67.88 17.05 12.15
C PRO A 159 -68.28 16.04 13.25
N VAL A 160 -67.45 15.01 13.43
CA VAL A 160 -67.70 13.95 14.41
C VAL A 160 -66.69 13.99 15.58
N LEU A 161 -67.22 14.05 16.82
CA LEU A 161 -66.38 14.10 18.02
C LEU A 161 -66.06 12.73 18.65
N SER A 162 -64.99 12.71 19.43
CA SER A 162 -64.54 11.51 20.14
C SER A 162 -64.78 11.85 21.59
N HIS A 163 -64.87 10.86 22.46
CA HIS A 163 -65.03 11.20 23.85
C HIS A 163 -63.81 12.06 24.20
N PRO A 164 -63.89 12.87 25.26
CA PRO A 164 -62.79 13.74 25.67
C PRO A 164 -61.53 13.04 26.14
N ILE A 165 -60.44 13.77 26.01
CA ILE A 165 -59.15 13.27 26.42
C ILE A 165 -58.81 14.14 27.62
N PHE A 166 -58.21 13.55 28.66
CA PHE A 166 -57.86 14.30 29.86
C PHE A 166 -56.40 14.33 30.20
N ASP A 167 -55.96 15.49 30.65
CA ASP A 167 -54.58 15.63 31.00
C ASP A 167 -54.34 14.85 32.26
N ASN A 168 -53.41 13.92 32.17
CA ASN A 168 -53.04 13.08 33.28
C ASN A 168 -52.31 14.04 34.20
N ARG A 169 -52.81 15.27 34.29
CA ARG A 169 -52.19 16.25 35.16
C ARG A 169 -52.96 16.45 36.45
N ALA A 170 -54.22 16.88 36.36
CA ALA A 170 -55.00 17.10 37.56
C ALA A 170 -55.52 15.78 38.18
N PRO A 171 -54.93 15.35 39.33
CA PRO A 171 -55.20 14.14 40.14
C PRO A 171 -56.64 13.77 40.45
N ASN A 172 -57.56 14.71 40.23
CA ASN A 172 -58.99 14.48 40.50
C ASN A 172 -59.56 13.51 39.49
N THR A 173 -58.70 13.12 38.55
CA THR A 173 -59.08 12.25 37.47
C THR A 173 -58.08 11.13 37.14
N ALA A 174 -56.82 11.31 37.51
CA ALA A 174 -55.79 10.33 37.24
C ALA A 174 -56.17 8.86 37.39
N GLU A 175 -55.24 8.02 36.97
CA GLU A 175 -55.43 6.59 36.99
C GLU A 175 -55.01 5.99 38.32
N LEU A 176 -55.83 5.07 38.83
CA LEU A 176 -55.59 4.44 40.11
C LEU A 176 -54.61 3.27 40.12
N LYS A 177 -53.57 3.37 40.93
CA LYS A 177 -52.58 2.30 41.02
C LYS A 177 -52.07 2.00 42.41
N ILE A 178 -52.02 0.72 42.77
CA ILE A 178 -51.49 0.35 44.07
C ILE A 178 -50.07 -0.04 43.82
N CYS A 179 -49.11 0.54 44.52
CA CYS A 179 -47.72 0.17 44.25
C CYS A 179 -47.17 -0.87 45.20
N ARG A 180 -47.18 -0.60 46.48
CA ARG A 180 -46.67 -1.57 47.45
C ARG A 180 -47.59 -1.75 48.61
N VAL A 181 -47.47 -2.88 49.28
CA VAL A 181 -48.32 -3.18 50.42
C VAL A 181 -47.52 -3.98 51.42
N ASN A 182 -47.34 -3.44 52.61
CA ASN A 182 -46.57 -4.11 53.62
C ASN A 182 -47.29 -5.31 54.21
N ARG A 183 -48.21 -5.91 53.46
CA ARG A 183 -48.94 -7.05 53.96
C ARG A 183 -50.14 -7.36 53.07
N ASN A 184 -50.38 -8.62 52.74
CA ASN A 184 -51.53 -8.99 51.89
C ASN A 184 -52.19 -10.20 52.52
N SER A 185 -52.05 -10.29 53.83
CA SER A 185 -52.59 -11.40 54.59
C SER A 185 -52.91 -10.97 56.00
N GLY A 186 -54.05 -11.40 56.52
CA GLY A 186 -54.43 -11.03 57.89
C GLY A 186 -55.63 -11.78 58.43
N SER A 187 -55.93 -11.55 59.72
CA SER A 187 -57.06 -12.21 60.36
C SER A 187 -58.42 -11.96 59.70
N CYS A 188 -59.32 -12.94 59.84
CA CYS A 188 -60.67 -12.86 59.29
C CYS A 188 -61.46 -11.84 60.08
N LEU A 189 -61.12 -11.73 61.37
CA LEU A 189 -61.78 -10.79 62.27
C LEU A 189 -61.42 -9.36 61.89
N GLY A 190 -60.52 -9.23 60.92
CA GLY A 190 -60.10 -7.91 60.46
C GLY A 190 -59.28 -7.14 61.48
N GLY A 191 -59.23 -5.82 61.28
CA GLY A 191 -58.50 -4.93 62.16
C GLY A 191 -57.00 -4.90 61.99
N ASP A 192 -56.50 -5.37 60.86
CA ASP A 192 -55.06 -5.39 60.65
C ASP A 192 -54.50 -4.11 60.03
N GLU A 193 -53.33 -3.68 60.49
CA GLU A 193 -52.69 -2.45 59.99
C GLU A 193 -51.92 -2.67 58.70
N ILE A 194 -52.24 -1.83 57.71
CA ILE A 194 -51.60 -1.92 56.43
C ILE A 194 -51.15 -0.58 55.86
N PHE A 195 -49.90 -0.56 55.38
CA PHE A 195 -49.37 0.63 54.74
C PHE A 195 -49.49 0.28 53.25
N LEU A 196 -49.82 1.25 52.42
CA LEU A 196 -49.98 1.00 51.01
C LEU A 196 -49.59 2.25 50.25
N LEU A 197 -48.52 2.17 49.47
CA LEU A 197 -48.05 3.31 48.69
C LEU A 197 -48.72 3.23 47.33
N CYS A 198 -49.24 4.35 46.86
CA CYS A 198 -49.97 4.35 45.60
C CYS A 198 -49.75 5.62 44.81
N ASP A 199 -50.45 5.73 43.69
CA ASP A 199 -50.33 6.91 42.87
C ASP A 199 -51.22 7.99 43.44
N LYS A 200 -50.86 9.25 43.20
CA LYS A 200 -51.60 10.40 43.72
C LYS A 200 -53.11 10.24 43.77
N VAL A 201 -53.68 10.36 44.97
CA VAL A 201 -55.13 10.29 45.16
C VAL A 201 -55.49 11.51 46.01
N GLN A 202 -56.78 11.81 46.11
CA GLN A 202 -57.28 12.93 46.92
C GLN A 202 -57.78 12.23 48.18
N LYS A 203 -57.50 12.78 49.36
CA LYS A 203 -57.93 12.11 50.58
C LYS A 203 -59.44 12.04 50.83
N GLU A 204 -60.17 13.00 50.28
CA GLU A 204 -61.62 13.08 50.45
C GLU A 204 -62.36 12.24 49.44
N ASP A 205 -61.66 11.73 48.44
CA ASP A 205 -62.29 10.93 47.40
C ASP A 205 -61.44 9.69 47.12
N ILE A 206 -61.32 8.81 48.10
CA ILE A 206 -60.55 7.59 47.96
C ILE A 206 -60.94 6.60 49.07
N GLU A 207 -60.75 5.30 48.85
CA GLU A 207 -61.11 4.29 49.85
C GLU A 207 -60.69 2.90 49.42
N VAL A 208 -60.31 2.06 50.38
CA VAL A 208 -59.87 0.71 50.05
C VAL A 208 -61.04 -0.29 49.90
N TYR A 209 -61.29 -0.71 48.66
CA TYR A 209 -62.39 -1.63 48.32
C TYR A 209 -62.07 -3.14 48.28
N PHE A 210 -62.41 -3.84 49.36
CA PHE A 210 -62.20 -5.28 49.45
C PHE A 210 -63.35 -6.06 48.82
N THR A 211 -63.21 -6.49 47.57
CA THR A 211 -64.29 -7.25 46.96
C THR A 211 -64.03 -8.77 47.04
N GLY A 212 -65.12 -9.51 47.20
CA GLY A 212 -65.07 -10.96 47.29
C GLY A 212 -66.27 -11.60 46.59
N PRO A 213 -66.46 -12.93 46.75
CA PRO A 213 -67.61 -13.51 46.08
C PRO A 213 -68.93 -13.17 46.79
N GLY A 214 -69.67 -12.18 46.27
CA GLY A 214 -70.94 -11.79 46.85
C GLY A 214 -70.78 -11.14 48.21
N TRP A 215 -69.55 -10.72 48.48
CA TRP A 215 -69.17 -10.06 49.73
C TRP A 215 -68.59 -8.71 49.33
N GLU A 216 -68.46 -7.81 50.29
CA GLU A 216 -67.94 -6.50 49.95
C GLU A 216 -67.81 -5.68 51.23
N ALA A 217 -66.60 -5.14 51.44
CA ALA A 217 -66.28 -4.31 52.61
C ALA A 217 -65.32 -3.17 52.24
N ARG A 218 -64.90 -2.44 53.25
CA ARG A 218 -63.99 -1.34 53.06
C ARG A 218 -63.00 -1.28 54.21
N GLY A 219 -61.83 -0.70 53.94
CA GLY A 219 -60.82 -0.61 54.98
C GLY A 219 -61.10 0.59 55.84
N SER A 220 -60.70 0.49 57.09
CA SER A 220 -60.94 1.60 57.99
C SER A 220 -59.78 2.56 58.09
N PHE A 221 -60.04 3.82 57.80
CA PHE A 221 -59.00 4.82 57.87
C PHE A 221 -59.48 6.26 57.73
N SER A 222 -58.75 7.16 58.41
CA SER A 222 -59.03 8.60 58.44
C SER A 222 -58.47 9.35 57.28
N GLN A 223 -59.12 10.44 56.92
CA GLN A 223 -58.65 11.25 55.82
C GLN A 223 -57.22 11.62 56.15
N ALA A 224 -56.91 11.55 57.44
CA ALA A 224 -55.58 11.92 57.90
C ALA A 224 -54.55 10.85 57.73
N ASP A 225 -54.97 9.61 57.53
CA ASP A 225 -53.99 8.53 57.37
C ASP A 225 -53.53 8.47 55.93
N VAL A 226 -54.06 9.40 55.14
CA VAL A 226 -53.68 9.51 53.75
C VAL A 226 -52.48 10.42 53.79
N HIS A 227 -51.31 9.82 53.63
CA HIS A 227 -50.04 10.54 53.66
C HIS A 227 -49.66 11.06 52.28
N ARG A 228 -49.36 12.35 52.25
CA ARG A 228 -49.01 13.08 51.04
C ARG A 228 -49.60 12.64 49.71
N GLN A 229 -50.81 12.11 49.74
CA GLN A 229 -51.51 11.67 48.54
C GLN A 229 -50.86 10.48 47.93
N VAL A 230 -49.88 9.87 48.61
CA VAL A 230 -49.21 8.71 48.01
C VAL A 230 -49.23 7.44 48.85
N ALA A 231 -49.56 7.59 50.12
CA ALA A 231 -49.66 6.45 51.01
C ALA A 231 -50.93 6.47 51.87
N ILE A 232 -51.45 5.29 52.13
CA ILE A 232 -52.64 5.10 52.92
C ILE A 232 -52.20 4.17 54.00
N VAL A 233 -52.59 4.43 55.24
CA VAL A 233 -52.24 3.51 56.30
C VAL A 233 -53.61 3.16 56.83
N PHE A 234 -54.08 1.93 56.60
CA PHE A 234 -55.41 1.55 57.04
C PHE A 234 -55.53 0.15 57.66
N ARG A 235 -56.73 -0.14 58.16
CA ARG A 235 -57.02 -1.43 58.77
C ARG A 235 -58.06 -2.22 57.94
N THR A 236 -57.88 -3.54 58.01
CA THR A 236 -58.66 -4.53 57.29
C THR A 236 -60.03 -4.89 57.81
N PRO A 237 -61.12 -4.51 57.10
CA PRO A 237 -62.44 -4.88 57.62
C PRO A 237 -62.51 -6.37 57.99
N PRO A 238 -63.52 -6.78 58.76
CA PRO A 238 -63.60 -8.20 59.12
C PRO A 238 -64.28 -8.94 57.96
N TYR A 239 -63.82 -10.16 57.68
CA TYR A 239 -64.37 -10.94 56.58
C TYR A 239 -65.80 -11.42 56.87
N ALA A 240 -66.55 -11.80 55.84
CA ALA A 240 -67.93 -12.28 56.03
C ALA A 240 -68.00 -13.44 57.03
N ASP A 241 -67.05 -14.37 56.94
CA ASP A 241 -67.01 -15.52 57.84
C ASP A 241 -65.99 -15.33 58.95
N PRO A 242 -66.47 -15.01 60.17
CA PRO A 242 -65.58 -14.81 61.32
C PRO A 242 -65.10 -16.12 62.00
N SER A 243 -65.43 -17.26 61.40
CA SER A 243 -65.04 -18.57 61.93
C SER A 243 -64.27 -19.37 60.89
N LEU A 244 -63.82 -18.69 59.86
CA LEU A 244 -63.05 -19.28 58.78
C LEU A 244 -62.16 -20.40 59.32
N GLN A 245 -62.16 -21.53 58.64
CA GLN A 245 -61.34 -22.65 59.06
C GLN A 245 -60.10 -22.72 58.19
N ALA A 246 -60.30 -22.46 56.90
CA ALA A 246 -59.22 -22.46 55.91
C ALA A 246 -59.09 -21.08 55.26
N PRO A 247 -57.87 -20.73 54.85
CA PRO A 247 -57.54 -19.46 54.19
C PRO A 247 -58.40 -19.16 52.96
N VAL A 248 -58.76 -17.89 52.75
CA VAL A 248 -59.58 -17.51 51.60
C VAL A 248 -59.03 -16.26 50.89
N ARG A 249 -58.81 -16.36 49.58
CA ARG A 249 -58.30 -15.25 48.79
C ARG A 249 -59.43 -14.25 48.55
N VAL A 250 -59.11 -12.96 48.57
CA VAL A 250 -60.12 -11.93 48.31
C VAL A 250 -59.50 -10.75 47.57
N SER A 251 -60.33 -10.06 46.78
CA SER A 251 -59.83 -8.93 46.02
C SER A 251 -59.86 -7.62 46.79
N MET A 252 -58.75 -6.90 46.70
CA MET A 252 -58.57 -5.62 47.39
C MET A 252 -58.09 -4.62 46.34
N GLN A 253 -58.69 -3.44 46.31
CA GLN A 253 -58.33 -2.42 45.31
C GLN A 253 -58.73 -0.99 45.67
N LEU A 254 -58.11 0.00 45.02
CA LEU A 254 -58.43 1.40 45.29
C LEU A 254 -59.74 1.81 44.60
N ARG A 255 -60.59 2.53 45.32
CA ARG A 255 -61.87 2.95 44.77
C ARG A 255 -62.22 4.42 44.97
N ARG A 256 -62.40 5.12 43.84
CA ARG A 256 -62.77 6.53 43.85
C ARG A 256 -64.29 6.64 43.77
N PRO A 257 -64.94 6.99 44.90
CA PRO A 257 -66.39 7.16 45.07
C PRO A 257 -67.05 8.06 44.04
N SER A 258 -66.45 9.22 43.80
CA SER A 258 -67.01 10.18 42.85
C SER A 258 -67.22 9.69 41.41
N ASP A 259 -66.75 8.48 41.08
CA ASP A 259 -66.99 7.90 39.75
C ASP A 259 -66.92 6.36 39.72
N ARG A 260 -66.82 5.74 40.90
CA ARG A 260 -66.79 4.28 41.08
C ARG A 260 -65.52 3.59 40.60
N GLU A 261 -64.68 4.35 39.90
CA GLU A 261 -63.40 3.86 39.38
C GLU A 261 -62.68 2.94 40.38
N LEU A 262 -62.05 1.89 39.89
CA LEU A 262 -61.33 0.93 40.74
C LEU A 262 -59.97 0.58 40.15
N SER A 263 -58.93 0.50 40.99
CA SER A 263 -57.59 0.13 40.51
C SER A 263 -57.51 -1.36 40.23
N GLU A 264 -56.37 -1.82 39.75
CA GLU A 264 -56.21 -3.24 39.46
C GLU A 264 -56.08 -4.00 40.79
N PRO A 265 -56.89 -5.04 40.98
CA PRO A 265 -56.88 -5.83 42.21
C PRO A 265 -55.57 -6.44 42.68
N MET A 266 -55.46 -6.58 43.99
CA MET A 266 -54.30 -7.17 44.64
C MET A 266 -54.84 -8.28 45.54
N GLU A 267 -54.29 -9.48 45.40
CA GLU A 267 -54.75 -10.61 46.19
C GLU A 267 -54.50 -10.44 47.67
N PHE A 268 -55.55 -10.63 48.44
CA PHE A 268 -55.47 -10.53 49.88
C PHE A 268 -56.02 -11.84 50.43
N GLN A 269 -55.32 -12.40 51.41
CA GLN A 269 -55.75 -13.67 51.98
C GLN A 269 -56.12 -13.66 53.45
N TYR A 270 -57.41 -13.56 53.74
CA TYR A 270 -57.90 -13.60 55.11
C TYR A 270 -57.44 -14.91 55.70
N LEU A 271 -57.40 -14.99 57.03
CA LEU A 271 -56.98 -16.22 57.69
C LEU A 271 -57.75 -16.33 59.00
N PRO A 272 -57.74 -17.51 59.62
CA PRO A 272 -58.45 -17.69 60.89
C PRO A 272 -57.51 -17.44 62.04
N ASP A 273 -58.02 -16.79 63.09
CA ASP A 273 -57.20 -16.53 64.27
C ASP A 273 -56.59 -17.81 64.87
N GLY B 1 -10.82 51.18 67.27
CA GLY B 1 -11.36 51.63 65.96
C GLY B 1 -12.86 51.42 65.85
N PRO B 2 -13.57 52.23 65.03
CA PRO B 2 -15.03 52.20 64.77
C PRO B 2 -15.44 51.08 63.81
N TYR B 3 -16.18 50.10 64.31
CA TYR B 3 -16.60 48.97 63.48
C TYR B 3 -18.09 48.69 63.56
N LEU B 4 -18.49 47.61 62.91
CA LEU B 4 -19.87 47.16 62.87
C LEU B 4 -19.90 45.74 63.50
N GLN B 5 -21.02 45.37 64.12
CA GLN B 5 -21.11 44.08 64.78
C GLN B 5 -22.55 43.53 64.86
N ILE B 6 -22.73 42.30 64.40
CA ILE B 6 -24.02 41.65 64.42
C ILE B 6 -24.35 41.25 65.85
N LEU B 7 -25.58 41.55 66.27
CA LEU B 7 -26.04 41.21 67.62
C LEU B 7 -26.85 39.91 67.54
N GLU B 8 -27.77 39.86 66.58
CA GLU B 8 -28.58 38.68 66.41
C GLU B 8 -28.65 38.21 64.97
N GLN B 9 -27.92 37.14 64.66
CA GLN B 9 -27.88 36.53 63.32
C GLN B 9 -29.26 36.09 62.85
N PRO B 10 -29.54 36.14 61.55
CA PRO B 10 -30.87 35.72 61.12
C PRO B 10 -30.93 34.22 61.38
N LYS B 11 -32.12 33.65 61.38
CA LYS B 11 -32.22 32.22 61.62
C LYS B 11 -31.87 31.55 60.32
N GLN B 12 -30.96 30.58 60.35
CA GLN B 12 -30.50 29.87 59.15
C GLN B 12 -31.50 29.09 58.29
N ARG B 13 -32.36 28.29 58.89
CA ARG B 13 -33.28 27.51 58.08
C ARG B 13 -34.72 27.76 58.43
N GLY B 14 -35.62 27.31 57.56
CA GLY B 14 -37.04 27.48 57.83
C GLY B 14 -37.84 28.58 57.16
N PHE B 15 -37.17 29.67 56.80
CA PHE B 15 -37.82 30.80 56.16
C PHE B 15 -37.99 30.50 54.67
N ARG B 16 -39.07 31.01 54.06
CA ARG B 16 -39.32 30.79 52.63
C ARG B 16 -39.11 32.06 51.82
N PHE B 17 -38.37 31.92 50.73
CA PHE B 17 -38.14 33.03 49.82
C PHE B 17 -39.43 33.07 49.02
N ARG B 18 -39.85 34.25 48.58
CA ARG B 18 -41.07 34.36 47.83
C ARG B 18 -40.79 34.95 46.46
N TYR B 19 -41.55 34.54 45.46
CA TYR B 19 -41.34 35.10 44.12
C TYR B 19 -42.29 36.28 43.95
N VAL B 20 -41.89 37.22 43.10
CA VAL B 20 -42.70 38.39 42.82
C VAL B 20 -44.16 38.01 42.74
N CYS B 21 -44.49 37.16 41.78
CA CYS B 21 -45.86 36.72 41.57
C CYS B 21 -46.53 36.04 42.76
N GLU B 22 -45.91 36.04 43.93
CA GLU B 22 -46.57 35.39 45.06
C GLU B 22 -47.39 36.40 45.87
N GLY B 23 -47.17 37.68 45.61
CA GLY B 23 -47.89 38.69 46.37
C GLY B 23 -46.94 39.28 47.39
N PRO B 24 -47.40 40.27 48.19
CA PRO B 24 -46.51 40.86 49.19
C PRO B 24 -46.68 40.31 50.59
N SER B 25 -45.84 40.81 51.50
CA SER B 25 -45.85 40.46 52.91
C SER B 25 -46.25 39.03 53.20
N HIS B 26 -45.30 38.13 53.34
CA HIS B 26 -45.71 36.77 53.65
C HIS B 26 -45.05 36.23 54.87
N GLY B 27 -44.13 37.02 55.41
CA GLY B 27 -43.42 36.58 56.60
C GLY B 27 -42.08 37.26 56.69
N GLY B 28 -41.75 37.63 57.93
CA GLY B 28 -40.53 38.40 58.26
C GLY B 28 -39.31 37.43 58.34
N LEU B 29 -38.09 37.95 58.31
CA LEU B 29 -36.91 37.26 58.12
C LEU B 29 -37.12 35.97 58.63
N PRO B 30 -36.71 36.06 59.94
CA PRO B 30 -36.49 35.64 61.34
C PRO B 30 -35.08 35.70 62.08
N GLY B 31 -35.11 36.24 63.31
CA GLY B 31 -33.89 36.25 64.09
C GLY B 31 -33.38 34.85 64.58
N ALA B 32 -32.07 34.57 64.76
CA ALA B 32 -31.64 33.23 65.18
C ALA B 32 -32.22 32.85 66.53
N SER B 33 -32.55 33.85 67.34
CA SER B 33 -33.13 33.60 68.65
C SER B 33 -34.65 33.58 68.63
N SER B 34 -35.23 34.12 67.58
CA SER B 34 -36.68 34.20 67.47
C SER B 34 -37.45 32.94 67.84
N GLU B 35 -38.50 33.14 68.62
CA GLU B 35 -39.43 32.09 69.07
C GLU B 35 -40.84 32.53 68.70
N LYS B 36 -41.81 31.63 68.80
CA LYS B 36 -43.18 31.96 68.43
C LYS B 36 -43.83 32.84 69.49
N ASN B 37 -43.20 32.93 70.65
CA ASN B 37 -43.70 33.77 71.72
C ASN B 37 -42.92 35.06 71.65
N LYS B 38 -41.61 34.93 71.80
CA LYS B 38 -40.71 36.08 71.76
C LYS B 38 -40.10 36.17 70.37
N LYS B 39 -40.73 36.94 69.48
CA LYS B 39 -40.19 37.07 68.13
C LYS B 39 -39.06 38.09 68.06
N SER B 40 -37.95 37.68 67.46
CA SER B 40 -36.79 38.57 67.34
C SER B 40 -36.44 38.72 65.88
N TYR B 41 -35.55 39.65 65.58
CA TYR B 41 -35.13 39.88 64.21
C TYR B 41 -33.66 40.22 64.12
N PRO B 42 -33.10 40.09 62.92
CA PRO B 42 -31.70 40.40 62.73
C PRO B 42 -31.47 41.71 63.42
N GLN B 43 -30.29 41.88 63.98
CA GLN B 43 -29.99 43.09 64.70
C GLN B 43 -28.49 43.31 64.77
N VAL B 44 -28.10 44.54 64.47
CA VAL B 44 -26.70 44.95 64.45
C VAL B 44 -26.43 46.17 65.32
N LYS B 45 -25.16 46.37 65.66
CA LYS B 45 -24.77 47.52 66.49
C LYS B 45 -23.45 48.17 66.08
N ILE B 46 -23.46 49.51 66.03
CA ILE B 46 -22.29 50.33 65.69
C ILE B 46 -21.54 50.55 66.99
N CYS B 47 -20.31 50.07 67.08
CA CYS B 47 -19.51 50.23 68.29
C CYS B 47 -18.44 51.31 68.14
N ASN B 48 -17.96 51.85 69.26
CA ASN B 48 -16.92 52.88 69.23
C ASN B 48 -17.30 54.14 68.43
N TYR B 49 -18.55 54.58 68.57
CA TYR B 49 -19.05 55.76 67.88
C TYR B 49 -20.52 55.91 68.22
N VAL B 50 -20.93 57.13 68.53
CA VAL B 50 -22.33 57.37 68.85
C VAL B 50 -22.76 58.67 68.21
N GLY B 51 -23.73 58.57 67.32
CA GLY B 51 -24.22 59.74 66.61
C GLY B 51 -24.95 59.28 65.38
N PRO B 52 -25.40 60.19 64.51
CA PRO B 52 -26.10 59.71 63.32
C PRO B 52 -25.26 58.70 62.55
N ALA B 53 -25.93 57.82 61.82
CA ALA B 53 -25.26 56.79 61.03
C ALA B 53 -26.24 56.19 60.02
N LYS B 54 -25.68 55.63 58.96
CA LYS B 54 -26.47 55.02 57.91
C LYS B 54 -26.06 53.55 57.76
N VAL B 55 -27.03 52.65 57.79
CA VAL B 55 -26.72 51.24 57.64
C VAL B 55 -27.59 50.66 56.53
N ILE B 56 -26.95 49.91 55.66
CA ILE B 56 -27.60 49.31 54.52
C ILE B 56 -27.45 47.79 54.56
N VAL B 57 -28.46 47.11 54.02
CA VAL B 57 -28.47 45.66 53.97
C VAL B 57 -28.60 45.13 52.55
N GLN B 58 -27.60 44.37 52.12
CA GLN B 58 -27.61 43.79 50.79
C GLN B 58 -27.47 42.28 50.92
N LEU B 59 -28.05 41.57 49.96
CA LEU B 59 -27.95 40.12 49.94
C LEU B 59 -26.69 39.86 49.16
N VAL B 60 -26.04 38.75 49.44
CA VAL B 60 -24.82 38.44 48.73
C VAL B 60 -24.78 36.94 48.55
N THR B 61 -23.84 36.45 47.75
CA THR B 61 -23.77 35.03 47.50
C THR B 61 -23.15 34.31 48.70
N ASN B 62 -23.23 32.99 48.70
CA ASN B 62 -22.64 32.24 49.79
C ASN B 62 -21.43 31.46 49.30
N GLY B 63 -20.77 31.97 48.27
CA GLY B 63 -19.61 31.29 47.75
C GLY B 63 -18.36 31.70 48.50
N LYS B 64 -17.22 31.25 47.97
CA LYS B 64 -15.92 31.57 48.54
C LYS B 64 -15.64 33.07 48.39
N ASN B 65 -15.95 33.59 47.21
CA ASN B 65 -15.75 35.01 46.91
C ASN B 65 -17.13 35.64 46.96
N ILE B 66 -17.33 36.47 47.96
CA ILE B 66 -18.60 37.14 48.13
C ILE B 66 -18.97 37.93 46.87
N HIS B 67 -20.23 37.80 46.45
CA HIS B 67 -20.72 38.50 45.26
C HIS B 67 -22.14 38.95 45.46
N LEU B 68 -22.53 40.01 44.77
CA LEU B 68 -23.90 40.48 44.91
C LEU B 68 -24.81 39.32 44.50
N HIS B 69 -26.02 39.30 45.06
CA HIS B 69 -27.00 38.25 44.76
C HIS B 69 -28.19 38.85 44.02
N ALA B 70 -28.70 38.07 43.07
CA ALA B 70 -29.82 38.46 42.23
C ALA B 70 -31.12 38.68 42.99
N HIS B 71 -31.29 38.03 44.12
CA HIS B 71 -32.52 38.20 44.90
C HIS B 71 -32.53 39.59 45.51
N SER B 72 -33.71 40.04 45.90
CA SER B 72 -33.85 41.38 46.46
C SER B 72 -34.48 41.43 47.84
N LEU B 73 -33.92 42.25 48.71
CA LEU B 73 -34.43 42.38 50.07
C LEU B 73 -35.67 43.27 50.05
N VAL B 74 -36.84 42.69 50.29
CA VAL B 74 -38.07 43.47 50.22
C VAL B 74 -38.88 43.76 51.52
N GLY B 75 -39.63 44.86 51.50
CA GLY B 75 -40.46 45.22 52.64
C GLY B 75 -40.13 46.54 53.32
N LYS B 76 -40.09 46.49 54.65
CA LYS B 76 -39.81 47.63 55.51
C LYS B 76 -38.49 48.34 55.20
N HIS B 77 -38.57 49.62 54.83
CA HIS B 77 -37.40 50.45 54.50
C HIS B 77 -36.59 49.89 53.35
N CYS B 78 -37.22 49.05 52.55
CA CYS B 78 -36.55 48.45 51.41
C CYS B 78 -36.95 49.05 50.10
N GLU B 79 -35.95 49.23 49.25
CA GLU B 79 -36.11 49.80 47.92
C GLU B 79 -34.96 49.32 47.04
N ASP B 80 -35.30 48.83 45.86
CA ASP B 80 -34.31 48.33 44.91
C ASP B 80 -33.46 47.24 45.52
N GLY B 81 -34.12 46.33 46.23
CA GLY B 81 -33.42 45.23 46.86
C GLY B 81 -32.47 45.66 47.96
N VAL B 82 -32.51 46.92 48.35
CA VAL B 82 -31.64 47.38 49.42
C VAL B 82 -32.40 47.94 50.61
N CYS B 83 -32.02 47.43 51.77
CA CYS B 83 -32.60 47.79 53.03
C CYS B 83 -31.75 48.91 53.57
N THR B 84 -32.36 50.06 53.84
CA THR B 84 -31.62 51.19 54.39
C THR B 84 -32.39 51.90 55.50
N VAL B 85 -31.74 51.92 56.65
CA VAL B 85 -32.26 52.52 57.85
C VAL B 85 -31.19 53.42 58.43
N THR B 86 -31.59 54.27 59.38
CA THR B 86 -30.69 55.20 60.04
C THR B 86 -30.46 54.81 61.50
N ALA B 87 -29.21 54.93 61.97
CA ALA B 87 -28.88 54.59 63.34
C ALA B 87 -29.06 55.84 64.20
N GLY B 88 -30.19 55.93 64.91
CA GLY B 88 -30.48 57.07 65.76
C GLY B 88 -29.23 57.75 66.28
N PRO B 89 -29.30 59.05 66.57
CA PRO B 89 -28.10 59.75 67.08
C PRO B 89 -27.50 59.25 68.40
N LYS B 90 -28.28 58.47 69.16
CA LYS B 90 -27.80 57.98 70.46
C LYS B 90 -27.94 56.47 70.63
N ASP B 91 -28.98 55.88 70.06
CA ASP B 91 -29.16 54.43 70.13
C ASP B 91 -28.45 53.87 68.90
N MET B 92 -27.33 53.19 69.10
CA MET B 92 -26.56 52.63 68.00
C MET B 92 -26.87 51.18 67.65
N VAL B 93 -28.05 50.70 68.02
CA VAL B 93 -28.43 49.32 67.72
C VAL B 93 -29.59 49.32 66.72
N VAL B 94 -29.42 48.62 65.61
CA VAL B 94 -30.47 48.57 64.59
C VAL B 94 -31.01 47.17 64.30
N GLY B 95 -32.33 47.07 64.25
CA GLY B 95 -32.96 45.79 63.97
C GLY B 95 -33.58 45.82 62.59
N PHE B 96 -33.96 44.66 62.08
CA PHE B 96 -34.55 44.57 60.75
C PHE B 96 -35.73 43.62 60.70
N ALA B 97 -36.89 44.11 61.09
CA ALA B 97 -38.04 43.25 61.08
C ALA B 97 -38.71 43.39 59.75
N ASN B 98 -39.70 42.53 59.55
CA ASN B 98 -40.45 42.50 58.31
C ASN B 98 -39.52 42.60 57.11
N LEU B 99 -38.61 41.65 57.02
CA LEU B 99 -37.68 41.62 55.90
C LEU B 99 -38.06 40.38 55.12
N GLY B 100 -38.26 40.54 53.83
CA GLY B 100 -38.63 39.40 53.01
C GLY B 100 -37.59 39.13 51.94
N ILE B 101 -37.56 37.90 51.43
CA ILE B 101 -36.59 37.58 50.41
C ILE B 101 -37.29 37.32 49.11
N LEU B 102 -37.04 38.21 48.16
CA LEU B 102 -37.62 38.10 46.83
C LEU B 102 -36.71 37.17 46.02
N HIS B 103 -37.28 36.09 45.52
CA HIS B 103 -36.56 35.09 44.77
C HIS B 103 -36.74 35.27 43.27
N VAL B 104 -35.73 35.81 42.60
CA VAL B 104 -35.78 36.08 41.16
C VAL B 104 -35.95 34.84 40.32
N THR B 105 -36.68 34.92 39.22
CA THR B 105 -36.87 33.74 38.39
C THR B 105 -35.55 33.33 37.72
N LYS B 106 -35.46 32.10 37.24
CA LYS B 106 -34.23 31.62 36.61
C LYS B 106 -33.90 32.44 35.38
N LYS B 107 -34.93 32.68 34.57
CA LYS B 107 -34.84 33.44 33.33
C LYS B 107 -34.51 34.93 33.48
N LYS B 108 -34.75 35.49 34.66
CA LYS B 108 -34.48 36.90 34.89
C LYS B 108 -33.31 37.10 35.83
N VAL B 109 -32.46 36.09 35.94
CA VAL B 109 -31.32 36.17 36.85
C VAL B 109 -30.20 37.08 36.36
N PHE B 110 -29.83 36.93 35.09
CA PHE B 110 -28.76 37.74 34.51
C PHE B 110 -29.09 39.23 34.47
N GLU B 111 -30.20 39.58 33.82
CA GLU B 111 -30.62 40.98 33.70
C GLU B 111 -30.91 41.69 35.02
N THR B 112 -31.37 40.95 36.02
CA THR B 112 -31.66 41.55 37.32
C THR B 112 -30.36 41.71 38.10
N LEU B 113 -29.35 40.88 37.79
CA LEU B 113 -28.02 40.90 38.44
C LEU B 113 -27.16 42.03 37.90
N GLU B 114 -27.40 42.35 36.63
CA GLU B 114 -26.69 43.41 35.94
C GLU B 114 -27.23 44.72 36.51
N ALA B 115 -28.55 44.80 36.62
CA ALA B 115 -29.22 45.98 37.16
C ALA B 115 -28.79 46.30 38.60
N ARG B 116 -28.58 45.26 39.41
CA ARG B 116 -28.17 45.42 40.81
C ARG B 116 -26.72 45.90 40.97
N MET B 117 -25.83 45.45 40.10
CA MET B 117 -24.43 45.86 40.17
C MET B 117 -24.29 47.31 39.72
N THR B 118 -25.16 47.72 38.81
CA THR B 118 -25.15 49.09 38.30
C THR B 118 -25.60 50.06 39.42
N GLU B 119 -26.75 49.76 40.02
CA GLU B 119 -27.30 50.57 41.11
C GLU B 119 -26.32 50.62 42.26
N ALA B 120 -25.53 49.55 42.39
CA ALA B 120 -24.56 49.44 43.47
C ALA B 120 -23.28 50.20 43.17
N CYS B 121 -22.99 50.44 41.89
CA CYS B 121 -21.78 51.18 41.52
C CYS B 121 -22.09 52.68 41.38
N ILE B 122 -23.36 53.00 41.17
CA ILE B 122 -23.84 54.39 41.05
C ILE B 122 -23.89 55.02 42.46
N ARG B 123 -24.48 54.30 43.41
CA ARG B 123 -24.59 54.78 44.78
C ARG B 123 -23.23 54.62 45.48
N GLY B 124 -22.39 53.71 44.97
CA GLY B 124 -21.08 53.47 45.57
C GLY B 124 -21.11 52.51 46.76
N TYR B 125 -22.07 51.58 46.74
CA TYR B 125 -22.26 50.59 47.81
C TYR B 125 -21.37 49.34 47.66
N ASN B 126 -20.13 49.44 48.14
CA ASN B 126 -19.13 48.36 48.09
C ASN B 126 -18.90 47.82 46.68
N PRO B 127 -18.92 48.69 45.65
CA PRO B 127 -18.72 48.17 44.30
C PRO B 127 -17.49 47.27 44.16
N GLY B 128 -16.42 47.61 44.88
CA GLY B 128 -15.18 46.86 44.80
C GLY B 128 -15.19 45.45 45.35
N LEU B 129 -15.95 45.23 46.40
CA LEU B 129 -15.99 43.92 47.00
C LEU B 129 -16.99 42.98 46.32
N LEU B 130 -18.13 43.53 45.91
CA LEU B 130 -19.18 42.71 45.31
C LEU B 130 -19.28 42.60 43.77
N VAL B 131 -19.00 43.68 43.04
CA VAL B 131 -19.11 43.64 41.57
C VAL B 131 -17.83 43.24 40.86
N HIS B 132 -16.76 44.00 41.10
CA HIS B 132 -15.47 43.74 40.46
C HIS B 132 -14.29 44.48 41.13
N SER B 133 -13.19 43.75 41.35
CA SER B 133 -11.98 44.26 42.00
C SER B 133 -11.55 45.70 41.70
N ASP B 134 -11.44 46.03 40.42
CA ASP B 134 -11.03 47.37 39.99
C ASP B 134 -12.18 48.35 39.78
N LEU B 135 -13.18 48.28 40.64
CA LEU B 135 -14.32 49.19 40.53
C LEU B 135 -14.46 49.85 41.89
N ALA B 136 -13.52 49.53 42.80
CA ALA B 136 -13.48 50.05 44.17
C ALA B 136 -13.28 51.56 44.23
N TYR B 137 -12.98 52.16 43.07
CA TYR B 137 -12.77 53.60 42.97
C TYR B 137 -14.11 54.36 43.01
N LEU B 138 -15.21 53.62 42.88
CA LEU B 138 -16.55 54.19 42.91
C LEU B 138 -17.08 54.15 44.32
N GLN B 139 -16.63 55.10 45.15
CA GLN B 139 -17.06 55.16 46.54
C GLN B 139 -18.07 56.28 46.81
N ALA B 140 -19.13 55.93 47.54
CA ALA B 140 -20.23 56.83 47.92
C ALA B 140 -19.77 58.21 48.41
N GLU B 141 -19.36 59.05 47.46
CA GLU B 141 -18.88 60.41 47.71
C GLU B 141 -20.03 61.41 47.55
N GLY B 142 -21.04 61.33 48.41
CA GLY B 142 -22.18 62.21 48.28
C GLY B 142 -22.82 61.91 46.93
N GLY B 143 -22.47 60.74 46.39
CA GLY B 143 -22.95 60.30 45.09
C GLY B 143 -21.73 59.83 44.30
N GLY B 144 -21.12 58.75 44.77
CA GLY B 144 -19.93 58.20 44.14
C GLY B 144 -20.10 57.89 42.67
N ASP B 145 -19.88 58.91 41.84
CA ASP B 145 -20.01 58.79 40.39
C ASP B 145 -21.47 58.48 40.04
N ARG B 146 -22.33 59.49 40.18
CA ARG B 146 -23.74 59.34 39.90
C ARG B 146 -24.04 58.96 38.43
N GLN B 147 -23.00 59.00 37.59
CA GLN B 147 -23.14 58.64 36.18
C GLN B 147 -22.03 57.71 35.70
N LEU B 148 -22.39 56.44 35.49
CA LEU B 148 -21.45 55.44 35.03
C LEU B 148 -20.98 55.70 33.59
N THR B 149 -19.67 55.59 33.40
CA THR B 149 -19.06 55.77 32.10
C THR B 149 -19.43 54.55 31.22
N ASP B 150 -18.82 54.44 30.05
CA ASP B 150 -19.08 53.32 29.12
C ASP B 150 -18.19 52.10 29.39
N ARG B 151 -16.99 52.35 29.92
CA ARG B 151 -16.03 51.30 30.26
C ARG B 151 -16.45 50.64 31.56
N GLU B 152 -17.21 51.38 32.35
CA GLU B 152 -17.71 50.86 33.62
C GLU B 152 -18.91 49.96 33.33
N LYS B 153 -19.68 50.29 32.28
CA LYS B 153 -20.85 49.48 31.90
C LYS B 153 -20.40 48.12 31.38
N GLU B 154 -19.19 48.08 30.82
CA GLU B 154 -18.58 46.86 30.28
C GLU B 154 -18.06 45.91 31.35
N ILE B 155 -17.45 46.47 32.40
CA ILE B 155 -16.94 45.70 33.53
C ILE B 155 -18.17 45.00 34.13
N ILE B 156 -19.25 45.77 34.24
CA ILE B 156 -20.52 45.28 34.77
C ILE B 156 -21.04 44.12 33.91
N ARG B 157 -21.12 44.32 32.59
CA ARG B 157 -21.58 43.26 31.70
C ARG B 157 -20.72 41.99 31.77
N GLN B 158 -19.43 42.15 32.07
CA GLN B 158 -18.50 41.02 32.16
C GLN B 158 -18.51 40.31 33.50
N ALA B 159 -18.94 41.02 34.54
CA ALA B 159 -19.01 40.44 35.88
C ALA B 159 -20.35 39.72 36.02
N ALA B 160 -21.39 40.32 35.43
CA ALA B 160 -22.75 39.77 35.44
C ALA B 160 -22.80 38.39 34.78
N VAL B 161 -22.31 38.30 33.55
CA VAL B 161 -22.29 37.05 32.81
C VAL B 161 -21.41 35.99 33.49
N GLN B 162 -20.28 36.43 34.04
CA GLN B 162 -19.35 35.54 34.71
C GLN B 162 -19.87 34.99 36.04
N GLN B 163 -20.60 35.82 36.78
CA GLN B 163 -21.18 35.45 38.08
C GLN B 163 -22.52 34.67 38.02
N THR B 164 -23.24 34.75 36.89
CA THR B 164 -24.52 34.06 36.73
C THR B 164 -24.40 32.60 36.38
N LYS B 165 -23.22 32.20 35.93
CA LYS B 165 -23.00 30.82 35.54
C LYS B 165 -22.91 29.97 36.78
N GLU B 166 -22.73 30.60 37.94
CA GLU B 166 -22.63 29.84 39.17
C GLU B 166 -23.21 30.51 40.39
N MET B 167 -24.51 30.77 40.34
CA MET B 167 -25.19 31.40 41.45
C MET B 167 -26.19 30.41 42.06
N ASP B 168 -26.10 30.20 43.38
CA ASP B 168 -27.03 29.30 44.05
C ASP B 168 -28.28 30.12 44.42
N LEU B 169 -29.40 29.73 43.82
CA LEU B 169 -30.66 30.40 44.06
C LEU B 169 -31.35 29.97 45.36
N SER B 170 -30.75 29.01 46.05
CA SER B 170 -31.33 28.51 47.28
C SER B 170 -30.57 28.90 48.53
N VAL B 171 -29.77 29.95 48.41
CA VAL B 171 -28.99 30.39 49.54
C VAL B 171 -28.64 31.86 49.41
N VAL B 172 -28.66 32.59 50.51
CA VAL B 172 -28.31 33.98 50.44
C VAL B 172 -27.71 34.35 51.81
N ARG B 173 -27.08 35.51 51.92
CA ARG B 173 -26.47 35.97 53.17
C ARG B 173 -26.72 37.44 53.22
N LEU B 174 -26.72 38.01 54.42
CA LEU B 174 -26.97 39.43 54.51
C LEU B 174 -25.65 40.11 54.67
N MET B 175 -25.55 41.32 54.15
CA MET B 175 -24.33 42.05 54.35
C MET B 175 -24.71 43.43 54.80
N PHE B 176 -24.23 43.77 55.97
CA PHE B 176 -24.51 45.05 56.52
C PHE B 176 -23.28 45.90 56.32
N THR B 177 -23.55 47.17 56.08
CA THR B 177 -22.50 48.12 55.87
C THR B 177 -22.97 49.39 56.55
N ALA B 178 -22.07 50.06 57.26
CA ALA B 178 -22.41 51.29 57.97
C ALA B 178 -21.64 52.51 57.45
N PHE B 179 -22.35 53.62 57.27
CA PHE B 179 -21.78 54.87 56.79
C PHE B 179 -21.90 55.96 57.85
N LEU B 180 -20.79 56.64 58.14
CA LEU B 180 -20.80 57.70 59.14
C LEU B 180 -20.64 59.04 58.43
N PRO B 181 -21.33 60.08 58.93
CA PRO B 181 -21.27 61.43 58.36
C PRO B 181 -19.86 62.02 58.23
N ASP B 182 -19.60 62.67 57.10
CA ASP B 182 -18.31 63.29 56.81
C ASP B 182 -18.29 64.76 57.27
N SER B 183 -17.37 65.55 56.71
CA SER B 183 -17.28 66.96 57.07
C SER B 183 -18.55 67.74 56.67
N THR B 184 -19.08 67.45 55.47
CA THR B 184 -20.28 68.11 54.97
C THR B 184 -21.57 67.63 55.68
N GLY B 185 -21.57 66.38 56.13
CA GLY B 185 -22.73 65.83 56.81
C GLY B 185 -23.28 64.63 56.04
N SER B 186 -22.78 64.44 54.83
CA SER B 186 -23.19 63.33 53.95
C SER B 186 -22.61 61.99 54.41
N PHE B 187 -23.48 61.02 54.68
CA PHE B 187 -23.02 59.71 55.12
C PHE B 187 -22.21 59.00 54.03
N THR B 188 -20.90 59.23 54.07
CA THR B 188 -19.98 58.68 53.09
C THR B 188 -18.83 57.90 53.74
N ARG B 189 -18.65 58.04 55.05
CA ARG B 189 -17.59 57.32 55.74
C ARG B 189 -18.01 55.86 55.97
N ARG B 190 -17.40 54.94 55.20
CA ARG B 190 -17.70 53.50 55.23
C ARG B 190 -16.87 52.67 56.23
N LEU B 191 -17.55 51.84 57.04
CA LEU B 191 -16.89 50.99 58.02
C LEU B 191 -16.83 49.59 57.45
N GLU B 192 -15.82 48.80 57.83
CA GLU B 192 -15.73 47.44 57.30
C GLU B 192 -17.11 46.78 57.34
N PRO B 193 -17.69 46.50 56.17
CA PRO B 193 -19.01 45.87 56.20
C PRO B 193 -18.87 44.46 56.74
N VAL B 194 -19.96 43.94 57.28
CA VAL B 194 -19.95 42.60 57.81
C VAL B 194 -21.07 41.76 57.24
N VAL B 195 -20.74 40.49 57.05
CA VAL B 195 -21.64 39.51 56.50
C VAL B 195 -22.22 38.58 57.57
N SER B 196 -23.43 38.11 57.33
CA SER B 196 -24.16 37.24 58.22
C SER B 196 -23.96 35.79 57.88
N ASP B 197 -24.63 34.95 58.66
CA ASP B 197 -24.61 33.53 58.40
C ASP B 197 -25.49 33.38 57.17
N ALA B 198 -25.37 32.26 56.48
CA ALA B 198 -26.13 31.99 55.27
C ALA B 198 -27.57 31.57 55.54
N ILE B 199 -28.46 31.93 54.63
CA ILE B 199 -29.88 31.61 54.76
C ILE B 199 -30.24 30.62 53.67
N TYR B 200 -31.06 29.64 54.00
CA TYR B 200 -31.42 28.63 53.04
C TYR B 200 -32.89 28.62 52.83
N ASP B 201 -33.30 28.83 51.60
CA ASP B 201 -34.71 28.83 51.27
C ASP B 201 -35.39 27.52 51.64
N SER B 202 -36.45 27.61 52.43
CA SER B 202 -37.18 26.44 52.82
C SER B 202 -37.98 25.73 51.73
N LYS B 203 -37.98 26.20 50.49
CA LYS B 203 -38.73 25.44 49.49
C LYS B 203 -37.83 24.42 48.78
N ALA B 204 -36.54 24.73 48.74
CA ALA B 204 -35.55 23.88 48.12
C ALA B 204 -35.52 22.49 48.72
N PRO B 205 -35.68 21.45 47.90
CA PRO B 205 -35.67 20.07 48.36
C PRO B 205 -34.43 19.74 49.20
N ASN B 206 -33.30 20.30 48.81
CA ASN B 206 -32.05 20.09 49.52
C ASN B 206 -31.93 21.02 50.70
N ALA B 207 -33.07 21.38 51.26
CA ALA B 207 -33.07 22.26 52.41
C ALA B 207 -34.40 22.24 53.18
N SER B 208 -35.38 21.52 52.67
CA SER B 208 -36.66 21.45 53.36
C SER B 208 -36.51 20.53 54.56
N ASN B 209 -37.22 20.85 55.64
CA ASN B 209 -37.21 20.07 56.89
C ASN B 209 -37.35 18.56 56.68
N LEU B 210 -36.56 17.81 57.40
CA LEU B 210 -36.66 16.37 57.29
C LEU B 210 -37.46 15.95 58.49
N LYS B 211 -38.37 15.00 58.33
CA LYS B 211 -39.14 14.59 59.47
C LYS B 211 -39.68 13.20 59.17
N ILE B 212 -39.73 12.35 60.20
CA ILE B 212 -40.28 11.02 60.01
C ILE B 212 -41.68 11.26 60.48
N VAL B 213 -42.65 10.96 59.64
CA VAL B 213 -44.04 11.16 60.03
C VAL B 213 -44.52 9.90 60.79
N ARG B 214 -44.57 8.77 60.12
CA ARG B 214 -44.97 7.56 60.79
C ARG B 214 -44.00 6.46 60.36
N MET B 215 -44.09 5.28 60.97
CA MET B 215 -43.26 4.12 60.67
C MET B 215 -44.02 2.90 61.13
N ASP B 216 -44.12 1.88 60.30
CA ASP B 216 -44.88 0.71 60.68
C ASP B 216 -44.20 -0.24 61.66
N ARG B 217 -43.12 0.18 62.28
CA ARG B 217 -42.45 -0.70 63.21
C ARG B 217 -41.32 0.03 63.89
N THR B 218 -41.49 0.38 65.16
CA THR B 218 -40.45 1.15 65.83
C THR B 218 -39.54 0.32 66.70
N ALA B 219 -39.59 -0.99 66.52
CA ALA B 219 -38.73 -1.86 67.29
C ALA B 219 -38.26 -2.93 66.36
N GLY B 220 -37.17 -3.59 66.71
CA GLY B 220 -36.65 -4.63 65.88
C GLY B 220 -35.65 -5.51 66.59
N CYS B 221 -35.39 -6.66 66.02
CA CYS B 221 -34.43 -7.57 66.61
C CYS B 221 -33.07 -6.92 66.41
N VAL B 222 -32.07 -7.38 67.15
CA VAL B 222 -30.72 -6.83 67.03
C VAL B 222 -29.98 -7.47 65.83
N THR B 223 -30.59 -8.52 65.28
CA THR B 223 -30.04 -9.22 64.15
C THR B 223 -30.16 -8.31 62.95
N GLY B 224 -31.23 -7.53 62.92
CA GLY B 224 -31.45 -6.63 61.81
C GLY B 224 -31.89 -7.36 60.55
N GLY B 225 -32.10 -6.61 59.47
CA GLY B 225 -32.53 -7.20 58.22
C GLY B 225 -34.03 -7.11 58.09
N GLU B 226 -34.67 -6.71 59.18
CA GLU B 226 -36.11 -6.56 59.22
C GLU B 226 -36.48 -5.39 58.30
N GLU B 227 -37.57 -5.56 57.53
CA GLU B 227 -38.06 -4.55 56.60
C GLU B 227 -39.11 -3.62 57.17
N ILE B 228 -38.86 -2.32 57.04
CA ILE B 228 -39.79 -1.34 57.56
C ILE B 228 -40.23 -0.34 56.49
N TYR B 229 -41.46 0.14 56.62
CA TYR B 229 -42.03 1.15 55.71
C TYR B 229 -42.06 2.49 56.43
N LEU B 230 -41.35 3.46 55.88
CA LEU B 230 -41.31 4.74 56.53
C LEU B 230 -41.93 5.88 55.70
N LEU B 231 -42.83 6.63 56.33
CA LEU B 231 -43.47 7.76 55.69
C LEU B 231 -42.72 8.99 56.18
N CYS B 232 -42.52 9.96 55.27
CA CYS B 232 -41.75 11.17 55.57
C CYS B 232 -42.24 12.40 54.82
N ASP B 233 -41.49 13.49 54.97
CA ASP B 233 -41.81 14.71 54.25
C ASP B 233 -40.88 14.70 53.03
N LYS B 234 -41.18 15.52 52.03
CA LYS B 234 -40.40 15.58 50.81
C LYS B 234 -38.94 15.36 51.08
N VAL B 235 -38.41 14.34 50.41
CA VAL B 235 -37.00 13.94 50.46
C VAL B 235 -36.62 13.55 49.05
N GLN B 236 -35.31 13.57 48.82
CA GLN B 236 -34.69 13.24 47.54
C GLN B 236 -34.16 11.80 47.51
N LYS B 237 -34.70 10.93 46.65
CA LYS B 237 -34.24 9.54 46.64
C LYS B 237 -32.72 9.38 46.62
N ASP B 238 -32.04 10.19 45.84
CA ASP B 238 -30.61 10.04 45.79
C ASP B 238 -29.77 10.65 46.87
N ASP B 239 -30.35 11.52 47.69
CA ASP B 239 -29.51 12.18 48.67
C ASP B 239 -29.94 11.98 50.11
N ILE B 240 -30.49 10.81 50.41
CA ILE B 240 -30.97 10.54 51.77
C ILE B 240 -30.63 9.21 52.42
N GLN B 241 -30.49 9.20 53.74
CA GLN B 241 -30.18 7.97 54.46
C GLN B 241 -30.89 7.86 55.81
N ILE B 242 -31.08 6.63 56.28
CA ILE B 242 -31.70 6.35 57.59
C ILE B 242 -30.59 5.96 58.56
N ARG B 243 -30.37 6.79 59.57
CA ARG B 243 -29.31 6.51 60.49
C ARG B 243 -29.82 6.08 61.84
N PHE B 244 -29.33 4.95 62.38
CA PHE B 244 -29.72 4.50 63.72
C PHE B 244 -28.52 4.80 64.56
N TYR B 245 -28.74 5.14 65.81
CA TYR B 245 -27.59 5.48 66.62
C TYR B 245 -27.90 5.58 68.11
N GLU B 246 -26.86 5.32 68.91
CA GLU B 246 -26.98 5.37 70.37
C GLU B 246 -25.72 5.91 71.02
N GLU B 247 -25.91 6.77 72.02
CA GLU B 247 -24.82 7.36 72.79
C GLU B 247 -24.05 6.22 73.48
N GLU B 248 -22.71 6.27 73.42
CA GLU B 248 -21.89 5.25 74.05
C GLU B 248 -21.39 5.72 75.41
N GLU B 249 -20.69 4.83 76.11
CA GLU B 249 -20.14 5.14 77.42
C GLU B 249 -19.03 6.18 77.26
N ASN B 250 -18.06 5.87 76.40
CA ASN B 250 -16.92 6.76 76.14
C ASN B 250 -17.29 8.12 75.55
N GLY B 251 -18.54 8.29 75.14
CA GLY B 251 -18.97 9.54 74.56
C GLY B 251 -19.19 9.44 73.05
N GLY B 252 -18.63 8.41 72.43
CA GLY B 252 -18.80 8.22 71.00
C GLY B 252 -20.18 7.71 70.72
N VAL B 253 -20.43 7.27 69.50
CA VAL B 253 -21.76 6.79 69.18
C VAL B 253 -21.70 5.59 68.24
N TRP B 254 -22.63 4.65 68.41
CA TRP B 254 -22.69 3.52 67.51
C TRP B 254 -23.55 3.99 66.36
N GLU B 255 -23.07 3.79 65.14
CA GLU B 255 -23.82 4.23 63.97
C GLU B 255 -24.29 3.06 63.10
N GLY B 256 -25.57 3.11 62.71
CA GLY B 256 -26.14 2.05 61.88
C GLY B 256 -27.09 2.56 60.81
N PHE B 257 -26.92 2.10 59.58
CA PHE B 257 -27.75 2.58 58.49
C PHE B 257 -28.68 1.63 57.80
N GLY B 258 -29.85 2.16 57.46
CA GLY B 258 -30.84 1.36 56.79
C GLY B 258 -30.34 1.00 55.41
N ASP B 259 -30.60 -0.22 55.00
CA ASP B 259 -30.17 -0.68 53.70
C ASP B 259 -31.29 -0.50 52.68
N PHE B 260 -31.16 0.54 51.84
CA PHE B 260 -32.15 0.84 50.80
C PHE B 260 -31.58 1.56 49.58
N SER B 261 -32.14 1.24 48.44
CA SER B 261 -31.72 1.83 47.19
C SER B 261 -32.74 2.87 46.75
N PRO B 262 -32.29 3.88 45.97
CA PRO B 262 -33.03 5.02 45.40
C PRO B 262 -34.34 4.64 44.73
N THR B 263 -34.56 3.35 44.57
CA THR B 263 -35.77 2.87 43.96
C THR B 263 -36.81 2.55 45.02
N ASP B 264 -36.36 2.36 46.26
CA ASP B 264 -37.22 2.06 47.43
C ASP B 264 -37.93 3.33 47.99
N VAL B 265 -37.46 4.49 47.54
CA VAL B 265 -37.98 5.79 47.95
C VAL B 265 -39.16 6.16 47.09
N HIS B 266 -40.34 5.87 47.62
CA HIS B 266 -41.60 6.10 46.96
C HIS B 266 -42.14 7.51 46.87
N ARG B 267 -42.33 7.99 45.65
CA ARG B 267 -42.87 9.31 45.40
C ARG B 267 -42.45 10.30 46.49
N GLN B 268 -41.14 10.49 46.65
CA GLN B 268 -40.48 11.37 47.62
C GLN B 268 -40.97 11.41 49.06
N PHE B 269 -42.02 10.62 49.35
CA PHE B 269 -42.66 10.60 50.67
C PHE B 269 -42.63 9.39 51.61
N ALA B 270 -41.98 8.31 51.20
CA ALA B 270 -41.85 7.12 52.02
C ALA B 270 -40.61 6.34 51.62
N ILE B 271 -40.26 5.31 52.38
CA ILE B 271 -39.04 4.58 52.08
C ILE B 271 -39.16 3.16 52.58
N VAL B 272 -39.00 2.18 51.70
CA VAL B 272 -39.03 0.80 52.19
C VAL B 272 -37.58 0.36 52.45
N PHE B 273 -37.22 0.11 53.71
CA PHE B 273 -35.85 -0.28 54.01
C PHE B 273 -35.78 -1.44 54.98
N LYS B 274 -34.54 -1.90 55.25
CA LYS B 274 -34.28 -3.01 56.17
C LYS B 274 -33.29 -2.61 57.26
N THR B 275 -33.62 -2.94 58.50
CA THR B 275 -32.80 -2.57 59.65
C THR B 275 -31.36 -3.00 59.64
N PRO B 276 -30.50 -2.25 60.30
CA PRO B 276 -29.10 -2.65 60.33
C PRO B 276 -28.96 -3.64 61.49
N LYS B 277 -27.83 -4.33 61.58
CA LYS B 277 -27.60 -5.26 62.68
C LYS B 277 -27.18 -4.39 63.86
N TYR B 278 -27.58 -4.74 65.07
CA TYR B 278 -27.21 -3.90 66.20
C TYR B 278 -25.73 -4.08 66.48
N LYS B 279 -25.19 -3.22 67.35
CA LYS B 279 -23.79 -3.28 67.72
C LYS B 279 -23.48 -4.52 68.56
N ASP B 280 -24.53 -5.16 69.09
CA ASP B 280 -24.38 -6.37 69.91
C ASP B 280 -25.57 -7.34 69.74
N VAL B 281 -25.40 -8.36 68.91
CA VAL B 281 -26.44 -9.34 68.62
C VAL B 281 -26.63 -10.41 69.70
N ASN B 282 -26.08 -10.17 70.89
CA ASN B 282 -26.23 -11.13 71.97
C ASN B 282 -26.50 -10.53 73.34
N ILE B 283 -27.11 -9.34 73.39
CA ILE B 283 -27.41 -8.75 74.69
C ILE B 283 -28.60 -9.56 75.19
N THR B 284 -28.93 -9.43 76.47
CA THR B 284 -30.04 -10.21 76.98
C THR B 284 -31.23 -9.29 77.19
N LYS B 285 -30.98 -7.99 77.31
CA LYS B 285 -32.04 -7.01 77.52
C LYS B 285 -32.19 -5.97 76.42
N PRO B 286 -33.43 -5.71 75.96
CA PRO B 286 -33.63 -4.73 74.88
C PRO B 286 -32.89 -3.42 75.15
N ALA B 287 -32.53 -2.73 74.07
CA ALA B 287 -31.82 -1.47 74.17
C ALA B 287 -32.50 -0.44 73.31
N SER B 288 -32.71 0.74 73.89
CA SER B 288 -33.36 1.83 73.21
C SER B 288 -32.38 2.67 72.46
N VAL B 289 -32.61 2.74 71.16
CA VAL B 289 -31.76 3.51 70.28
C VAL B 289 -32.52 4.68 69.67
N PHE B 290 -31.93 5.24 68.64
CA PHE B 290 -32.52 6.36 67.97
C PHE B 290 -32.39 6.15 66.48
N VAL B 291 -33.37 6.63 65.71
CA VAL B 291 -33.32 6.54 64.26
C VAL B 291 -33.72 7.92 63.79
N GLN B 292 -33.18 8.31 62.64
CA GLN B 292 -33.46 9.65 62.10
C GLN B 292 -33.16 9.68 60.61
N LEU B 293 -33.51 10.80 59.97
CA LEU B 293 -33.30 10.98 58.54
C LEU B 293 -32.14 11.94 58.38
N ARG B 294 -31.33 11.72 57.34
CA ARG B 294 -30.18 12.60 57.10
C ARG B 294 -29.80 12.77 55.62
N ARG B 295 -29.77 14.04 55.19
CA ARG B 295 -29.39 14.40 53.84
C ARG B 295 -27.89 14.19 53.80
N LYS B 296 -27.38 13.64 52.71
CA LYS B 296 -25.96 13.46 52.60
C LYS B 296 -25.35 14.84 52.37
N SER B 297 -25.70 15.43 51.23
CA SER B 297 -25.23 16.75 50.84
C SER B 297 -24.86 17.66 52.01
N ASP B 298 -25.84 18.05 52.83
CA ASP B 298 -25.52 18.95 53.93
C ASP B 298 -25.52 18.34 55.32
N LEU B 299 -25.86 17.06 55.40
CA LEU B 299 -25.87 16.34 56.66
C LEU B 299 -26.82 16.85 57.72
N GLU B 300 -28.00 17.28 57.33
CA GLU B 300 -28.94 17.73 58.33
C GLU B 300 -29.76 16.50 58.65
N THR B 301 -30.37 16.51 59.83
CA THR B 301 -31.15 15.39 60.30
C THR B 301 -32.55 15.70 60.78
N SER B 302 -33.37 14.66 60.80
CA SER B 302 -34.73 14.74 61.27
C SER B 302 -34.56 14.60 62.78
N GLU B 303 -35.60 14.90 63.55
CA GLU B 303 -35.51 14.81 65.00
C GLU B 303 -35.34 13.38 65.44
N PRO B 304 -34.34 13.15 66.30
CA PRO B 304 -34.08 11.80 66.79
C PRO B 304 -35.40 11.17 67.19
N LYS B 305 -35.69 10.00 66.66
CA LYS B 305 -36.92 9.32 67.02
C LYS B 305 -36.68 7.91 67.55
N PRO B 306 -37.29 7.55 68.71
CA PRO B 306 -37.19 6.24 69.41
C PRO B 306 -37.47 4.96 68.66
N PHE B 307 -36.52 4.02 68.79
CA PHE B 307 -36.55 2.70 68.17
C PHE B 307 -36.03 1.70 69.19
N LEU B 308 -36.69 0.54 69.27
CA LEU B 308 -36.32 -0.50 70.23
C LEU B 308 -35.73 -1.80 69.66
N TYR B 309 -34.48 -2.06 70.05
CA TYR B 309 -33.72 -3.24 69.64
C TYR B 309 -33.77 -4.33 70.70
N TYR B 310 -34.62 -5.32 70.49
CA TYR B 310 -34.74 -6.41 71.44
C TYR B 310 -33.91 -7.60 70.96
N PRO B 311 -33.33 -8.38 71.89
CA PRO B 311 -32.52 -9.52 71.44
C PRO B 311 -33.33 -10.71 70.94
N GLU B 312 -32.65 -11.62 70.25
CA GLU B 312 -33.29 -12.81 69.73
C GLU B 312 -32.52 -14.03 70.25
N ALA C 1 8.79 46.50 0.60
CA ALA C 1 9.08 45.07 0.34
C ALA C 1 8.05 44.18 1.04
N TYR C 2 7.03 43.73 0.30
CA TYR C 2 5.98 42.86 0.83
C TYR C 2 5.84 41.57 0.02
N VAL C 3 4.95 40.68 0.44
CA VAL C 3 4.74 39.41 -0.24
C VAL C 3 3.29 39.22 -0.72
N GLU C 4 3.13 38.62 -1.90
CA GLU C 4 1.81 38.37 -2.45
C GLU C 4 1.73 37.02 -3.15
N ILE C 5 0.63 36.31 -2.92
CA ILE C 5 0.47 35.01 -3.50
C ILE C 5 0.12 35.15 -4.97
N ILE C 6 0.97 34.58 -5.83
CA ILE C 6 0.78 34.60 -7.26
C ILE C 6 -0.15 33.44 -7.58
N GLU C 7 0.17 32.28 -7.00
CA GLU C 7 -0.60 31.05 -7.19
C GLU C 7 -1.11 30.42 -5.89
N GLN C 8 -2.38 30.67 -5.57
CA GLN C 8 -3.03 30.12 -4.38
C GLN C 8 -3.14 28.63 -4.51
N PRO C 9 -3.24 27.90 -3.39
CA PRO C 9 -3.36 26.44 -3.48
C PRO C 9 -4.78 26.07 -3.85
N LYS C 10 -5.02 24.86 -4.33
CA LYS C 10 -6.38 24.48 -4.71
C LYS C 10 -7.15 24.38 -3.40
N GLN C 11 -8.39 24.85 -3.38
CA GLN C 11 -9.13 24.79 -2.14
C GLN C 11 -9.65 23.44 -1.75
N ARG C 12 -10.42 22.81 -2.61
CA ARG C 12 -10.98 21.50 -2.29
C ARG C 12 -10.37 20.41 -3.16
N GLY C 13 -10.54 19.15 -2.78
CA GLY C 13 -10.01 18.06 -3.61
C GLY C 13 -9.06 17.08 -2.96
N MET C 14 -7.99 17.63 -2.42
CA MET C 14 -6.97 16.84 -1.76
C MET C 14 -7.46 16.49 -0.40
N ARG C 15 -7.18 15.27 0.05
CA ARG C 15 -7.59 14.87 1.36
C ARG C 15 -6.35 14.74 2.21
N PHE C 16 -6.43 15.30 3.41
CA PHE C 16 -5.36 15.24 4.35
C PHE C 16 -5.27 13.80 4.81
N ARG C 17 -4.04 13.36 5.00
CA ARG C 17 -3.81 12.01 5.50
C ARG C 17 -3.29 12.04 6.91
N TYR C 18 -3.51 10.93 7.57
CA TYR C 18 -3.09 10.79 8.93
C TYR C 18 -1.69 10.29 8.95
N LYS C 19 -1.11 10.33 10.13
CA LYS C 19 0.24 9.87 10.33
C LYS C 19 0.26 8.38 10.15
N CYS C 20 -0.78 7.69 10.57
CA CYS C 20 -0.72 6.26 10.40
C CYS C 20 -0.88 5.80 8.96
N GLU C 21 -1.17 6.74 8.08
CA GLU C 21 -1.34 6.42 6.67
C GLU C 21 -0.01 6.56 5.94
N GLY C 22 -0.13 6.72 4.62
CA GLY C 22 1.01 6.92 3.76
C GLY C 22 2.13 7.70 4.38
N ARG C 23 3.27 7.04 4.53
CA ARG C 23 4.45 7.69 5.08
C ARG C 23 4.35 9.05 4.42
N SER C 24 3.85 9.00 3.18
CA SER C 24 3.62 10.17 2.36
C SER C 24 2.15 10.38 1.93
N ALA C 25 1.77 11.65 1.92
CA ALA C 25 0.44 12.10 1.55
C ALA C 25 0.47 12.26 0.05
N GLY C 26 0.39 13.51 -0.38
CA GLY C 26 0.42 13.88 -1.79
C GLY C 26 1.29 15.11 -1.92
N SER C 27 0.81 16.12 -2.62
CA SER C 27 1.54 17.37 -2.79
C SER C 27 0.52 18.43 -3.15
N ILE C 28 0.44 19.51 -2.39
CA ILE C 28 -0.57 20.51 -2.69
C ILE C 28 -0.42 21.07 -4.09
N PRO C 29 -1.52 21.06 -4.85
CA PRO C 29 -1.65 21.52 -6.22
C PRO C 29 -1.74 23.02 -6.20
N GLY C 30 -1.51 23.64 -7.35
CA GLY C 30 -1.62 25.08 -7.43
C GLY C 30 -3.10 25.34 -7.27
N GLU C 31 -3.72 25.86 -8.31
CA GLU C 31 -5.14 26.17 -8.26
C GLU C 31 -5.55 26.32 -9.70
N ARG C 32 -4.55 26.19 -10.58
CA ARG C 32 -4.74 26.26 -12.02
C ARG C 32 -4.06 25.04 -12.59
N SER C 33 -3.63 24.18 -11.70
CA SER C 33 -2.99 22.96 -12.12
C SER C 33 -4.11 22.07 -12.61
N THR C 34 -3.88 21.43 -13.75
CA THR C 34 -4.84 20.53 -14.36
C THR C 34 -4.21 19.16 -14.57
N ASP C 35 -4.97 18.23 -15.16
CA ASP C 35 -4.46 16.89 -15.42
C ASP C 35 -3.27 16.95 -16.38
N THR C 36 -3.38 17.84 -17.36
CA THR C 36 -2.35 18.05 -18.37
C THR C 36 -1.10 18.66 -17.74
N THR C 37 -1.27 19.88 -17.23
CA THR C 37 -0.20 20.66 -16.59
C THR C 37 -0.45 20.89 -15.11
N LYS C 38 0.53 20.56 -14.28
CA LYS C 38 0.38 20.75 -12.84
C LYS C 38 1.17 21.96 -12.35
N THR C 39 0.51 22.82 -11.56
CA THR C 39 1.12 24.02 -10.98
C THR C 39 1.22 23.88 -9.47
N HIS C 40 1.77 24.89 -8.80
CA HIS C 40 1.92 24.83 -7.35
C HIS C 40 1.88 26.19 -6.66
N PRO C 41 1.72 26.18 -5.34
CA PRO C 41 1.65 27.38 -4.50
C PRO C 41 2.78 28.31 -4.85
N THR C 42 2.45 29.53 -5.27
CA THR C 42 3.49 30.46 -5.64
C THR C 42 3.32 31.90 -5.17
N ILE C 43 4.30 32.39 -4.39
CA ILE C 43 4.26 33.76 -3.89
C ILE C 43 5.20 34.61 -4.72
N LYS C 44 5.07 35.93 -4.57
CA LYS C 44 5.90 36.91 -5.27
C LYS C 44 6.31 37.99 -4.29
N ILE C 45 7.61 38.17 -4.15
CA ILE C 45 8.11 39.17 -3.22
C ILE C 45 8.26 40.44 -4.02
N ASN C 46 7.64 41.52 -3.57
CA ASN C 46 7.74 42.78 -4.30
C ASN C 46 8.72 43.71 -3.62
N GLY C 47 9.71 44.18 -4.38
CA GLY C 47 10.69 45.08 -3.82
C GLY C 47 11.84 44.37 -3.12
N TYR C 48 12.22 43.22 -3.65
CA TYR C 48 13.35 42.50 -3.09
C TYR C 48 13.68 41.24 -3.86
N THR C 49 14.95 41.15 -4.21
CA THR C 49 15.51 40.02 -4.92
C THR C 49 16.89 39.84 -4.28
N GLY C 50 17.09 38.77 -3.54
CA GLY C 50 18.37 38.56 -2.90
C GLY C 50 18.23 37.59 -1.76
N PRO C 51 19.31 37.33 -1.03
CA PRO C 51 19.38 36.42 0.11
C PRO C 51 18.26 36.56 1.14
N GLY C 52 17.81 35.42 1.66
CA GLY C 52 16.76 35.42 2.65
C GLY C 52 16.24 34.03 2.98
N THR C 53 15.14 33.96 3.71
CA THR C 53 14.55 32.68 4.08
C THR C 53 13.02 32.78 4.18
N VAL C 54 12.34 31.65 3.97
CA VAL C 54 10.87 31.57 3.99
C VAL C 54 10.32 30.42 4.84
N ARG C 55 9.30 30.71 5.66
CA ARG C 55 8.68 29.69 6.47
C ARG C 55 7.19 29.57 6.18
N ILE C 56 6.73 28.38 5.82
CA ILE C 56 5.32 28.20 5.54
C ILE C 56 4.63 27.53 6.69
N SER C 57 3.70 28.26 7.29
CA SER C 57 3.00 27.75 8.43
C SER C 57 1.52 27.59 8.31
N LEU C 58 1.07 26.55 9.00
CA LEU C 58 -0.31 26.16 9.08
C LEU C 58 -1.04 26.90 10.17
N VAL C 59 -2.11 27.59 9.81
CA VAL C 59 -2.86 28.32 10.80
C VAL C 59 -4.35 27.99 10.69
N THR C 60 -5.16 28.53 11.60
CA THR C 60 -6.62 28.29 11.62
C THR C 60 -7.32 29.06 10.52
N LYS C 61 -8.49 28.56 10.14
CA LYS C 61 -9.23 29.21 9.07
C LYS C 61 -9.64 30.65 9.35
N ASP C 62 -10.44 30.80 10.40
CA ASP C 62 -11.01 32.08 10.78
C ASP C 62 -10.14 33.03 11.61
N PRO C 63 -10.39 34.37 11.49
CA PRO C 63 -9.74 35.52 12.14
C PRO C 63 -8.59 35.34 13.16
N PRO C 64 -8.87 34.83 14.37
CA PRO C 64 -7.73 34.70 15.28
C PRO C 64 -6.90 33.51 14.74
N HIS C 65 -6.02 33.77 13.79
CA HIS C 65 -5.20 32.72 13.17
C HIS C 65 -4.16 32.08 14.07
N ARG C 66 -4.66 31.23 14.95
CA ARG C 66 -3.82 30.51 15.88
C ARG C 66 -3.18 29.44 15.04
N PRO C 67 -1.98 28.97 15.42
CA PRO C 67 -1.30 27.91 14.65
C PRO C 67 -2.11 26.61 14.68
N HIS C 68 -2.35 26.03 13.50
CA HIS C 68 -3.15 24.81 13.36
C HIS C 68 -2.46 23.55 13.84
N PRO C 69 -3.24 22.63 14.42
CA PRO C 69 -2.74 21.37 14.94
C PRO C 69 -2.12 20.57 13.82
N HIS C 70 -2.65 20.76 12.62
CA HIS C 70 -2.18 20.01 11.47
C HIS C 70 -0.75 20.29 11.10
N GLU C 71 -0.11 19.25 10.61
CA GLU C 71 1.29 19.31 10.22
C GLU C 71 1.52 19.32 8.74
N LEU C 72 2.35 20.26 8.32
CA LEU C 72 2.72 20.42 6.94
C LEU C 72 3.91 19.49 6.81
N VAL C 73 3.81 18.44 5.98
CA VAL C 73 4.95 17.52 5.82
C VAL C 73 5.43 17.36 4.38
N GLY C 74 6.73 17.08 4.27
CA GLY C 74 7.34 16.91 2.96
C GLY C 74 8.77 17.41 2.97
N LYS C 75 9.19 17.90 1.82
CA LYS C 75 10.55 18.40 1.66
C LYS C 75 10.82 19.67 2.41
N ASP C 76 11.89 19.62 3.21
CA ASP C 76 12.36 20.76 3.98
C ASP C 76 11.45 21.11 5.13
N CYS C 77 10.62 20.17 5.52
CA CYS C 77 9.73 20.50 6.60
C CYS C 77 10.16 19.86 7.87
N ARG C 78 9.52 20.31 8.93
CA ARG C 78 9.79 19.81 10.24
C ARG C 78 8.82 20.51 11.15
N ASP C 79 8.65 19.95 12.35
CA ASP C 79 7.78 20.52 13.36
C ASP C 79 6.48 21.09 12.82
N GLY C 80 5.98 20.49 11.74
CA GLY C 80 4.74 20.95 11.14
C GLY C 80 4.80 22.21 10.32
N TYR C 81 6.00 22.61 9.92
CA TYR C 81 6.13 23.81 9.11
C TYR C 81 7.24 23.60 8.12
N TYR C 82 7.21 24.39 7.06
CA TYR C 82 8.19 24.31 6.01
C TYR C 82 9.09 25.49 6.10
N GLU C 83 10.37 25.27 5.85
CA GLU C 83 11.36 26.32 5.91
C GLU C 83 12.57 26.01 5.04
N ALA C 84 13.00 27.01 4.28
CA ALA C 84 14.15 26.84 3.41
C ALA C 84 14.61 28.21 2.99
N ASP C 85 15.67 28.27 2.18
CA ASP C 85 16.17 29.55 1.76
C ASP C 85 15.42 30.02 0.52
N LEU C 86 15.46 31.32 0.27
CA LEU C 86 14.79 31.92 -0.88
C LEU C 86 15.79 31.97 -2.01
N CYS C 87 15.36 31.79 -3.25
CA CYS C 87 16.33 31.86 -4.33
C CYS C 87 16.81 33.28 -4.32
N PRO C 88 18.11 33.51 -3.99
CA PRO C 88 18.66 34.85 -3.94
C PRO C 88 18.56 35.64 -5.25
N ASP C 89 18.46 34.93 -6.37
CA ASP C 89 18.37 35.59 -7.68
C ASP C 89 17.02 35.52 -8.40
N ARG C 90 15.94 35.27 -7.67
CA ARG C 90 14.61 35.18 -8.27
C ARG C 90 13.59 35.81 -7.33
N SER C 91 12.56 36.42 -7.90
CA SER C 91 11.54 37.07 -7.08
C SER C 91 10.27 36.25 -6.88
N ILE C 92 10.18 35.13 -7.58
CA ILE C 92 9.00 34.29 -7.51
C ILE C 92 9.38 32.91 -7.01
N HIS C 93 8.64 32.39 -6.05
CA HIS C 93 8.95 31.05 -5.53
C HIS C 93 7.72 30.21 -5.29
N SER C 94 7.67 29.07 -5.97
CA SER C 94 6.59 28.11 -5.88
C SER C 94 7.12 26.96 -5.01
N PHE C 95 6.24 26.34 -4.23
CA PHE C 95 6.65 25.25 -3.36
C PHE C 95 5.98 23.98 -3.80
N GLN C 96 6.74 23.14 -4.46
CA GLN C 96 6.17 21.94 -4.99
C GLN C 96 6.14 20.78 -4.07
N ASN C 97 6.49 20.95 -2.82
CA ASN C 97 6.40 19.78 -1.97
C ASN C 97 5.77 20.01 -0.64
N LEU C 98 4.51 20.45 -0.70
CA LEU C 98 3.74 20.71 0.49
C LEU C 98 2.70 19.63 0.71
N GLY C 99 2.75 19.03 1.90
CA GLY C 99 1.82 17.96 2.25
C GLY C 99 1.18 18.17 3.61
N ILE C 100 -0.13 18.01 3.67
CA ILE C 100 -0.83 18.20 4.92
C ILE C 100 -1.08 16.83 5.56
N GLN C 101 -0.74 16.74 6.84
CA GLN C 101 -0.89 15.54 7.63
C GLN C 101 -1.78 16.04 8.76
N CYS C 102 -2.96 15.45 8.88
CA CYS C 102 -3.89 15.88 9.90
C CYS C 102 -3.72 15.06 11.16
N VAL C 103 -4.04 15.66 12.31
CA VAL C 103 -3.90 15.00 13.60
C VAL C 103 -5.24 14.44 14.03
N LYS C 104 -5.26 13.64 15.09
CA LYS C 104 -6.50 13.07 15.60
C LYS C 104 -7.08 13.98 16.69
N LYS C 105 -8.40 14.09 16.76
CA LYS C 105 -9.05 14.93 17.78
C LYS C 105 -8.53 14.53 19.15
N ARG C 106 -7.91 13.35 19.22
CA ARG C 106 -7.35 12.82 20.45
C ARG C 106 -5.99 13.43 20.80
N ASP C 107 -5.06 13.41 19.85
CA ASP C 107 -3.75 13.97 20.10
C ASP C 107 -3.70 15.44 19.84
N LEU C 108 -4.87 16.07 19.91
CA LEU C 108 -5.02 17.49 19.68
C LEU C 108 -4.06 18.36 20.54
N GLU C 109 -4.32 18.34 21.85
CA GLU C 109 -3.55 19.10 22.85
C GLU C 109 -2.03 18.95 22.70
N GLN C 110 -1.58 17.72 22.47
CA GLN C 110 -0.17 17.43 22.32
C GLN C 110 0.38 18.16 21.11
N ALA C 111 -0.48 18.29 20.10
CA ALA C 111 -0.08 18.98 18.89
C ALA C 111 0.06 20.46 19.18
N ILE C 112 -0.95 21.04 19.82
CA ILE C 112 -0.90 22.46 20.15
C ILE C 112 0.36 22.76 20.97
N SER C 113 0.71 21.85 21.86
CA SER C 113 1.90 22.02 22.69
C SER C 113 3.15 22.13 21.82
N GLN C 114 3.21 21.34 20.76
CA GLN C 114 4.38 21.41 19.90
C GLN C 114 4.47 22.72 19.09
N ARG C 115 3.35 23.40 18.84
CA ARG C 115 3.39 24.66 18.09
C ARG C 115 4.00 25.70 19.01
N ILE C 116 3.68 25.55 20.29
CA ILE C 116 4.16 26.46 21.30
C ILE C 116 5.64 26.24 21.60
N GLN C 117 6.00 25.02 21.98
CA GLN C 117 7.38 24.70 22.31
C GLN C 117 8.35 25.04 21.17
N THR C 118 7.88 24.92 19.93
CA THR C 118 8.70 25.21 18.76
C THR C 118 8.56 26.64 18.24
N ASN C 119 7.82 27.48 18.96
CA ASN C 119 7.63 28.86 18.54
C ASN C 119 7.04 28.97 17.14
N ASN C 120 5.80 28.56 17.00
CA ASN C 120 5.12 28.63 15.72
C ASN C 120 3.80 29.34 15.97
N ASN C 121 3.79 30.63 15.71
CA ASN C 121 2.62 31.45 15.94
C ASN C 121 2.91 32.79 15.28
N PRO C 122 2.74 32.85 13.95
CA PRO C 122 2.94 33.98 13.04
C PRO C 122 2.15 35.25 13.30
N PHE C 123 1.02 35.13 14.00
CA PHE C 123 0.18 36.28 14.34
C PHE C 123 0.19 36.48 15.85
N HIS C 124 1.23 35.94 16.48
CA HIS C 124 1.44 36.01 17.93
C HIS C 124 0.15 35.97 18.75
N VAL C 125 -0.83 35.17 18.35
CA VAL C 125 -2.07 35.09 19.12
C VAL C 125 -1.68 34.60 20.52
N PRO C 126 -2.12 35.33 21.56
CA PRO C 126 -1.87 35.05 22.99
C PRO C 126 -2.24 33.66 23.52
N ILE C 127 -1.49 33.19 24.51
CA ILE C 127 -1.74 31.89 25.15
C ILE C 127 -3.18 31.86 25.69
N GLU C 128 -3.64 33.03 26.09
CA GLU C 128 -4.99 33.18 26.61
C GLU C 128 -5.98 33.09 25.44
N GLU C 129 -5.69 33.82 24.36
CA GLU C 129 -6.53 33.85 23.15
C GLU C 129 -6.43 32.61 22.26
N GLN C 130 -5.58 31.65 22.69
CA GLN C 130 -5.38 30.40 21.96
C GLN C 130 -6.42 29.34 22.29
N ARG C 131 -7.15 29.53 23.39
CA ARG C 131 -8.19 28.57 23.79
C ARG C 131 -9.39 28.57 22.86
N GLY C 132 -9.96 27.38 22.66
CA GLY C 132 -11.13 27.24 21.80
C GLY C 132 -11.07 25.99 20.96
N ASP C 133 -12.16 25.72 20.24
CA ASP C 133 -12.26 24.55 19.34
C ASP C 133 -11.54 24.84 18.03
N TYR C 134 -10.94 23.81 17.45
CA TYR C 134 -10.20 23.95 16.19
C TYR C 134 -10.90 23.23 15.05
N ASP C 135 -11.01 23.88 13.90
CA ASP C 135 -11.64 23.25 12.72
C ASP C 135 -10.55 22.41 12.08
N LEU C 136 -10.73 21.08 12.07
CA LEU C 136 -9.74 20.15 11.53
C LEU C 136 -9.89 19.76 10.06
N ASN C 137 -10.87 20.36 9.38
CA ASN C 137 -11.13 20.07 7.97
C ASN C 137 -10.76 21.24 7.10
N ALA C 138 -9.89 22.12 7.60
CA ALA C 138 -9.47 23.27 6.82
C ALA C 138 -8.27 23.99 7.42
N VAL C 139 -7.55 24.74 6.61
CA VAL C 139 -6.38 25.49 7.06
C VAL C 139 -5.98 26.53 6.04
N ARG C 140 -4.96 27.29 6.37
CA ARG C 140 -4.48 28.30 5.45
C ARG C 140 -2.99 28.20 5.55
N LEU C 141 -2.33 28.59 4.47
CA LEU C 141 -0.89 28.56 4.45
C LEU C 141 -0.56 29.97 4.85
N CYS C 142 0.43 30.11 5.71
CA CYS C 142 0.85 31.43 6.15
C CYS C 142 2.31 31.64 5.84
N PHE C 143 2.57 32.43 4.80
CA PHE C 143 3.95 32.69 4.38
C PHE C 143 4.66 33.81 5.13
N GLN C 144 5.70 33.44 5.87
CA GLN C 144 6.49 34.37 6.63
C GLN C 144 7.84 34.43 5.94
N VAL C 145 7.99 35.46 5.12
CA VAL C 145 9.19 35.69 4.34
C VAL C 145 10.17 36.56 5.12
N THR C 146 11.46 36.25 5.07
CA THR C 146 12.46 37.05 5.77
C THR C 146 13.62 37.51 4.89
N VAL C 147 13.50 38.71 4.31
CA VAL C 147 14.57 39.27 3.48
C VAL C 147 15.53 40.09 4.34
N ARG C 148 16.20 41.05 3.73
CA ARG C 148 17.12 41.90 4.46
C ARG C 148 16.88 43.33 4.00
N ASP C 149 16.76 44.24 4.94
CA ASP C 149 16.56 45.65 4.62
C ASP C 149 17.79 46.12 3.82
N PRO C 150 17.75 47.34 3.24
CA PRO C 150 18.90 47.83 2.48
C PRO C 150 20.23 47.82 3.25
N ALA C 151 20.20 48.09 4.54
CA ALA C 151 21.41 48.10 5.37
C ALA C 151 22.16 46.76 5.26
N GLY C 152 21.45 45.66 5.50
CA GLY C 152 22.07 44.36 5.40
C GLY C 152 21.70 43.41 6.52
N ARG C 153 20.89 43.88 7.46
CA ARG C 153 20.45 43.10 8.63
C ARG C 153 19.08 42.43 8.35
N PRO C 154 18.94 41.11 8.64
CA PRO C 154 17.65 40.44 8.40
C PRO C 154 16.43 41.35 8.58
N LEU C 155 15.40 41.14 7.74
CA LEU C 155 14.15 41.90 7.79
C LEU C 155 12.96 40.95 7.63
N LEU C 156 12.17 40.77 8.69
CA LEU C 156 11.00 39.89 8.62
C LEU C 156 9.81 40.68 8.10
N LEU C 157 9.28 40.28 6.94
CA LEU C 157 8.14 40.95 6.34
C LEU C 157 6.84 40.56 7.00
N THR C 158 5.76 41.06 6.43
CA THR C 158 4.46 40.76 6.98
C THR C 158 3.99 39.39 6.54
N PRO C 159 3.44 38.59 7.48
CA PRO C 159 2.92 37.23 7.23
C PRO C 159 1.67 37.37 6.36
N VAL C 160 1.60 36.61 5.27
CA VAL C 160 0.45 36.69 4.38
C VAL C 160 -0.28 35.36 4.39
N LEU C 161 -1.58 35.40 4.13
CA LEU C 161 -2.36 34.19 4.16
C LEU C 161 -2.88 33.80 2.79
N SER C 162 -3.26 32.53 2.67
CA SER C 162 -3.79 31.99 1.42
C SER C 162 -5.23 31.63 1.74
N HIS C 163 -6.13 31.69 0.77
CA HIS C 163 -7.50 31.32 1.08
C HIS C 163 -7.41 29.92 1.66
N PRO C 164 -8.39 29.54 2.48
CA PRO C 164 -8.45 28.25 3.15
C PRO C 164 -8.44 26.97 2.31
N ILE C 165 -7.73 25.97 2.82
CA ILE C 165 -7.64 24.65 2.18
C ILE C 165 -8.66 23.78 2.87
N PHE C 166 -9.30 22.87 2.14
CA PHE C 166 -10.29 22.03 2.76
C PHE C 166 -10.15 20.57 2.53
N ASP C 167 -10.26 19.83 3.61
CA ASP C 167 -10.15 18.40 3.53
C ASP C 167 -11.29 17.83 2.72
N ASN C 168 -10.91 17.01 1.77
CA ASN C 168 -11.86 16.36 0.92
C ASN C 168 -12.46 15.25 1.80
N ARG C 169 -12.90 15.64 2.98
CA ARG C 169 -13.54 14.71 3.91
C ARG C 169 -14.63 15.48 4.60
N ALA C 170 -14.80 16.74 4.23
CA ALA C 170 -15.82 17.58 4.82
C ALA C 170 -16.99 17.85 3.87
N PRO C 171 -18.05 16.98 3.88
CA PRO C 171 -19.25 17.11 3.02
C PRO C 171 -19.99 18.44 3.08
N ASN C 172 -19.67 19.22 4.11
CA ASN C 172 -20.26 20.54 4.31
C ASN C 172 -19.69 21.52 3.27
N THR C 173 -18.74 21.05 2.48
CA THR C 173 -18.08 21.89 1.48
C THR C 173 -17.72 21.17 0.19
N ALA C 174 -18.05 19.89 0.04
CA ALA C 174 -17.69 19.20 -1.19
C ALA C 174 -18.54 19.66 -2.35
N GLU C 175 -18.25 19.14 -3.52
CA GLU C 175 -18.95 19.55 -4.71
C GLU C 175 -20.19 18.76 -5.03
N LEU C 176 -21.28 19.49 -5.20
CA LEU C 176 -22.58 18.89 -5.54
C LEU C 176 -22.51 18.27 -6.92
N LYS C 177 -23.18 17.14 -7.08
CA LYS C 177 -23.18 16.47 -8.36
C LYS C 177 -24.37 15.57 -8.42
N ILE C 178 -25.03 15.51 -9.56
CA ILE C 178 -26.17 14.64 -9.71
C ILE C 178 -25.69 13.50 -10.56
N CYS C 179 -25.97 12.27 -10.15
CA CYS C 179 -25.49 11.14 -10.91
C CYS C 179 -26.53 10.47 -11.74
N ARG C 180 -27.72 10.24 -11.21
CA ARG C 180 -28.73 9.68 -12.07
C ARG C 180 -30.01 10.40 -11.78
N VAL C 181 -31.07 10.01 -12.50
CA VAL C 181 -32.40 10.60 -12.37
C VAL C 181 -33.31 9.76 -13.23
N ASN C 182 -34.10 8.92 -12.58
CA ASN C 182 -35.03 8.02 -13.25
C ASN C 182 -36.18 8.68 -13.99
N ARG C 183 -36.07 9.98 -14.23
CA ARG C 183 -37.14 10.69 -14.93
C ARG C 183 -36.81 12.17 -15.10
N ASN C 184 -36.76 12.61 -16.35
CA ASN C 184 -36.43 13.99 -16.70
C ASN C 184 -37.53 14.65 -17.52
N SER C 185 -38.76 14.22 -17.29
CA SER C 185 -39.88 14.76 -18.02
C SER C 185 -41.19 14.44 -17.35
N GLY C 186 -41.90 15.45 -16.91
CA GLY C 186 -43.16 15.17 -16.26
C GLY C 186 -44.29 16.06 -16.76
N SER C 187 -45.33 16.20 -15.95
CA SER C 187 -46.49 17.01 -16.27
C SER C 187 -46.19 18.46 -15.85
N CYS C 188 -46.74 19.44 -16.54
CA CYS C 188 -46.50 20.84 -16.18
C CYS C 188 -47.27 21.24 -14.91
N LEU C 189 -48.18 20.39 -14.47
CA LEU C 189 -48.94 20.64 -13.26
C LEU C 189 -48.08 20.21 -12.08
N GLY C 190 -46.99 19.52 -12.40
CA GLY C 190 -46.06 19.02 -11.41
C GLY C 190 -46.59 17.87 -10.58
N GLY C 191 -45.86 17.52 -9.53
CA GLY C 191 -46.27 16.45 -8.63
C GLY C 191 -45.71 15.10 -9.00
N ASP C 192 -44.88 15.05 -10.03
CA ASP C 192 -44.31 13.79 -10.45
C ASP C 192 -43.22 13.33 -9.46
N GLU C 193 -43.24 12.05 -9.09
CA GLU C 193 -42.25 11.51 -8.16
C GLU C 193 -40.96 11.25 -8.87
N ILE C 194 -39.87 11.75 -8.29
CA ILE C 194 -38.56 11.60 -8.91
C ILE C 194 -37.44 11.08 -8.03
N PHE C 195 -36.81 9.98 -8.47
CA PHE C 195 -35.70 9.35 -7.78
C PHE C 195 -34.37 9.89 -8.28
N LEU C 196 -33.64 10.58 -7.43
CA LEU C 196 -32.39 11.17 -7.83
C LEU C 196 -31.23 10.67 -6.96
N LEU C 197 -30.21 10.11 -7.62
CA LEU C 197 -29.06 9.61 -6.91
C LEU C 197 -28.02 10.71 -7.01
N CYS C 198 -27.17 10.87 -6.01
CA CYS C 198 -26.20 11.95 -6.04
C CYS C 198 -24.93 11.69 -5.28
N ASP C 199 -24.22 12.76 -4.93
CA ASP C 199 -22.98 12.67 -4.17
C ASP C 199 -23.35 13.05 -2.75
N LYS C 200 -22.54 12.67 -1.78
CA LYS C 200 -22.83 12.98 -0.39
C LYS C 200 -23.27 14.42 -0.17
N VAL C 201 -24.48 14.55 0.36
CA VAL C 201 -25.08 15.82 0.64
C VAL C 201 -25.54 15.80 2.08
N GLN C 202 -26.03 16.93 2.58
CA GLN C 202 -26.49 17.04 3.96
C GLN C 202 -28.00 17.21 3.94
N LYS C 203 -28.75 16.31 4.53
CA LYS C 203 -30.18 16.47 4.43
C LYS C 203 -30.75 17.81 4.86
N GLU C 204 -30.16 18.50 5.81
CA GLU C 204 -30.74 19.78 6.22
C GLU C 204 -30.34 20.97 5.35
N ASP C 205 -29.35 20.77 4.49
CA ASP C 205 -28.85 21.86 3.66
C ASP C 205 -28.79 21.47 2.20
N ILE C 206 -29.94 21.11 1.65
CA ILE C 206 -30.00 20.70 0.25
C ILE C 206 -31.43 20.79 -0.33
N GLU C 207 -31.54 21.13 -1.61
CA GLU C 207 -32.81 21.21 -2.29
C GLU C 207 -32.62 21.22 -3.81
N VAL C 208 -33.64 20.72 -4.50
CA VAL C 208 -33.70 20.62 -5.96
C VAL C 208 -34.27 21.96 -6.49
N TYR C 209 -33.42 22.70 -7.20
CA TYR C 209 -33.73 24.01 -7.74
C TYR C 209 -34.06 23.91 -9.22
N PHE C 210 -35.34 24.07 -9.56
CA PHE C 210 -35.77 24.05 -10.96
C PHE C 210 -35.68 25.45 -11.52
N THR C 211 -34.65 25.77 -12.28
CA THR C 211 -34.60 27.11 -12.81
C THR C 211 -35.08 27.18 -14.25
N GLY C 212 -35.61 28.34 -14.61
CA GLY C 212 -36.09 28.55 -15.97
C GLY C 212 -35.87 30.00 -16.34
N PRO C 213 -36.24 30.39 -17.58
CA PRO C 213 -36.03 31.79 -17.96
C PRO C 213 -37.05 32.69 -17.26
N GLY C 214 -36.63 33.33 -16.15
CA GLY C 214 -37.53 34.19 -15.42
C GLY C 214 -38.40 33.40 -14.46
N TRP C 215 -38.23 32.08 -14.52
CA TRP C 215 -38.98 31.15 -13.67
C TRP C 215 -38.03 30.55 -12.63
N GLU C 216 -38.60 29.96 -11.59
CA GLU C 216 -37.79 29.40 -10.52
C GLU C 216 -38.65 28.68 -9.50
N ALA C 217 -38.43 27.38 -9.38
CA ALA C 217 -39.18 26.55 -8.44
C ALA C 217 -38.29 25.53 -7.72
N ARG C 218 -38.91 24.81 -6.78
CA ARG C 218 -38.21 23.80 -5.99
C ARG C 218 -39.05 22.54 -5.96
N GLY C 219 -38.40 21.40 -5.77
CA GLY C 219 -39.14 20.15 -5.73
C GLY C 219 -39.61 19.94 -4.32
N SER C 220 -40.68 19.20 -4.15
CA SER C 220 -41.18 18.99 -2.81
C SER C 220 -40.70 17.70 -2.19
N PHE C 221 -39.93 17.82 -1.11
CA PHE C 221 -39.42 16.65 -0.42
C PHE C 221 -38.99 16.96 1.00
N SER C 222 -39.28 16.01 1.88
CA SER C 222 -38.98 16.12 3.30
C SER C 222 -37.57 15.66 3.62
N GLN C 223 -37.04 16.18 4.72
CA GLN C 223 -35.70 15.81 5.10
C GLN C 223 -35.53 14.32 5.20
N ALA C 224 -36.62 13.59 5.29
CA ALA C 224 -36.48 12.17 5.43
C ALA C 224 -36.55 11.47 4.11
N ASP C 225 -36.60 12.24 3.03
CA ASP C 225 -36.63 11.61 1.72
C ASP C 225 -35.21 11.64 1.15
N VAL C 226 -34.29 12.21 1.93
CA VAL C 226 -32.89 12.28 1.59
C VAL C 226 -32.29 10.96 2.06
N HIS C 227 -32.35 9.93 1.23
CA HIS C 227 -31.84 8.61 1.57
C HIS C 227 -30.34 8.45 1.74
N ARG C 228 -29.90 8.36 2.97
CA ARG C 228 -28.51 8.20 3.30
C ARG C 228 -27.52 9.11 2.53
N GLN C 229 -27.88 10.37 2.35
CA GLN C 229 -27.05 11.38 1.66
C GLN C 229 -26.63 11.10 0.22
N VAL C 230 -27.29 10.14 -0.41
CA VAL C 230 -26.93 9.76 -1.77
C VAL C 230 -28.08 9.54 -2.69
N ALA C 231 -29.28 9.85 -2.24
CA ALA C 231 -30.48 9.70 -3.05
C ALA C 231 -31.59 10.58 -2.48
N ILE C 232 -32.20 11.39 -3.34
CA ILE C 232 -33.30 12.24 -2.90
C ILE C 232 -34.51 11.86 -3.71
N VAL C 233 -35.63 11.69 -3.04
CA VAL C 233 -36.88 11.40 -3.72
C VAL C 233 -37.70 12.63 -3.36
N PHE C 234 -38.25 13.25 -4.40
CA PHE C 234 -39.02 14.46 -4.27
C PHE C 234 -39.99 14.56 -5.43
N ARG C 235 -40.95 15.46 -5.28
CA ARG C 235 -41.97 15.68 -6.29
C ARG C 235 -41.78 17.01 -7.01
N THR C 236 -41.88 16.96 -8.33
CA THR C 236 -41.71 18.15 -9.15
C THR C 236 -42.70 19.27 -8.79
N PRO C 237 -42.24 20.52 -8.88
CA PRO C 237 -43.05 21.70 -8.60
C PRO C 237 -43.83 22.06 -9.87
N PRO C 238 -44.97 22.76 -9.75
CA PRO C 238 -45.72 23.10 -10.97
C PRO C 238 -45.03 24.20 -11.78
N TYR C 239 -44.99 24.02 -13.10
CA TYR C 239 -44.35 24.99 -13.98
C TYR C 239 -45.13 26.28 -13.97
N ALA C 240 -44.52 27.33 -14.49
CA ALA C 240 -45.12 28.66 -14.57
C ALA C 240 -46.44 28.62 -15.37
N ASP C 241 -46.37 28.02 -16.55
CA ASP C 241 -47.53 27.90 -17.45
C ASP C 241 -48.29 26.57 -17.27
N PRO C 242 -49.42 26.60 -16.53
CA PRO C 242 -50.26 25.42 -16.27
C PRO C 242 -51.10 24.85 -17.41
N SER C 243 -51.11 25.52 -18.55
CA SER C 243 -51.93 25.02 -19.65
C SER C 243 -51.06 24.61 -20.82
N LEU C 244 -49.75 24.68 -20.62
CA LEU C 244 -48.75 24.35 -21.65
C LEU C 244 -49.35 23.56 -22.79
N GLN C 245 -48.96 23.95 -24.01
CA GLN C 245 -49.44 23.31 -25.21
C GLN C 245 -48.29 22.54 -25.82
N ALA C 246 -47.10 23.14 -25.72
CA ALA C 246 -45.89 22.55 -26.25
C ALA C 246 -44.87 22.34 -25.13
N PRO C 247 -44.17 21.20 -25.18
CA PRO C 247 -43.15 20.84 -24.18
C PRO C 247 -42.12 21.94 -24.04
N VAL C 248 -41.68 22.17 -22.81
CA VAL C 248 -40.68 23.20 -22.50
C VAL C 248 -39.51 22.69 -21.66
N ARG C 249 -38.30 22.83 -22.21
CA ARG C 249 -37.10 22.42 -21.53
C ARG C 249 -36.89 23.34 -20.34
N VAL C 250 -36.52 22.78 -19.19
CA VAL C 250 -36.24 23.59 -18.00
C VAL C 250 -34.96 23.08 -17.35
N SER C 251 -34.30 23.96 -16.59
CA SER C 251 -33.06 23.63 -15.89
C SER C 251 -33.35 23.14 -14.45
N MET C 252 -32.85 21.96 -14.10
CA MET C 252 -33.06 21.36 -12.79
C MET C 252 -31.73 21.10 -12.13
N GLN C 253 -31.59 21.43 -10.85
CA GLN C 253 -30.29 21.25 -10.20
C GLN C 253 -30.23 21.27 -8.67
N LEU C 254 -29.15 20.72 -8.11
CA LEU C 254 -28.95 20.65 -6.67
C LEU C 254 -28.51 21.95 -6.05
N ARG C 255 -29.17 22.38 -4.98
CA ARG C 255 -28.81 23.63 -4.36
C ARG C 255 -28.58 23.57 -2.86
N ARG C 256 -27.39 23.97 -2.41
CA ARG C 256 -27.08 23.97 -0.99
C ARG C 256 -27.26 25.37 -0.40
N PRO C 257 -28.43 25.64 0.17
CA PRO C 257 -28.88 26.87 0.80
C PRO C 257 -27.82 27.69 1.54
N SER C 258 -27.09 27.05 2.44
CA SER C 258 -26.09 27.75 3.21
C SER C 258 -25.14 28.60 2.39
N ASP C 259 -24.81 28.20 1.18
CA ASP C 259 -23.88 29.02 0.37
C ASP C 259 -24.28 29.37 -1.07
N ARG C 260 -25.49 29.03 -1.49
CA ARG C 260 -26.00 29.34 -2.84
C ARG C 260 -25.34 28.53 -3.96
N GLU C 261 -24.46 27.62 -3.56
CA GLU C 261 -23.75 26.75 -4.46
C GLU C 261 -24.75 25.92 -5.28
N LEU C 262 -24.44 25.64 -6.55
CA LEU C 262 -25.31 24.86 -7.45
C LEU C 262 -24.56 23.80 -8.26
N SER C 263 -25.11 22.61 -8.33
CA SER C 263 -24.50 21.52 -9.08
C SER C 263 -24.75 21.82 -10.53
N GLU C 264 -24.13 21.06 -11.42
CA GLU C 264 -24.34 21.26 -12.85
C GLU C 264 -25.83 21.00 -13.10
N PRO C 265 -26.45 21.73 -14.05
CA PRO C 265 -27.88 21.56 -14.34
C PRO C 265 -28.18 20.33 -15.16
N MET C 266 -29.37 19.79 -14.94
CA MET C 266 -29.81 18.59 -15.65
C MET C 266 -31.13 18.87 -16.36
N GLU C 267 -31.14 18.69 -17.67
CA GLU C 267 -32.32 18.95 -18.50
C GLU C 267 -33.58 18.20 -18.10
N PHE C 268 -34.66 18.95 -17.96
CA PHE C 268 -35.96 18.42 -17.57
C PHE C 268 -37.02 19.08 -18.43
N GLN C 269 -37.90 18.25 -18.99
CA GLN C 269 -38.96 18.70 -19.89
C GLN C 269 -40.39 18.65 -19.38
N TYR C 270 -40.94 19.83 -19.04
CA TYR C 270 -42.31 19.92 -18.56
C TYR C 270 -43.21 19.69 -19.74
N LEU C 271 -44.28 18.93 -19.55
CA LEU C 271 -45.20 18.60 -20.64
C LEU C 271 -46.67 18.95 -20.44
N PRO C 272 -47.42 19.07 -21.55
CA PRO C 272 -48.84 19.37 -21.38
C PRO C 272 -49.38 18.12 -20.65
N ASP C 273 -50.45 18.25 -19.88
CA ASP C 273 -51.07 17.13 -19.12
C ASP C 273 -51.28 15.99 -20.09
N GLY D 1 -33.32 -37.71 34.40
CA GLY D 1 -32.32 -36.83 35.04
C GLY D 1 -32.68 -35.35 34.96
N PRO D 2 -31.96 -34.49 35.71
CA PRO D 2 -32.14 -33.03 35.78
C PRO D 2 -31.35 -32.29 34.68
N TYR D 3 -32.03 -31.49 33.87
CA TYR D 3 -31.37 -30.78 32.77
C TYR D 3 -31.83 -29.34 32.49
N LEU D 4 -31.11 -28.69 31.55
CA LEU D 4 -31.36 -27.30 31.10
C LEU D 4 -31.85 -27.25 29.64
N GLN D 5 -32.80 -26.36 29.34
CA GLN D 5 -33.40 -26.26 27.98
C GLN D 5 -33.83 -24.85 27.51
N ILE D 6 -33.59 -24.52 26.23
CA ILE D 6 -33.95 -23.21 25.67
C ILE D 6 -35.37 -23.14 25.14
N LEU D 7 -36.18 -22.32 25.79
CA LEU D 7 -37.58 -22.16 25.39
C LEU D 7 -37.70 -21.17 24.26
N GLU D 8 -36.82 -20.16 24.27
CA GLU D 8 -36.81 -19.08 23.25
C GLU D 8 -35.42 -18.64 22.82
N GLN D 9 -35.10 -18.87 21.54
CA GLN D 9 -33.80 -18.53 20.95
C GLN D 9 -33.59 -17.05 20.59
N PRO D 10 -32.38 -16.51 20.90
CA PRO D 10 -32.21 -15.10 20.55
C PRO D 10 -32.49 -14.90 19.07
N LYS D 11 -32.79 -13.68 18.63
CA LYS D 11 -32.95 -13.52 17.18
C LYS D 11 -31.48 -13.59 16.75
N GLN D 12 -31.21 -14.03 15.53
CA GLN D 12 -29.81 -14.15 15.14
C GLN D 12 -29.26 -12.86 14.51
N ARG D 13 -30.12 -12.19 13.77
CA ARG D 13 -29.71 -10.98 13.10
C ARG D 13 -30.62 -9.84 13.43
N GLY D 14 -30.10 -8.64 13.21
CA GLY D 14 -30.88 -7.45 13.45
C GLY D 14 -30.41 -6.73 14.67
N PHE D 15 -29.41 -7.27 15.35
CA PHE D 15 -28.91 -6.63 16.54
C PHE D 15 -27.55 -6.03 16.36
N ARG D 16 -27.30 -4.82 16.85
CA ARG D 16 -25.99 -4.25 16.67
C ARG D 16 -25.08 -4.44 17.86
N PHE D 17 -23.83 -4.82 17.64
CA PHE D 17 -22.91 -4.93 18.77
C PHE D 17 -22.45 -3.50 19.09
N ARG D 18 -22.21 -3.22 20.36
CA ARG D 18 -21.85 -1.87 20.79
C ARG D 18 -20.53 -1.64 21.47
N TYR D 19 -19.71 -0.74 20.94
CA TYR D 19 -18.42 -0.49 21.56
C TYR D 19 -18.54 0.23 22.87
N VAL D 20 -17.47 0.17 23.64
CA VAL D 20 -17.41 0.84 24.92
C VAL D 20 -17.68 2.33 24.74
N CYS D 21 -16.88 2.97 23.93
CA CYS D 21 -17.03 4.39 23.70
C CYS D 21 -18.42 4.86 23.25
N GLU D 22 -19.29 3.96 22.80
CA GLU D 22 -20.60 4.41 22.34
C GLU D 22 -21.56 4.70 23.50
N GLY D 23 -21.24 4.20 24.68
CA GLY D 23 -22.12 4.43 25.81
C GLY D 23 -22.97 3.23 26.22
N PRO D 24 -23.89 3.44 27.19
CA PRO D 24 -24.79 2.41 27.71
C PRO D 24 -26.24 2.49 27.26
N SER D 25 -26.96 1.39 27.46
CA SER D 25 -28.39 1.23 27.13
C SER D 25 -28.90 1.60 25.73
N HIS D 26 -28.46 0.86 24.72
CA HIS D 26 -28.87 1.20 23.36
C HIS D 26 -29.86 0.18 22.82
N GLY D 27 -30.20 -0.82 23.61
CA GLY D 27 -31.12 -1.82 23.12
C GLY D 27 -30.71 -3.20 23.62
N GLY D 28 -31.65 -4.00 23.95
CA GLY D 28 -31.42 -5.32 24.52
C GLY D 28 -31.57 -6.27 23.39
N LEU D 29 -31.42 -7.52 23.70
CA LEU D 29 -31.38 -8.47 22.68
C LEU D 29 -32.71 -8.91 22.27
N PRO D 30 -32.75 -9.92 21.38
CA PRO D 30 -34.12 -10.36 21.10
C PRO D 30 -34.49 -11.83 20.89
N GLY D 31 -35.79 -12.05 20.75
CA GLY D 31 -36.26 -13.39 20.59
C GLY D 31 -37.25 -13.51 19.44
N ALA D 32 -37.62 -14.77 19.17
CA ALA D 32 -38.66 -15.02 18.23
C ALA D 32 -39.97 -14.95 18.56
N SER D 33 -40.26 -14.36 17.36
CA SER D 33 -41.45 -13.54 17.00
C SER D 33 -41.28 -12.37 18.07
N SER D 34 -41.16 -11.38 17.31
CA SER D 34 -40.93 -9.95 17.57
C SER D 34 -42.07 -9.39 16.81
N GLU D 35 -43.19 -9.53 17.46
CA GLU D 35 -44.43 -9.06 16.87
C GLU D 35 -44.43 -7.57 16.98
N LYS D 36 -45.34 -6.93 16.24
CA LYS D 36 -45.46 -5.46 16.18
C LYS D 36 -45.13 -4.72 17.50
N ASN D 37 -45.74 -5.19 18.58
CA ASN D 37 -45.51 -4.58 19.90
C ASN D 37 -44.24 -4.90 20.70
N LYS D 38 -43.29 -5.68 20.17
CA LYS D 38 -41.99 -5.94 20.85
C LYS D 38 -41.82 -7.16 21.73
N LYS D 39 -42.87 -7.94 21.81
CA LYS D 39 -43.03 -9.13 22.68
C LYS D 39 -41.95 -10.20 23.04
N SER D 40 -40.74 -10.18 22.48
CA SER D 40 -39.77 -11.21 22.90
C SER D 40 -39.17 -10.99 24.30
N TYR D 41 -39.09 -12.12 25.01
CA TYR D 41 -38.55 -12.34 26.36
C TYR D 41 -37.90 -13.61 26.11
N PRO D 42 -36.56 -13.61 26.03
CA PRO D 42 -35.97 -14.93 25.78
C PRO D 42 -36.01 -15.69 27.13
N GLN D 43 -36.54 -16.91 27.08
CA GLN D 43 -36.72 -17.67 28.32
C GLN D 43 -36.15 -19.09 28.40
N VAL D 44 -35.07 -19.30 29.14
CA VAL D 44 -34.55 -20.64 29.26
C VAL D 44 -35.48 -21.32 30.25
N LYS D 45 -35.12 -22.51 30.74
CA LYS D 45 -35.94 -23.26 31.71
C LYS D 45 -35.21 -24.51 32.24
N ILE D 46 -35.22 -24.70 33.57
CA ILE D 46 -34.59 -25.87 34.18
C ILE D 46 -35.65 -26.98 34.22
N CYS D 47 -35.26 -28.20 33.81
CA CYS D 47 -36.20 -29.32 33.78
C CYS D 47 -35.84 -30.49 34.70
N ASN D 48 -36.87 -31.10 35.29
CA ASN D 48 -36.69 -32.22 36.21
C ASN D 48 -35.91 -31.75 37.45
N TYR D 49 -36.35 -30.62 38.02
CA TYR D 49 -35.78 -29.99 39.22
C TYR D 49 -36.68 -28.78 39.52
N VAL D 50 -36.90 -28.49 40.79
CA VAL D 50 -37.71 -27.34 41.17
C VAL D 50 -37.20 -26.87 42.52
N GLY D 51 -36.39 -25.83 42.52
CA GLY D 51 -35.84 -25.32 43.76
C GLY D 51 -34.79 -24.31 43.42
N PRO D 52 -34.01 -23.84 44.41
CA PRO D 52 -32.96 -22.84 44.19
C PRO D 52 -32.03 -23.25 43.06
N ALA D 53 -31.68 -22.29 42.21
CA ALA D 53 -30.82 -22.55 41.08
C ALA D 53 -30.10 -21.28 40.59
N LYS D 54 -28.91 -21.48 40.02
CA LYS D 54 -28.09 -20.39 39.52
C LYS D 54 -27.85 -20.63 38.03
N VAL D 55 -28.20 -19.63 37.21
CA VAL D 55 -28.03 -19.69 35.77
C VAL D 55 -27.05 -18.61 35.35
N ILE D 56 -25.97 -18.99 34.67
CA ILE D 56 -25.02 -17.99 34.19
C ILE D 56 -25.07 -17.95 32.65
N VAL D 57 -24.75 -16.79 32.07
CA VAL D 57 -24.76 -16.64 30.62
C VAL D 57 -23.41 -16.11 30.10
N GLN D 58 -22.77 -16.87 29.23
CA GLN D 58 -21.48 -16.47 28.69
C GLN D 58 -21.47 -16.36 27.16
N LEU D 59 -20.56 -15.52 26.66
CA LEU D 59 -20.42 -15.28 25.23
C LEU D 59 -19.34 -16.19 24.66
N VAL D 60 -19.76 -17.07 23.75
CA VAL D 60 -18.86 -18.05 23.15
C VAL D 60 -18.79 -17.92 21.64
N THR D 61 -17.74 -18.51 21.03
CA THR D 61 -17.56 -18.42 19.57
C THR D 61 -18.41 -19.38 18.73
N ASN D 62 -18.38 -19.09 17.45
CA ASN D 62 -19.17 -19.83 16.49
C ASN D 62 -18.33 -20.69 15.61
N GLY D 63 -17.28 -21.27 16.20
CA GLY D 63 -16.43 -22.16 15.44
C GLY D 63 -16.89 -23.59 15.66
N LYS D 64 -16.09 -24.54 15.15
CA LYS D 64 -16.37 -25.96 15.30
C LYS D 64 -16.15 -26.31 16.77
N ASN D 65 -15.10 -25.71 17.35
CA ASN D 65 -14.71 -25.90 18.75
C ASN D 65 -15.03 -24.69 19.63
N ILE D 66 -16.04 -24.86 20.47
CA ILE D 66 -16.50 -23.83 21.40
C ILE D 66 -15.38 -23.23 22.23
N HIS D 67 -15.45 -21.91 22.41
CA HIS D 67 -14.47 -21.17 23.19
C HIS D 67 -15.11 -19.90 23.72
N LEU D 68 -14.43 -19.26 24.66
CA LEU D 68 -14.93 -18.03 25.23
C LEU D 68 -14.71 -16.94 24.18
N HIS D 69 -15.69 -16.06 24.06
CA HIS D 69 -15.56 -14.95 23.12
C HIS D 69 -14.96 -13.78 23.93
N ALA D 70 -14.21 -12.91 23.28
CA ALA D 70 -13.60 -11.78 23.98
C ALA D 70 -14.64 -10.73 24.34
N HIS D 71 -15.77 -10.75 23.63
CA HIS D 71 -16.85 -9.80 23.82
C HIS D 71 -17.54 -10.00 25.15
N SER D 72 -18.15 -8.94 25.64
CA SER D 72 -18.82 -8.95 26.92
C SER D 72 -20.32 -8.84 26.82
N LEU D 73 -21.03 -9.53 27.69
CA LEU D 73 -22.48 -9.47 27.73
C LEU D 73 -22.72 -8.41 28.82
N VAL D 74 -23.39 -7.32 28.48
CA VAL D 74 -23.60 -6.29 29.49
C VAL D 74 -25.08 -5.95 29.72
N GLY D 75 -25.35 -5.15 30.77
CA GLY D 75 -26.70 -4.74 31.12
C GLY D 75 -27.26 -5.23 32.45
N LYS D 76 -28.51 -5.65 32.43
CA LYS D 76 -29.24 -6.15 33.60
C LYS D 76 -28.67 -7.44 34.18
N HIS D 77 -28.12 -7.34 35.38
CA HIS D 77 -27.56 -8.50 36.08
C HIS D 77 -26.20 -8.94 35.54
N CYS D 78 -25.59 -8.13 34.69
CA CYS D 78 -24.32 -8.54 34.14
C CYS D 78 -23.15 -7.96 34.90
N GLU D 79 -22.03 -8.65 34.84
CA GLU D 79 -20.84 -8.20 35.52
C GLU D 79 -19.70 -9.06 35.00
N ASP D 80 -18.56 -8.41 34.73
CA ASP D 80 -17.40 -9.10 34.19
C ASP D 80 -17.77 -10.01 33.03
N GLY D 81 -18.54 -9.44 32.11
CA GLY D 81 -18.97 -10.14 30.92
C GLY D 81 -19.91 -11.29 31.13
N VAL D 82 -20.40 -11.49 32.36
CA VAL D 82 -21.31 -12.60 32.59
C VAL D 82 -22.60 -12.15 33.23
N CYS D 83 -23.69 -12.73 32.74
CA CYS D 83 -25.01 -12.44 33.25
C CYS D 83 -25.38 -13.54 34.23
N THR D 84 -25.58 -13.17 35.49
CA THR D 84 -25.94 -14.11 36.57
C THR D 84 -27.26 -13.77 37.23
N VAL D 85 -28.25 -14.62 37.02
CA VAL D 85 -29.56 -14.43 37.62
C VAL D 85 -29.88 -15.74 38.34
N THR D 86 -30.89 -15.71 39.21
CA THR D 86 -31.29 -16.89 39.95
C THR D 86 -32.67 -17.38 39.50
N ALA D 87 -32.86 -18.70 39.52
CA ALA D 87 -34.11 -19.31 39.10
C ALA D 87 -34.97 -19.58 40.32
N GLY D 88 -35.97 -18.73 40.55
CA GLY D 88 -36.85 -18.88 41.70
C GLY D 88 -37.00 -20.30 42.22
N PRO D 89 -37.19 -20.49 43.55
CA PRO D 89 -37.33 -21.85 44.09
C PRO D 89 -38.57 -22.57 43.53
N LYS D 90 -39.53 -21.78 43.07
CA LYS D 90 -40.75 -22.33 42.50
C LYS D 90 -40.73 -22.19 40.99
N ASP D 91 -40.53 -20.97 40.50
CA ASP D 91 -40.49 -20.69 39.07
C ASP D 91 -39.14 -21.08 38.44
N MET D 92 -39.17 -22.08 37.56
CA MET D 92 -37.95 -22.55 36.93
C MET D 92 -37.71 -22.05 35.51
N VAL D 93 -38.45 -21.02 35.10
CA VAL D 93 -38.34 -20.38 33.77
C VAL D 93 -37.59 -19.02 33.91
N VAL D 94 -36.40 -18.90 33.31
CA VAL D 94 -35.63 -17.65 33.39
C VAL D 94 -35.71 -16.86 32.08
N GLY D 95 -35.84 -15.53 32.16
CA GLY D 95 -35.91 -14.69 30.97
C GLY D 95 -34.70 -13.76 30.94
N PHE D 96 -34.35 -13.20 29.79
CA PHE D 96 -33.18 -12.32 29.76
C PHE D 96 -33.36 -11.02 28.97
N ALA D 97 -34.12 -10.07 29.49
CA ALA D 97 -34.31 -8.80 28.80
C ALA D 97 -33.13 -7.87 29.03
N ASN D 98 -33.17 -6.73 28.38
CA ASN D 98 -32.09 -5.77 28.48
C ASN D 98 -30.73 -6.47 28.58
N LEU D 99 -30.32 -7.04 27.46
CA LEU D 99 -29.06 -7.74 27.34
C LEU D 99 -28.42 -7.16 26.09
N GLY D 100 -27.21 -6.64 26.25
CA GLY D 100 -26.52 -6.06 25.10
C GLY D 100 -25.13 -6.64 24.92
N ILE D 101 -24.63 -6.69 23.69
CA ILE D 101 -23.30 -7.24 23.49
C ILE D 101 -22.34 -6.07 23.45
N LEU D 102 -21.20 -6.23 24.11
CA LEU D 102 -20.20 -5.18 24.13
C LEU D 102 -19.07 -5.62 23.23
N HIS D 103 -18.98 -4.99 22.07
CA HIS D 103 -17.97 -5.27 21.05
C HIS D 103 -16.59 -4.79 21.51
N VAL D 104 -15.67 -5.70 21.75
CA VAL D 104 -14.33 -5.30 22.19
C VAL D 104 -13.61 -4.76 20.97
N THR D 105 -12.59 -3.95 21.18
CA THR D 105 -11.87 -3.41 20.03
C THR D 105 -10.86 -4.43 19.51
N LYS D 106 -10.47 -4.31 18.25
CA LYS D 106 -9.52 -5.23 17.65
C LYS D 106 -8.24 -5.21 18.46
N LYS D 107 -7.74 -4.01 18.70
CA LYS D 107 -6.51 -3.85 19.46
C LYS D 107 -6.50 -4.45 20.86
N LYS D 108 -7.62 -4.43 21.57
CA LYS D 108 -7.65 -5.00 22.91
C LYS D 108 -8.29 -6.39 22.93
N VAL D 109 -8.20 -7.14 21.82
CA VAL D 109 -8.81 -8.47 21.74
C VAL D 109 -8.14 -9.59 22.51
N PHE D 110 -6.81 -9.56 22.51
CA PHE D 110 -5.99 -10.56 23.20
C PHE D 110 -6.06 -10.42 24.74
N GLU D 111 -5.64 -9.27 25.24
CA GLU D 111 -5.64 -9.01 26.66
C GLU D 111 -7.03 -9.14 27.30
N THR D 112 -8.09 -8.78 26.59
CA THR D 112 -9.47 -8.89 27.10
C THR D 112 -9.91 -10.34 27.15
N LEU D 113 -9.38 -11.11 26.20
CA LEU D 113 -9.70 -12.53 26.11
C LEU D 113 -8.93 -13.23 27.21
N GLU D 114 -7.71 -12.79 27.43
CA GLU D 114 -6.88 -13.38 28.46
C GLU D 114 -7.48 -13.17 29.85
N ALA D 115 -8.03 -11.97 30.08
CA ALA D 115 -8.64 -11.64 31.37
C ALA D 115 -9.99 -12.33 31.58
N ARG D 116 -10.66 -12.70 30.48
CA ARG D 116 -11.95 -13.41 30.58
C ARG D 116 -11.73 -14.89 30.93
N MET D 117 -10.63 -15.46 30.42
CA MET D 117 -10.27 -16.86 30.69
C MET D 117 -9.88 -17.00 32.17
N THR D 118 -9.21 -15.95 32.66
CA THR D 118 -8.75 -15.88 34.05
C THR D 118 -9.97 -15.91 34.99
N GLU D 119 -10.91 -14.98 34.76
CA GLU D 119 -12.13 -14.88 35.56
C GLU D 119 -13.00 -16.12 35.53
N ALA D 120 -12.95 -16.86 34.42
CA ALA D 120 -13.73 -18.09 34.25
C ALA D 120 -13.07 -19.32 34.90
N CYS D 121 -11.75 -19.25 35.09
CA CYS D 121 -10.99 -20.32 35.74
C CYS D 121 -11.02 -20.11 37.26
N ILE D 122 -11.15 -18.84 37.68
CA ILE D 122 -11.21 -18.47 39.10
C ILE D 122 -12.60 -18.84 39.63
N ARG D 123 -13.63 -18.54 38.86
CA ARG D 123 -14.98 -18.84 39.29
C ARG D 123 -15.35 -20.27 38.92
N GLY D 124 -14.51 -20.90 38.11
CA GLY D 124 -14.79 -22.27 37.71
C GLY D 124 -16.00 -22.37 36.80
N TYR D 125 -16.16 -21.36 35.96
CA TYR D 125 -17.27 -21.31 35.01
C TYR D 125 -16.85 -22.01 33.72
N ASN D 126 -17.04 -23.33 33.69
CA ASN D 126 -16.70 -24.17 32.54
C ASN D 126 -15.26 -23.97 31.99
N PRO D 127 -14.22 -23.89 32.86
CA PRO D 127 -12.86 -23.69 32.30
C PRO D 127 -12.30 -24.73 31.30
N GLY D 128 -12.76 -25.98 31.38
CA GLY D 128 -12.23 -27.01 30.50
C GLY D 128 -12.81 -27.05 29.10
N LEU D 129 -14.09 -26.70 28.99
CA LEU D 129 -14.75 -26.70 27.70
C LEU D 129 -14.40 -25.43 26.89
N LEU D 130 -14.29 -24.29 27.58
CA LEU D 130 -14.03 -23.01 26.94
C LEU D 130 -12.59 -22.44 26.87
N VAL D 131 -11.76 -22.69 27.89
CA VAL D 131 -10.38 -22.15 27.88
C VAL D 131 -9.36 -23.17 27.38
N HIS D 132 -9.33 -24.33 28.03
CA HIS D 132 -8.40 -25.41 27.66
C HIS D 132 -8.83 -26.75 28.28
N SER D 133 -8.64 -27.83 27.52
CA SER D 133 -8.99 -29.21 27.91
C SER D 133 -8.55 -29.70 29.31
N ASP D 134 -7.28 -29.47 29.65
CA ASP D 134 -6.70 -29.90 30.94
C ASP D 134 -6.80 -28.85 32.07
N LEU D 135 -7.93 -28.15 32.12
CA LEU D 135 -8.17 -27.12 33.13
C LEU D 135 -9.54 -27.41 33.77
N ALA D 136 -10.17 -28.50 33.30
CA ALA D 136 -11.50 -28.93 33.77
C ALA D 136 -11.49 -29.32 35.26
N TYR D 137 -10.29 -29.49 35.81
CA TYR D 137 -10.13 -29.85 37.21
C TYR D 137 -10.51 -28.67 38.13
N LEU D 138 -10.68 -27.50 37.52
CA LEU D 138 -11.04 -26.26 38.24
C LEU D 138 -12.54 -26.05 38.19
N GLN D 139 -13.27 -26.74 39.06
CA GLN D 139 -14.73 -26.59 39.09
C GLN D 139 -15.19 -25.69 40.23
N ALA D 140 -16.23 -24.91 39.97
CA ALA D 140 -16.81 -23.98 40.93
C ALA D 140 -17.23 -24.71 42.20
N GLU D 141 -16.30 -24.75 43.15
CA GLU D 141 -16.52 -25.42 44.43
C GLU D 141 -16.76 -24.34 45.51
N GLY D 142 -17.80 -23.52 45.30
CA GLY D 142 -18.06 -22.43 46.23
C GLY D 142 -16.86 -21.52 46.08
N GLY D 143 -16.15 -21.70 44.96
CA GLY D 143 -14.94 -20.96 44.64
C GLY D 143 -13.83 -21.89 44.15
N GLY D 144 -14.13 -22.67 43.12
CA GLY D 144 -13.17 -23.62 42.57
C GLY D 144 -11.78 -23.09 42.28
N ASP D 145 -10.96 -23.02 43.33
CA ASP D 145 -9.58 -22.52 43.25
C ASP D 145 -9.54 -21.02 43.13
N ARG D 146 -10.00 -20.32 44.17
CA ARG D 146 -10.04 -18.86 44.17
C ARG D 146 -8.68 -18.20 43.84
N GLN D 147 -7.64 -19.01 43.73
CA GLN D 147 -6.32 -18.50 43.40
C GLN D 147 -5.58 -19.40 42.39
N LEU D 148 -5.32 -18.84 41.21
CA LEU D 148 -4.65 -19.54 40.11
C LEU D 148 -3.12 -19.65 40.29
N THR D 149 -2.61 -20.86 40.06
CA THR D 149 -1.18 -21.17 40.17
C THR D 149 -0.44 -20.45 39.03
N ASP D 150 0.89 -20.59 38.98
CA ASP D 150 1.68 -19.96 37.92
C ASP D 150 1.71 -20.80 36.65
N ARG D 151 1.34 -22.07 36.78
CA ARG D 151 1.28 -23.01 35.65
C ARG D 151 -0.10 -22.91 35.00
N GLU D 152 -1.08 -22.46 35.77
CA GLU D 152 -2.44 -22.29 35.27
C GLU D 152 -2.52 -20.96 34.49
N LYS D 153 -1.66 -20.01 34.85
CA LYS D 153 -1.59 -18.70 34.18
C LYS D 153 -0.88 -18.89 32.81
N GLU D 154 -0.10 -19.97 32.71
CA GLU D 154 0.64 -20.32 31.50
C GLU D 154 -0.22 -21.10 30.50
N ILE D 155 -1.26 -21.77 31.01
CA ILE D 155 -2.21 -22.53 30.18
C ILE D 155 -3.15 -21.50 29.51
N ILE D 156 -3.54 -20.49 30.29
CA ILE D 156 -4.42 -19.40 29.82
C ILE D 156 -3.69 -18.49 28.81
N ARG D 157 -2.42 -18.19 29.04
CA ARG D 157 -1.64 -17.35 28.13
C ARG D 157 -1.46 -18.01 26.76
N GLN D 158 -1.37 -19.35 26.76
CA GLN D 158 -1.21 -20.14 25.53
C GLN D 158 -2.52 -20.39 24.79
N ALA D 159 -3.62 -20.50 25.54
CA ALA D 159 -4.94 -20.72 24.97
C ALA D 159 -5.44 -19.41 24.35
N ALA D 160 -5.09 -18.31 25.02
CA ALA D 160 -5.46 -16.96 24.59
C ALA D 160 -4.81 -16.62 23.26
N VAL D 161 -3.47 -16.70 23.21
CA VAL D 161 -2.74 -16.40 21.98
C VAL D 161 -3.19 -17.27 20.80
N GLN D 162 -3.50 -18.54 21.07
CA GLN D 162 -3.93 -19.49 20.04
C GLN D 162 -5.35 -19.26 19.54
N GLN D 163 -6.25 -18.89 20.45
CA GLN D 163 -7.65 -18.63 20.09
C GLN D 163 -7.90 -17.24 19.44
N THR D 164 -6.95 -16.32 19.57
CA THR D 164 -7.10 -14.96 19.01
C THR D 164 -6.62 -14.82 17.57
N LYS D 165 -5.85 -15.78 17.10
CA LYS D 165 -5.39 -15.68 15.73
C LYS D 165 -6.57 -16.00 14.82
N GLU D 166 -7.67 -16.47 15.42
CA GLU D 166 -8.88 -16.80 14.65
C GLU D 166 -10.22 -16.63 15.37
N MET D 167 -10.58 -15.39 15.70
CA MET D 167 -11.85 -15.11 16.37
C MET D 167 -12.73 -14.14 15.61
N ASP D 168 -13.87 -14.63 15.12
CA ASP D 168 -14.80 -13.79 14.37
C ASP D 168 -15.48 -12.79 15.31
N LEU D 169 -15.03 -11.55 15.27
CA LEU D 169 -15.63 -10.54 16.12
C LEU D 169 -17.03 -10.18 15.64
N SER D 170 -17.44 -10.70 14.50
CA SER D 170 -18.76 -10.35 13.99
C SER D 170 -19.90 -11.34 14.25
N VAL D 171 -19.58 -12.46 14.91
CA VAL D 171 -20.61 -13.41 15.27
C VAL D 171 -20.27 -13.98 16.63
N VAL D 172 -21.32 -14.25 17.41
CA VAL D 172 -21.18 -14.74 18.77
C VAL D 172 -22.40 -15.57 19.21
N ARG D 173 -22.18 -16.42 20.23
CA ARG D 173 -23.23 -17.27 20.79
C ARG D 173 -23.38 -17.22 22.31
N LEU D 174 -24.62 -17.40 22.74
CA LEU D 174 -24.93 -17.39 24.14
C LEU D 174 -24.77 -18.83 24.62
N MET D 175 -24.36 -19.01 25.88
CA MET D 175 -24.21 -20.34 26.49
C MET D 175 -24.65 -20.30 27.95
N PHE D 176 -25.79 -20.92 28.24
CA PHE D 176 -26.32 -20.96 29.61
C PHE D 176 -25.82 -22.15 30.40
N THR D 177 -25.43 -21.90 31.64
CA THR D 177 -24.94 -22.94 32.52
C THR D 177 -25.74 -22.84 33.81
N ALA D 178 -26.42 -23.92 34.21
CA ALA D 178 -27.20 -23.93 35.45
C ALA D 178 -26.39 -24.59 36.58
N PHE D 179 -26.52 -24.03 37.78
CA PHE D 179 -25.83 -24.55 38.95
C PHE D 179 -26.86 -24.81 40.07
N LEU D 180 -26.97 -26.04 40.56
CA LEU D 180 -27.92 -26.32 41.63
C LEU D 180 -27.18 -26.34 42.97
N PRO D 181 -27.89 -26.06 44.08
CA PRO D 181 -27.35 -26.03 45.45
C PRO D 181 -26.84 -27.40 45.97
N ASP D 182 -25.58 -27.49 46.37
CA ASP D 182 -25.06 -28.76 46.88
C ASP D 182 -25.50 -28.93 48.36
N SER D 183 -24.73 -29.71 49.12
CA SER D 183 -25.05 -29.98 50.53
C SER D 183 -25.08 -28.72 51.39
N THR D 184 -23.99 -27.96 51.27
CA THR D 184 -23.76 -26.73 52.02
C THR D 184 -24.77 -25.63 51.66
N GLY D 185 -25.30 -25.68 50.43
CA GLY D 185 -26.25 -24.68 49.98
C GLY D 185 -25.64 -23.85 48.85
N SER D 186 -24.34 -24.04 48.64
CA SER D 186 -23.57 -23.34 47.60
C SER D 186 -23.86 -23.95 46.23
N PHE D 187 -24.31 -23.13 45.27
CA PHE D 187 -24.63 -23.64 43.95
C PHE D 187 -23.37 -24.04 43.17
N THR D 188 -22.95 -25.29 43.35
CA THR D 188 -21.76 -25.82 42.69
C THR D 188 -22.08 -27.04 41.84
N ARG D 189 -23.36 -27.42 41.85
CA ARG D 189 -23.82 -28.56 41.08
C ARG D 189 -24.07 -28.13 39.63
N ARG D 190 -23.13 -28.43 38.72
CA ARG D 190 -23.25 -28.04 37.30
C ARG D 190 -23.99 -29.01 36.39
N LEU D 191 -24.96 -28.49 35.63
CA LEU D 191 -25.75 -29.29 34.68
C LEU D 191 -25.10 -29.10 33.31
N GLU D 192 -25.43 -29.97 32.36
CA GLU D 192 -24.87 -29.86 31.02
C GLU D 192 -25.24 -28.52 30.39
N PRO D 193 -24.24 -27.65 30.15
CA PRO D 193 -24.49 -26.34 29.53
C PRO D 193 -25.03 -26.49 28.12
N VAL D 194 -25.96 -25.62 27.72
CA VAL D 194 -26.55 -25.65 26.37
C VAL D 194 -26.32 -24.30 25.66
N VAL D 195 -25.72 -24.35 24.45
CA VAL D 195 -25.46 -23.12 23.67
C VAL D 195 -26.63 -22.72 22.75
N SER D 196 -26.65 -21.44 22.38
CA SER D 196 -27.71 -20.90 21.55
C SER D 196 -27.32 -20.74 20.10
N ASP D 197 -28.33 -20.43 19.29
CA ASP D 197 -28.14 -20.20 17.87
C ASP D 197 -27.06 -19.15 17.81
N ALA D 198 -26.74 -18.71 16.61
CA ALA D 198 -25.73 -17.68 16.50
C ALA D 198 -26.42 -16.33 16.36
N ILE D 199 -25.74 -15.28 16.81
CA ILE D 199 -26.27 -13.94 16.70
C ILE D 199 -25.23 -13.12 15.98
N TYR D 200 -25.66 -12.55 14.85
CA TYR D 200 -24.80 -11.78 13.97
C TYR D 200 -24.91 -10.26 14.12
N ASP D 201 -23.76 -9.66 14.41
CA ASP D 201 -23.61 -8.22 14.57
C ASP D 201 -24.32 -7.55 13.40
N SER D 202 -25.15 -6.55 13.66
CA SER D 202 -25.83 -5.87 12.58
C SER D 202 -24.95 -4.81 11.96
N LYS D 203 -23.83 -4.48 12.58
CA LYS D 203 -22.95 -3.48 12.01
C LYS D 203 -21.89 -4.14 11.07
N ALA D 204 -22.16 -5.40 10.74
CA ALA D 204 -21.32 -6.18 9.85
C ALA D 204 -21.96 -5.85 8.49
N PRO D 205 -21.12 -5.57 7.47
CA PRO D 205 -21.71 -5.24 6.16
C PRO D 205 -22.45 -6.44 5.55
N ASN D 206 -22.03 -7.61 5.99
CA ASN D 206 -22.56 -8.88 5.54
C ASN D 206 -23.59 -9.42 6.51
N ALA D 207 -24.38 -8.54 7.11
CA ALA D 207 -25.39 -9.00 8.05
C ALA D 207 -26.36 -7.93 8.53
N SER D 208 -26.41 -6.79 7.87
CA SER D 208 -27.35 -5.80 8.32
C SER D 208 -28.66 -6.32 7.79
N ASN D 209 -29.74 -5.96 8.46
CA ASN D 209 -31.04 -6.38 8.02
C ASN D 209 -31.21 -6.00 6.53
N LEU D 210 -30.94 -6.94 5.63
CA LEU D 210 -31.09 -6.65 4.21
C LEU D 210 -32.49 -6.13 3.96
N LYS D 211 -32.63 -4.86 3.58
CA LYS D 211 -33.97 -4.32 3.36
C LYS D 211 -34.13 -3.43 2.14
N ILE D 212 -35.31 -3.54 1.53
CA ILE D 212 -35.65 -2.78 0.35
C ILE D 212 -36.44 -1.60 0.84
N VAL D 213 -35.77 -0.47 1.00
CA VAL D 213 -36.39 0.77 1.49
C VAL D 213 -37.50 1.40 0.66
N ARG D 214 -37.32 1.49 -0.65
CA ARG D 214 -38.34 2.09 -1.47
C ARG D 214 -38.01 1.66 -2.88
N MET D 215 -39.01 1.70 -3.75
CA MET D 215 -38.85 1.32 -5.15
C MET D 215 -39.72 2.22 -6.00
N ASP D 216 -39.14 2.85 -7.00
CA ASP D 216 -39.93 3.74 -7.81
C ASP D 216 -41.08 3.07 -8.54
N ARG D 217 -40.97 1.78 -8.81
CA ARG D 217 -42.01 1.06 -9.52
C ARG D 217 -42.28 -0.32 -8.90
N THR D 218 -43.54 -0.66 -8.61
CA THR D 218 -43.81 -1.98 -8.03
C THR D 218 -44.67 -2.85 -8.93
N ALA D 219 -44.57 -2.62 -10.22
CA ALA D 219 -45.31 -3.40 -11.20
C ALA D 219 -44.47 -3.43 -12.46
N GLY D 220 -44.75 -4.37 -13.36
CA GLY D 220 -43.98 -4.44 -14.58
C GLY D 220 -44.53 -5.40 -15.61
N CYS D 221 -44.29 -5.09 -16.87
CA CYS D 221 -44.76 -5.96 -17.93
C CYS D 221 -44.01 -7.29 -17.85
N VAL D 222 -44.69 -8.33 -18.33
CA VAL D 222 -44.16 -9.69 -18.35
C VAL D 222 -42.95 -9.88 -19.28
N THR D 223 -42.76 -8.95 -20.20
CA THR D 223 -41.65 -8.98 -21.14
C THR D 223 -40.37 -8.53 -20.43
N GLY D 224 -40.56 -7.88 -19.28
CA GLY D 224 -39.46 -7.39 -18.48
C GLY D 224 -38.51 -6.47 -19.22
N GLY D 225 -37.34 -6.25 -18.62
CA GLY D 225 -36.33 -5.40 -19.21
C GLY D 225 -36.44 -3.99 -18.68
N GLU D 226 -37.63 -3.69 -18.14
CA GLU D 226 -37.95 -2.38 -17.60
C GLU D 226 -36.94 -1.97 -16.52
N GLU D 227 -36.61 -0.67 -16.45
CA GLU D 227 -35.63 -0.16 -15.47
C GLU D 227 -36.24 0.34 -14.17
N ILE D 228 -35.69 -0.13 -13.06
CA ILE D 228 -36.19 0.25 -11.73
C ILE D 228 -35.14 0.85 -10.79
N TYR D 229 -35.54 1.91 -10.11
CA TYR D 229 -34.68 2.57 -9.12
C TYR D 229 -35.13 2.10 -7.76
N LEU D 230 -34.19 1.57 -6.98
CA LEU D 230 -34.50 1.06 -5.67
C LEU D 230 -33.46 1.47 -4.63
N LEU D 231 -33.90 2.02 -3.51
CA LEU D 231 -33.00 2.43 -2.46
C LEU D 231 -32.90 1.26 -1.49
N CYS D 232 -31.92 1.25 -0.61
CA CYS D 232 -31.81 0.11 0.30
C CYS D 232 -30.85 0.40 1.43
N ASP D 233 -30.67 -0.58 2.30
CA ASP D 233 -29.77 -0.43 3.41
C ASP D 233 -28.43 -0.95 2.94
N LYS D 234 -27.37 -0.46 3.55
CA LYS D 234 -26.04 -0.85 3.20
C LYS D 234 -26.03 -2.23 2.56
N VAL D 235 -25.32 -2.33 1.44
CA VAL D 235 -25.15 -3.59 0.72
C VAL D 235 -23.81 -3.47 0.03
N GLN D 236 -23.27 -4.60 -0.42
CA GLN D 236 -21.97 -4.64 -1.08
C GLN D 236 -22.20 -4.78 -2.57
N LYS D 237 -21.50 -3.99 -3.38
CA LYS D 237 -21.80 -4.10 -4.77
C LYS D 237 -21.67 -5.50 -5.28
N ASP D 238 -20.50 -6.08 -5.10
CA ASP D 238 -20.29 -7.41 -5.64
C ASP D 238 -21.00 -8.56 -4.92
N ASP D 239 -21.46 -8.32 -3.71
CA ASP D 239 -22.13 -9.36 -2.96
C ASP D 239 -23.65 -9.15 -2.81
N ILE D 240 -24.37 -8.95 -3.92
CA ILE D 240 -25.80 -8.77 -3.81
C ILE D 240 -26.54 -9.00 -5.12
N GLN D 241 -27.78 -9.48 -5.01
CA GLN D 241 -28.63 -9.80 -6.17
C GLN D 241 -30.08 -9.40 -5.87
N ILE D 242 -30.86 -9.08 -6.89
CA ILE D 242 -32.27 -8.80 -6.67
C ILE D 242 -32.93 -10.06 -7.21
N ARG D 243 -33.68 -10.78 -6.35
CA ARG D 243 -34.33 -12.04 -6.74
C ARG D 243 -35.85 -12.02 -6.86
N PHE D 244 -36.35 -12.18 -8.07
CA PHE D 244 -37.78 -12.22 -8.27
C PHE D 244 -38.17 -13.69 -8.15
N TYR D 245 -39.41 -13.95 -7.75
CA TYR D 245 -39.84 -15.33 -7.59
C TYR D 245 -41.32 -15.46 -7.22
N GLU D 246 -41.82 -16.68 -7.31
CA GLU D 246 -43.21 -16.97 -6.99
C GLU D 246 -43.44 -18.47 -6.72
N GLU D 247 -44.26 -18.74 -5.71
CA GLU D 247 -44.63 -20.09 -5.34
C GLU D 247 -45.34 -20.79 -6.50
N GLU D 248 -44.85 -21.95 -6.94
CA GLU D 248 -45.50 -22.64 -8.06
C GLU D 248 -46.62 -23.59 -7.60
N GLU D 249 -47.17 -24.33 -8.56
CA GLU D 249 -48.24 -25.28 -8.27
C GLU D 249 -47.62 -26.54 -7.64
N ASN D 250 -46.56 -27.04 -8.28
CA ASN D 250 -45.85 -28.24 -7.84
C ASN D 250 -45.02 -28.07 -6.56
N GLY D 251 -45.02 -26.88 -5.98
CA GLY D 251 -44.25 -26.65 -4.77
C GLY D 251 -42.94 -25.93 -5.08
N GLY D 252 -42.50 -26.02 -6.33
CA GLY D 252 -41.26 -25.37 -6.74
C GLY D 252 -41.45 -23.87 -6.90
N VAL D 253 -40.41 -23.18 -7.36
CA VAL D 253 -40.51 -21.74 -7.51
C VAL D 253 -39.90 -21.23 -8.79
N TRP D 254 -40.55 -20.23 -9.38
CA TRP D 254 -40.06 -19.61 -10.59
C TRP D 254 -39.05 -18.56 -10.12
N GLU D 255 -37.83 -18.68 -10.59
CA GLU D 255 -36.80 -17.74 -10.17
C GLU D 255 -36.36 -16.83 -11.29
N GLY D 256 -36.23 -15.54 -10.99
CA GLY D 256 -35.79 -14.57 -11.98
C GLY D 256 -34.99 -13.48 -11.31
N PHE D 257 -33.96 -12.97 -11.97
CA PHE D 257 -33.15 -11.94 -11.34
C PHE D 257 -33.13 -10.60 -12.04
N GLY D 258 -32.65 -9.61 -11.31
CA GLY D 258 -32.56 -8.28 -11.86
C GLY D 258 -31.25 -8.15 -12.59
N ASP D 259 -31.28 -7.42 -13.70
CA ASP D 259 -30.08 -7.23 -14.50
C ASP D 259 -29.49 -5.93 -14.07
N PHE D 260 -28.23 -5.99 -13.65
CA PHE D 260 -27.51 -4.82 -13.20
C PHE D 260 -26.10 -5.26 -12.87
N SER D 261 -25.15 -4.33 -12.91
CA SER D 261 -23.78 -4.65 -12.62
C SER D 261 -23.33 -3.80 -11.46
N PRO D 262 -22.30 -4.24 -10.72
CA PRO D 262 -21.69 -3.58 -9.56
C PRO D 262 -21.55 -2.06 -9.67
N THR D 263 -21.50 -1.59 -10.89
CA THR D 263 -21.38 -0.17 -11.15
C THR D 263 -22.76 0.47 -10.98
N ASP D 264 -23.81 -0.32 -11.18
CA ASP D 264 -25.19 0.15 -11.02
C ASP D 264 -25.54 0.35 -9.53
N VAL D 265 -24.66 -0.12 -8.64
CA VAL D 265 -24.87 -0.02 -7.21
C VAL D 265 -24.31 1.26 -6.60
N HIS D 266 -25.15 2.26 -6.64
CA HIS D 266 -24.90 3.60 -6.16
C HIS D 266 -24.60 3.83 -4.68
N ARG D 267 -23.35 4.17 -4.38
CA ARG D 267 -22.91 4.49 -3.03
C ARG D 267 -23.34 3.58 -1.91
N GLN D 268 -23.51 2.31 -2.24
CA GLN D 268 -23.89 1.24 -1.31
C GLN D 268 -25.33 1.26 -0.94
N PHE D 269 -26.04 2.33 -1.27
CA PHE D 269 -27.45 2.40 -0.90
C PHE D 269 -28.54 2.25 -1.92
N ALA D 270 -28.20 2.19 -3.20
CA ALA D 270 -29.24 2.02 -4.19
C ALA D 270 -28.84 1.17 -5.38
N ILE D 271 -29.83 0.69 -6.11
CA ILE D 271 -29.54 -0.15 -7.24
C ILE D 271 -30.44 0.10 -8.42
N VAL D 272 -29.86 0.46 -9.54
CA VAL D 272 -30.66 0.65 -10.73
C VAL D 272 -30.52 -0.66 -11.50
N PHE D 273 -31.64 -1.34 -11.70
CA PHE D 273 -31.58 -2.61 -12.41
C PHE D 273 -32.69 -2.70 -13.44
N LYS D 274 -32.72 -3.84 -14.13
CA LYS D 274 -33.73 -4.11 -15.16
C LYS D 274 -34.48 -5.41 -14.89
N THR D 275 -35.80 -5.29 -14.81
CA THR D 275 -36.67 -6.43 -14.55
C THR D 275 -36.37 -7.63 -15.41
N PRO D 276 -36.53 -8.84 -14.85
CA PRO D 276 -36.26 -10.06 -15.59
C PRO D 276 -37.55 -10.46 -16.30
N LYS D 277 -37.42 -11.21 -17.38
CA LYS D 277 -38.60 -11.63 -18.12
C LYS D 277 -39.40 -12.62 -17.28
N TYR D 278 -40.70 -12.38 -17.15
CA TYR D 278 -41.52 -13.28 -16.37
C TYR D 278 -41.57 -14.66 -17.02
N LYS D 279 -41.90 -15.67 -16.21
CA LYS D 279 -41.97 -17.05 -16.67
C LYS D 279 -42.88 -17.28 -17.90
N ASP D 280 -43.94 -16.48 -18.01
CA ASP D 280 -44.88 -16.63 -19.11
C ASP D 280 -45.26 -15.28 -19.71
N VAL D 281 -44.59 -14.89 -20.79
CA VAL D 281 -44.88 -13.60 -21.43
C VAL D 281 -46.24 -13.47 -22.09
N ASN D 282 -47.04 -14.54 -22.12
CA ASN D 282 -48.34 -14.42 -22.76
C ASN D 282 -49.58 -14.68 -21.91
N ILE D 283 -49.50 -14.37 -20.61
CA ILE D 283 -50.66 -14.59 -19.77
C ILE D 283 -51.71 -13.56 -20.20
N THR D 284 -52.92 -13.64 -19.70
CA THR D 284 -53.89 -12.64 -20.11
C THR D 284 -54.21 -11.79 -18.90
N LYS D 285 -53.87 -12.30 -17.72
CA LYS D 285 -54.12 -11.55 -16.49
C LYS D 285 -52.86 -11.33 -15.68
N PRO D 286 -52.78 -10.18 -14.98
CA PRO D 286 -51.60 -9.87 -14.17
C PRO D 286 -51.42 -10.92 -13.07
N ALA D 287 -50.17 -11.14 -12.68
CA ALA D 287 -49.86 -12.09 -11.64
C ALA D 287 -48.91 -11.42 -10.65
N SER D 288 -49.07 -11.73 -9.37
CA SER D 288 -48.21 -11.16 -8.36
C SER D 288 -47.11 -12.13 -7.94
N VAL D 289 -45.89 -11.61 -7.87
CA VAL D 289 -44.76 -12.42 -7.46
C VAL D 289 -44.10 -11.68 -6.31
N PHE D 290 -42.89 -12.09 -5.99
CA PHE D 290 -42.16 -11.46 -4.92
C PHE D 290 -40.80 -11.01 -5.45
N VAL D 291 -40.20 -10.05 -4.78
CA VAL D 291 -38.89 -9.52 -5.16
C VAL D 291 -38.13 -9.20 -3.89
N GLN D 292 -36.89 -9.64 -3.82
CA GLN D 292 -36.12 -9.41 -2.61
C GLN D 292 -34.68 -9.20 -2.99
N LEU D 293 -33.84 -8.82 -2.04
CA LEU D 293 -32.42 -8.65 -2.33
C LEU D 293 -31.84 -9.98 -1.82
N ARG D 294 -30.54 -10.24 -1.99
CA ARG D 294 -29.98 -11.49 -1.46
C ARG D 294 -28.47 -11.58 -1.51
N ARG D 295 -27.80 -11.74 -0.37
CA ARG D 295 -26.34 -11.85 -0.34
C ARG D 295 -25.95 -13.19 -0.97
N LYS D 296 -24.95 -13.20 -1.83
CA LYS D 296 -24.53 -14.44 -2.43
C LYS D 296 -23.86 -15.15 -1.27
N SER D 297 -22.78 -14.52 -0.79
CA SER D 297 -21.98 -15.03 0.32
C SER D 297 -22.74 -15.88 1.33
N ASP D 298 -23.90 -15.43 1.80
CA ASP D 298 -24.62 -16.21 2.80
C ASP D 298 -26.09 -16.48 2.49
N LEU D 299 -26.48 -16.15 1.27
CA LEU D 299 -27.85 -16.37 0.84
C LEU D 299 -28.96 -15.90 1.76
N GLU D 300 -28.69 -14.85 2.53
CA GLU D 300 -29.72 -14.28 3.40
C GLU D 300 -30.51 -13.29 2.57
N THR D 301 -31.82 -13.22 2.79
CA THR D 301 -32.63 -12.34 1.98
C THR D 301 -33.36 -11.26 2.76
N SER D 302 -33.88 -10.28 2.03
CA SER D 302 -34.64 -9.20 2.63
C SER D 302 -36.04 -9.78 2.70
N GLU D 303 -37.01 -8.97 3.10
CA GLU D 303 -38.36 -9.47 3.20
C GLU D 303 -39.10 -9.47 1.89
N PRO D 304 -39.66 -10.63 1.54
CA PRO D 304 -40.40 -10.75 0.29
C PRO D 304 -41.28 -9.50 0.12
N LYS D 305 -41.04 -8.76 -0.95
CA LYS D 305 -41.81 -7.57 -1.21
C LYS D 305 -42.59 -7.73 -2.52
N PRO D 306 -43.92 -7.62 -2.46
CA PRO D 306 -44.81 -7.75 -3.61
C PRO D 306 -44.49 -6.94 -4.84
N PHE D 307 -44.68 -7.59 -5.98
CA PHE D 307 -44.45 -6.98 -7.28
C PHE D 307 -45.51 -7.56 -8.20
N LEU D 308 -45.98 -6.75 -9.13
CA LEU D 308 -47.02 -7.21 -10.02
C LEU D 308 -46.59 -7.20 -11.49
N TYR D 309 -46.64 -8.37 -12.10
CA TYR D 309 -46.32 -8.51 -13.51
C TYR D 309 -47.61 -8.45 -14.32
N TYR D 310 -47.72 -7.52 -15.26
CA TYR D 310 -48.94 -7.41 -16.07
C TYR D 310 -48.63 -7.69 -17.54
N PRO D 311 -49.65 -8.14 -18.31
CA PRO D 311 -49.49 -8.45 -19.73
C PRO D 311 -49.24 -7.26 -20.64
N GLU D 312 -48.93 -7.57 -21.90
CA GLU D 312 -48.69 -6.56 -22.91
C GLU D 312 -48.98 -7.07 -24.31
N ALA E 1 56.54 0.98 12.57
CA ALA E 1 56.07 0.53 11.23
C ALA E 1 54.53 0.59 11.11
N TYR E 2 54.03 1.40 10.18
CA TYR E 2 52.59 1.55 9.95
C TYR E 2 52.24 1.49 8.46
N VAL E 3 50.95 1.66 8.16
CA VAL E 3 50.44 1.64 6.77
C VAL E 3 49.64 2.92 6.44
N GLU E 4 49.84 3.44 5.22
CA GLU E 4 49.15 4.65 4.74
C GLU E 4 48.85 4.51 3.23
N ILE E 5 47.63 4.89 2.83
CA ILE E 5 47.21 4.77 1.44
C ILE E 5 47.75 5.89 0.52
N ILE E 6 48.82 5.61 -0.22
CA ILE E 6 49.43 6.56 -1.16
C ILE E 6 48.38 7.00 -2.17
N GLU E 7 47.63 6.01 -2.64
CA GLU E 7 46.59 6.22 -3.63
C GLU E 7 45.28 5.56 -3.16
N GLN E 8 44.22 6.36 -3.10
CA GLN E 8 42.91 5.87 -2.67
C GLN E 8 42.12 5.34 -3.87
N PRO E 9 41.28 4.33 -3.65
CA PRO E 9 40.46 3.73 -4.72
C PRO E 9 39.41 4.75 -5.14
N LYS E 10 39.03 4.79 -6.42
CA LYS E 10 38.02 5.77 -6.84
C LYS E 10 36.74 5.45 -6.08
N GLN E 11 36.03 6.49 -5.63
CA GLN E 11 34.83 6.25 -4.87
C GLN E 11 33.62 5.91 -5.71
N ARG E 12 33.36 6.70 -6.75
CA ARG E 12 32.21 6.42 -7.59
C ARG E 12 32.65 6.11 -9.02
N GLY E 13 31.79 5.41 -9.75
CA GLY E 13 32.10 5.05 -11.12
C GLY E 13 31.91 3.57 -11.41
N MET E 14 32.48 2.73 -10.55
CA MET E 14 32.42 1.26 -10.70
C MET E 14 31.32 0.57 -9.92
N ARG E 15 30.46 -0.13 -10.65
CA ARG E 15 29.34 -0.86 -10.04
C ARG E 15 29.68 -2.31 -9.68
N PHE E 16 29.35 -2.67 -8.44
CA PHE E 16 29.60 -4.01 -7.91
C PHE E 16 28.89 -4.93 -8.83
N ARG E 17 29.52 -6.03 -9.19
CA ARG E 17 28.91 -6.96 -10.10
C ARG E 17 28.47 -8.22 -9.39
N TYR E 18 27.26 -8.68 -9.71
CA TYR E 18 26.68 -9.87 -9.09
C TYR E 18 27.37 -11.18 -9.43
N LYS E 19 27.28 -12.15 -8.52
CA LYS E 19 27.91 -13.44 -8.73
C LYS E 19 27.46 -13.96 -10.07
N CYS E 20 26.18 -13.78 -10.37
CA CYS E 20 25.62 -14.27 -11.63
C CYS E 20 26.25 -13.62 -12.85
N GLU E 21 26.77 -12.41 -12.67
CA GLU E 21 27.42 -11.69 -13.76
C GLU E 21 28.79 -12.24 -14.07
N GLY E 22 29.04 -12.48 -15.36
CA GLY E 22 30.32 -13.02 -15.77
C GLY E 22 30.86 -14.03 -14.77
N ARG E 23 32.19 -14.21 -14.78
CA ARG E 23 32.88 -15.12 -13.86
C ARG E 23 33.69 -14.19 -12.94
N SER E 24 34.18 -13.12 -13.56
CA SER E 24 34.97 -12.09 -12.91
C SER E 24 34.48 -10.73 -13.37
N ALA E 25 34.56 -9.77 -12.46
CA ALA E 25 34.13 -8.43 -12.76
C ALA E 25 35.39 -7.64 -13.05
N GLY E 26 35.20 -6.45 -13.64
CA GLY E 26 36.33 -5.59 -13.95
C GLY E 26 37.13 -5.37 -12.69
N SER E 27 38.11 -4.49 -12.74
CA SER E 27 38.90 -4.25 -11.55
C SER E 27 38.84 -2.79 -11.11
N ILE E 28 38.68 -2.62 -9.79
CA ILE E 28 38.60 -1.29 -9.20
C ILE E 28 39.70 -0.46 -9.79
N PRO E 29 39.35 0.70 -10.34
CA PRO E 29 40.25 1.66 -10.95
C PRO E 29 40.80 2.47 -9.78
N GLY E 30 41.78 3.31 -10.03
CA GLY E 30 42.34 4.14 -8.96
C GLY E 30 41.71 5.51 -9.05
N GLU E 31 41.74 6.28 -7.97
CA GLU E 31 41.13 7.60 -7.95
C GLU E 31 41.62 8.59 -9.02
N ARG E 32 42.94 8.69 -9.16
CA ARG E 32 43.57 9.60 -10.13
C ARG E 32 43.17 9.31 -11.58
N SER E 33 43.20 8.03 -11.94
CA SER E 33 42.90 7.59 -13.30
C SER E 33 41.83 8.36 -14.00
N THR E 34 42.03 8.45 -15.31
CA THR E 34 41.13 9.11 -16.21
C THR E 34 41.45 8.63 -17.61
N ASP E 35 40.88 9.33 -18.57
CA ASP E 35 41.03 9.08 -20.00
C ASP E 35 42.51 8.89 -20.32
N THR E 36 43.26 9.94 -19.98
CA THR E 36 44.70 10.01 -20.24
C THR E 36 45.69 9.40 -19.24
N THR E 37 45.25 8.76 -18.13
CA THR E 37 46.25 8.18 -17.21
C THR E 37 45.98 6.86 -16.45
N LYS E 38 47.10 6.23 -16.07
CA LYS E 38 47.14 4.95 -15.35
C LYS E 38 46.95 5.20 -13.86
N THR E 39 46.11 4.38 -13.24
CA THR E 39 45.86 4.54 -11.81
C THR E 39 45.99 3.29 -10.98
N HIS E 40 46.64 3.45 -9.83
CA HIS E 40 46.87 2.33 -8.92
C HIS E 40 46.42 2.56 -7.49
N PRO E 41 45.44 1.79 -7.01
CA PRO E 41 45.02 2.01 -5.62
C PRO E 41 46.06 1.38 -4.66
N THR E 42 47.15 2.09 -4.41
CA THR E 42 48.29 1.65 -3.57
C THR E 42 48.26 1.92 -2.04
N ILE E 43 49.24 1.37 -1.32
CA ILE E 43 49.44 1.56 0.13
C ILE E 43 50.95 1.66 0.37
N LYS E 44 51.35 2.28 1.49
CA LYS E 44 52.78 2.45 1.80
C LYS E 44 53.14 1.99 3.23
N ILE E 45 54.19 1.20 3.36
CA ILE E 45 54.63 0.73 4.68
C ILE E 45 55.78 1.62 5.19
N ASN E 46 55.55 2.35 6.28
CA ASN E 46 56.61 3.20 6.81
C ASN E 46 57.31 2.50 7.98
N GLY E 47 58.63 2.37 7.85
CA GLY E 47 59.38 1.70 8.91
C GLY E 47 59.49 0.19 8.74
N TYR E 48 59.57 -0.28 7.49
CA TYR E 48 59.71 -1.71 7.19
C TYR E 48 59.65 -2.07 5.70
N THR E 49 60.71 -2.75 5.25
CA THR E 49 60.84 -3.21 3.88
C THR E 49 61.40 -4.61 4.04
N GLY E 50 60.59 -5.61 3.72
CA GLY E 50 61.07 -6.96 3.86
C GLY E 50 59.92 -7.93 3.91
N PRO E 51 60.19 -9.19 4.28
CA PRO E 51 59.18 -10.23 4.38
C PRO E 51 57.90 -9.76 5.09
N GLY E 52 56.76 -10.03 4.47
CA GLY E 52 55.49 -9.65 5.05
C GLY E 52 54.32 -10.16 4.22
N THR E 53 53.13 -10.12 4.81
CA THR E 53 51.93 -10.58 4.10
C THR E 53 50.85 -9.50 4.20
N VAL E 54 49.97 -9.46 3.20
CA VAL E 54 48.88 -8.49 3.15
C VAL E 54 47.52 -9.14 2.88
N ARG E 55 46.52 -8.71 3.63
CA ARG E 55 45.16 -9.21 3.46
C ARG E 55 44.25 -8.01 3.26
N ILE E 56 43.60 -7.90 2.09
CA ILE E 56 42.67 -6.80 1.83
C ILE E 56 41.27 -7.36 2.14
N SER E 57 40.56 -6.72 3.06
CA SER E 57 39.24 -7.16 3.47
C SER E 57 38.20 -6.08 3.21
N LEU E 58 36.93 -6.48 3.23
CA LEU E 58 35.79 -5.58 3.02
C LEU E 58 35.07 -5.23 4.33
N VAL E 59 35.09 -3.95 4.70
CA VAL E 59 34.48 -3.48 5.94
C VAL E 59 33.41 -2.42 5.67
N THR E 60 32.37 -2.39 6.51
CA THR E 60 31.29 -1.42 6.34
C THR E 60 31.82 -0.01 6.30
N LYS E 61 30.97 0.90 5.86
CA LYS E 61 31.32 2.31 5.71
C LYS E 61 31.46 3.06 7.05
N ASP E 62 30.34 3.21 7.75
CA ASP E 62 30.32 3.93 9.00
C ASP E 62 30.99 3.21 10.19
N PRO E 63 31.43 3.98 11.21
CA PRO E 63 32.09 3.55 12.44
C PRO E 63 32.22 2.06 12.87
N PRO E 64 31.11 1.39 13.31
CA PRO E 64 31.28 -0.03 13.72
C PRO E 64 31.69 -0.90 12.53
N HIS E 65 32.91 -0.73 12.04
CA HIS E 65 33.39 -1.48 10.88
C HIS E 65 33.29 -2.99 10.96
N ARG E 66 32.06 -3.48 10.98
CA ARG E 66 31.78 -4.89 11.01
C ARG E 66 32.19 -5.33 9.60
N PRO E 67 32.70 -6.56 9.43
CA PRO E 67 33.10 -7.02 8.09
C PRO E 67 31.91 -7.00 7.10
N HIS E 68 32.15 -6.65 5.84
CA HIS E 68 31.06 -6.57 4.84
C HIS E 68 30.62 -7.88 4.19
N PRO E 69 29.28 -8.07 4.02
CA PRO E 69 28.76 -9.30 3.41
C PRO E 69 29.32 -9.45 2.00
N HIS E 70 29.56 -8.32 1.35
CA HIS E 70 30.09 -8.31 -0.02
C HIS E 70 31.44 -9.00 -0.06
N GLU E 71 31.86 -9.39 -1.25
CA GLU E 71 33.12 -10.08 -1.38
C GLU E 71 34.14 -9.33 -2.19
N LEU E 72 35.37 -9.82 -2.15
CA LEU E 72 36.47 -9.22 -2.90
C LEU E 72 36.98 -10.39 -3.72
N VAL E 73 36.72 -10.31 -5.02
CA VAL E 73 37.09 -11.35 -5.97
C VAL E 73 38.09 -10.91 -7.04
N GLY E 74 38.90 -11.87 -7.48
CA GLY E 74 39.91 -11.61 -8.48
C GLY E 74 41.18 -12.28 -8.03
N LYS E 75 42.32 -11.88 -8.58
CA LYS E 75 43.59 -12.47 -8.23
C LYS E 75 43.93 -12.45 -6.73
N ASP E 76 44.41 -13.59 -6.25
CA ASP E 76 44.81 -13.80 -4.85
C ASP E 76 43.72 -13.66 -3.79
N CYS E 77 42.46 -13.79 -4.18
CA CYS E 77 41.39 -13.66 -3.20
C CYS E 77 40.69 -14.98 -2.95
N ARG E 78 39.80 -14.97 -1.95
CA ARG E 78 39.04 -16.14 -1.58
C ARG E 78 38.25 -15.74 -0.36
N ASP E 79 37.21 -16.50 -0.04
CA ASP E 79 36.38 -16.21 1.13
C ASP E 79 36.05 -14.72 1.23
N GLY E 80 36.05 -14.05 0.07
CA GLY E 80 35.74 -12.63 0.03
C GLY E 80 36.86 -11.71 0.46
N TYR E 81 38.10 -12.16 0.33
CA TYR E 81 39.20 -11.32 0.70
C TYR E 81 40.45 -11.59 -0.09
N TYR E 82 41.26 -10.55 -0.20
CA TYR E 82 42.51 -10.59 -0.93
C TYR E 82 43.63 -10.85 0.06
N GLU E 83 44.61 -11.65 -0.34
CA GLU E 83 45.75 -11.97 0.52
C GLU E 83 46.88 -12.58 -0.30
N ALA E 84 48.10 -12.12 -0.03
CA ALA E 84 49.27 -12.61 -0.73
C ALA E 84 50.51 -12.21 0.06
N ASP E 85 51.67 -12.25 -0.60
CA ASP E 85 52.92 -11.90 0.06
C ASP E 85 53.49 -10.57 -0.40
N LEU E 86 53.72 -9.68 0.55
CA LEU E 86 54.29 -8.39 0.26
C LEU E 86 55.58 -8.67 -0.50
N CYS E 87 56.02 -7.69 -1.27
CA CYS E 87 57.29 -7.84 -1.98
C CYS E 87 58.27 -7.47 -0.86
N PRO E 88 59.24 -8.36 -0.53
CA PRO E 88 60.21 -8.11 0.54
C PRO E 88 61.19 -6.94 0.34
N ASP E 89 61.51 -6.65 -0.92
CA ASP E 89 62.45 -5.57 -1.25
C ASP E 89 61.78 -4.29 -1.76
N ARG E 90 60.57 -4.02 -1.29
CA ARG E 90 59.83 -2.82 -1.70
C ARG E 90 58.93 -2.38 -0.54
N SER E 91 58.62 -1.08 -0.50
CA SER E 91 57.78 -0.55 0.56
C SER E 91 56.49 0.03 -0.01
N ILE E 92 56.36 -0.03 -1.34
CA ILE E 92 55.19 0.47 -2.04
C ILE E 92 54.48 -0.64 -2.84
N HIS E 93 53.21 -0.89 -2.50
CA HIS E 93 52.43 -1.94 -3.16
C HIS E 93 51.05 -1.50 -3.69
N SER E 94 50.84 -1.63 -5.01
CA SER E 94 49.55 -1.30 -5.62
C SER E 94 48.79 -2.60 -5.95
N PHE E 95 47.46 -2.55 -5.87
CA PHE E 95 46.59 -3.71 -6.15
C PHE E 95 45.67 -3.38 -7.38
N GLN E 96 46.00 -3.94 -8.53
CA GLN E 96 45.25 -3.66 -9.77
C GLN E 96 44.28 -4.74 -10.27
N ASN E 97 43.91 -5.68 -9.41
CA ASN E 97 42.99 -6.76 -9.77
C ASN E 97 41.97 -6.99 -8.68
N LEU E 98 41.48 -5.91 -8.09
CA LEU E 98 40.49 -6.04 -7.04
C LEU E 98 39.13 -5.70 -7.60
N GLY E 99 38.18 -6.62 -7.45
CA GLY E 99 36.85 -6.36 -7.94
C GLY E 99 35.89 -6.54 -6.79
N ILE E 100 34.66 -6.05 -6.92
CA ILE E 100 33.71 -6.23 -5.85
C ILE E 100 32.50 -6.96 -6.36
N GLN E 101 32.12 -7.96 -5.58
CA GLN E 101 31.00 -8.83 -5.88
C GLN E 101 29.99 -8.76 -4.73
N CYS E 102 28.93 -7.98 -4.92
CA CYS E 102 27.91 -7.82 -3.90
C CYS E 102 27.06 -9.06 -3.73
N VAL E 103 26.34 -9.13 -2.60
CA VAL E 103 25.46 -10.26 -2.33
C VAL E 103 24.08 -9.76 -2.52
N LYS E 104 23.14 -10.69 -2.52
CA LYS E 104 21.75 -10.36 -2.66
C LYS E 104 21.16 -10.16 -1.26
N LYS E 105 20.27 -9.19 -1.12
CA LYS E 105 19.61 -8.89 0.16
C LYS E 105 18.95 -10.15 0.69
N ARG E 106 18.94 -11.18 -0.14
CA ARG E 106 18.37 -12.47 0.23
C ARG E 106 19.41 -13.38 0.85
N ASP E 107 20.60 -13.43 0.24
CA ASP E 107 21.68 -14.24 0.75
C ASP E 107 22.54 -13.32 1.57
N LEU E 108 21.92 -12.58 2.47
CA LEU E 108 22.66 -11.65 3.32
C LEU E 108 23.21 -12.36 4.55
N GLU E 109 22.35 -13.09 5.23
CA GLU E 109 22.70 -13.82 6.44
C GLU E 109 23.80 -14.85 6.19
N GLN E 110 23.69 -15.54 5.05
CA GLN E 110 24.64 -16.57 4.64
C GLN E 110 26.02 -16.01 4.27
N ALA E 111 26.07 -14.71 4.01
CA ALA E 111 27.32 -14.05 3.66
C ALA E 111 28.01 -13.65 4.95
N ILE E 112 27.25 -13.06 5.87
CA ILE E 112 27.78 -12.63 7.16
C ILE E 112 28.32 -13.81 7.94
N SER E 113 27.64 -14.95 7.85
CA SER E 113 28.09 -16.14 8.55
C SER E 113 29.41 -16.64 7.96
N GLN E 114 29.71 -16.32 6.71
CA GLN E 114 30.98 -16.76 6.14
C GLN E 114 32.16 -15.88 6.58
N ARG E 115 31.86 -14.67 7.04
CA ARG E 115 32.89 -13.74 7.52
C ARG E 115 33.31 -14.25 8.89
N ILE E 116 32.33 -14.75 9.63
CA ILE E 116 32.51 -15.29 10.98
C ILE E 116 33.30 -16.61 10.93
N GLN E 117 32.84 -17.56 10.11
CA GLN E 117 33.46 -18.88 9.96
C GLN E 117 34.86 -18.88 9.35
N THR E 118 35.20 -17.83 8.59
CA THR E 118 36.51 -17.74 7.96
C THR E 118 37.41 -16.74 8.70
N ASN E 119 36.96 -16.30 9.88
CA ASN E 119 37.70 -15.34 10.69
C ASN E 119 38.10 -14.14 9.83
N ASN E 120 37.14 -13.25 9.62
CA ASN E 120 37.36 -12.04 8.84
C ASN E 120 36.62 -10.91 9.55
N ASN E 121 37.29 -10.36 10.56
CA ASN E 121 36.79 -9.29 11.42
C ASN E 121 38.01 -8.54 11.98
N PRO E 122 38.66 -7.70 11.15
CA PRO E 122 39.86 -6.89 11.48
C PRO E 122 39.76 -5.96 12.68
N PHE E 123 38.56 -5.42 12.93
CA PHE E 123 38.32 -4.52 14.05
C PHE E 123 37.51 -5.28 15.13
N HIS E 124 37.66 -6.60 15.10
CA HIS E 124 37.00 -7.55 16.01
C HIS E 124 35.65 -7.11 16.57
N VAL E 125 34.82 -6.44 15.75
CA VAL E 125 33.51 -5.99 16.18
C VAL E 125 32.84 -7.26 16.75
N PRO E 126 32.31 -7.17 17.98
CA PRO E 126 31.63 -8.24 18.73
C PRO E 126 30.40 -8.93 18.05
N ILE E 127 30.14 -10.20 18.38
CA ILE E 127 29.00 -10.95 17.82
C ILE E 127 27.67 -10.25 18.14
N GLU E 128 27.67 -9.50 19.24
CA GLU E 128 26.49 -8.75 19.70
C GLU E 128 26.38 -7.40 18.98
N GLU E 129 27.51 -6.69 18.85
CA GLU E 129 27.57 -5.40 18.16
C GLU E 129 27.57 -5.58 16.65
N GLN E 130 27.49 -6.84 16.20
CA GLN E 130 27.48 -7.19 14.78
C GLN E 130 26.09 -7.10 14.16
N ARG E 131 25.06 -7.05 15.01
CA ARG E 131 23.67 -6.97 14.55
C ARG E 131 23.30 -5.61 13.97
N GLY E 132 22.44 -5.62 12.95
CA GLY E 132 22.00 -4.40 12.31
C GLY E 132 22.02 -4.45 10.79
N ASP E 133 21.38 -3.47 10.18
CA ASP E 133 21.31 -3.37 8.72
C ASP E 133 22.66 -2.92 8.13
N TYR E 134 23.00 -3.49 6.98
CA TYR E 134 24.26 -3.19 6.27
C TYR E 134 24.05 -2.33 5.03
N ASP E 135 24.91 -1.34 4.82
CA ASP E 135 24.78 -0.49 3.64
C ASP E 135 25.45 -1.21 2.48
N LEU E 136 24.64 -1.84 1.64
CA LEU E 136 25.13 -2.62 0.52
C LEU E 136 25.62 -1.83 -0.69
N ASN E 137 25.45 -0.52 -0.68
CA ASN E 137 25.88 0.30 -1.81
C ASN E 137 27.20 1.01 -1.53
N ALA E 138 27.84 0.62 -0.43
CA ALA E 138 29.09 1.21 0.01
C ALA E 138 29.88 0.26 0.91
N VAL E 139 31.21 0.24 0.76
CA VAL E 139 32.09 -0.60 1.58
C VAL E 139 33.43 0.13 1.81
N ARG E 140 34.36 -0.53 2.52
CA ARG E 140 35.70 0.01 2.81
C ARG E 140 36.82 -1.04 2.72
N LEU E 141 37.83 -0.80 1.88
CA LEU E 141 38.93 -1.75 1.78
C LEU E 141 39.55 -1.69 3.15
N CYS E 142 40.02 -2.84 3.66
CA CYS E 142 40.66 -2.85 4.99
C CYS E 142 42.02 -3.57 4.98
N PHE E 143 43.07 -2.86 4.56
CA PHE E 143 44.40 -3.42 4.51
C PHE E 143 44.91 -3.89 5.88
N GLN E 144 45.25 -5.16 5.97
CA GLN E 144 45.77 -5.74 7.21
C GLN E 144 47.17 -6.32 6.86
N VAL E 145 48.19 -5.50 7.02
CA VAL E 145 49.58 -5.89 6.72
C VAL E 145 50.25 -6.58 7.90
N THR E 146 51.02 -7.62 7.61
CA THR E 146 51.74 -8.36 8.65
C THR E 146 53.24 -8.41 8.35
N VAL E 147 54.01 -7.56 9.04
CA VAL E 147 55.47 -7.51 8.87
C VAL E 147 56.08 -8.25 10.07
N ARG E 148 57.38 -8.08 10.29
CA ARG E 148 58.03 -8.72 11.42
C ARG E 148 58.70 -7.63 12.26
N ASP E 149 58.65 -7.77 13.60
CA ASP E 149 59.29 -6.78 14.48
C ASP E 149 60.81 -6.83 14.25
N PRO E 150 61.56 -5.78 14.68
CA PRO E 150 63.01 -5.83 14.45
C PRO E 150 63.52 -7.21 14.86
N ALA E 151 62.77 -7.77 15.82
CA ALA E 151 62.99 -9.06 16.44
C ALA E 151 63.06 -10.29 15.48
N GLY E 152 62.01 -10.53 14.69
CA GLY E 152 62.02 -11.67 13.76
C GLY E 152 60.69 -12.39 13.64
N ARG E 153 59.93 -12.39 14.75
CA ARG E 153 58.60 -13.02 14.90
C ARG E 153 57.50 -12.12 14.26
N PRO E 154 56.63 -12.67 13.37
CA PRO E 154 55.57 -11.87 12.72
C PRO E 154 54.93 -10.79 13.58
N LEU E 155 54.67 -9.64 12.97
CA LEU E 155 54.06 -8.48 13.62
C LEU E 155 52.92 -7.89 12.79
N LEU E 156 51.69 -7.98 13.30
CA LEU E 156 50.54 -7.43 12.60
C LEU E 156 50.49 -5.93 12.88
N LEU E 157 50.38 -5.14 11.81
CA LEU E 157 50.31 -3.69 11.93
C LEU E 157 48.85 -3.32 12.16
N THR E 158 48.57 -2.03 12.29
CA THR E 158 47.19 -1.56 12.53
C THR E 158 46.33 -1.53 11.25
N PRO E 159 45.06 -1.98 11.34
CA PRO E 159 44.15 -2.00 10.18
C PRO E 159 43.86 -0.58 9.68
N VAL E 160 44.23 -0.31 8.43
CA VAL E 160 44.05 1.02 7.80
C VAL E 160 42.94 1.02 6.72
N LEU E 161 41.94 1.90 6.87
CA LEU E 161 40.82 2.00 5.92
C LEU E 161 41.01 3.06 4.81
N SER E 162 40.22 2.92 3.75
CA SER E 162 40.25 3.83 2.61
C SER E 162 38.88 4.49 2.64
N HIS E 163 38.76 5.69 2.07
CA HIS E 163 37.44 6.29 2.05
C HIS E 163 36.53 5.23 1.42
N PRO E 164 35.21 5.39 1.56
CA PRO E 164 34.24 4.43 1.03
C PRO E 164 34.08 4.36 -0.49
N ILE E 165 33.75 3.17 -0.97
CA ILE E 165 33.54 2.99 -2.39
C ILE E 165 32.03 2.91 -2.50
N PHE E 166 31.46 3.39 -3.60
CA PHE E 166 30.01 3.35 -3.78
C PHE E 166 29.55 2.71 -5.05
N ASP E 167 28.54 1.88 -4.91
CA ASP E 167 27.99 1.20 -6.05
C ASP E 167 27.34 2.24 -6.92
N ASN E 168 27.86 2.33 -8.14
CA ASN E 168 27.35 3.26 -9.12
C ASN E 168 25.96 2.75 -9.43
N ARG E 169 25.26 2.24 -8.43
CA ARG E 169 23.91 1.75 -8.63
C ARG E 169 22.84 2.74 -8.25
N ALA E 170 22.80 3.15 -6.97
CA ALA E 170 21.78 4.10 -6.53
C ALA E 170 22.09 5.55 -6.97
N PRO E 171 21.24 6.13 -7.85
CA PRO E 171 21.24 7.48 -8.45
C PRO E 171 21.38 8.67 -7.51
N ASN E 172 21.24 8.41 -6.21
CA ASN E 172 21.33 9.46 -5.19
C ASN E 172 22.77 9.94 -5.04
N THR E 173 23.67 9.25 -5.72
CA THR E 173 25.10 9.53 -5.63
C THR E 173 25.86 9.57 -6.96
N ALA E 174 25.39 8.82 -7.95
CA ALA E 174 26.03 8.71 -9.26
C ALA E 174 26.65 9.97 -9.84
N GLU E 175 27.34 9.76 -10.94
CA GLU E 175 28.05 10.80 -11.63
C GLU E 175 27.20 11.64 -12.55
N LEU E 176 27.43 12.95 -12.51
CA LEU E 176 26.67 13.90 -13.29
C LEU E 176 27.16 14.21 -14.70
N LYS E 177 26.39 13.82 -15.71
CA LYS E 177 26.82 14.08 -17.07
C LYS E 177 25.77 14.74 -17.95
N ILE E 178 26.20 15.69 -18.76
CA ILE E 178 25.31 16.38 -19.68
C ILE E 178 25.52 15.77 -21.04
N CYS E 179 24.60 14.97 -21.53
CA CYS E 179 24.82 14.34 -22.84
C CYS E 179 24.52 15.12 -24.09
N ARG E 180 23.36 15.75 -24.17
CA ARG E 180 23.02 16.51 -25.35
C ARG E 180 22.30 17.78 -24.97
N VAL E 181 22.38 18.78 -25.83
CA VAL E 181 21.70 20.04 -25.59
C VAL E 181 21.22 20.53 -26.94
N ASN E 182 19.93 20.77 -27.05
CA ASN E 182 19.34 21.22 -28.31
C ASN E 182 19.58 22.69 -28.57
N ARG E 183 20.54 23.28 -27.85
CA ARG E 183 20.83 24.70 -28.00
C ARG E 183 21.89 25.12 -27.00
N ASN E 184 22.89 25.87 -27.42
CA ASN E 184 23.94 26.34 -26.51
C ASN E 184 24.17 27.82 -26.72
N SER E 185 23.12 28.49 -27.17
CA SER E 185 23.20 29.91 -27.45
C SER E 185 21.85 30.57 -27.23
N GLY E 186 21.84 31.76 -26.64
CA GLY E 186 20.59 32.45 -26.40
C GLY E 186 20.70 33.89 -25.92
N SER E 187 19.59 34.62 -26.03
CA SER E 187 19.55 36.01 -25.60
C SER E 187 20.17 36.19 -24.20
N CYS E 188 20.61 37.41 -23.91
CA CYS E 188 21.21 37.75 -22.63
C CYS E 188 20.09 38.00 -21.62
N LEU E 189 18.92 38.37 -22.15
CA LEU E 189 17.74 38.64 -21.35
C LEU E 189 17.20 37.34 -20.78
N GLY E 190 17.79 36.23 -21.23
CA GLY E 190 17.36 34.93 -20.77
C GLY E 190 16.00 34.48 -21.32
N GLY E 191 15.41 33.51 -20.62
CA GLY E 191 14.09 33.00 -21.00
C GLY E 191 14.06 32.05 -22.18
N ASP E 192 15.18 31.43 -22.49
CA ASP E 192 15.22 30.52 -23.63
C ASP E 192 14.98 29.06 -23.25
N GLU E 193 14.23 28.34 -24.10
CA GLU E 193 13.90 26.93 -23.85
C GLU E 193 15.01 25.98 -24.26
N ILE E 194 15.40 25.14 -23.31
CA ILE E 194 16.47 24.20 -23.49
C ILE E 194 16.14 22.75 -23.08
N PHE E 195 16.19 21.86 -24.07
CA PHE E 195 15.99 20.45 -23.80
C PHE E 195 17.43 20.01 -23.56
N LEU E 196 17.65 19.15 -22.59
CA LEU E 196 18.98 18.69 -22.30
C LEU E 196 18.89 17.28 -21.77
N LEU E 197 19.60 16.35 -22.43
CA LEU E 197 19.60 14.94 -22.01
C LEU E 197 20.81 14.69 -21.13
N CYS E 198 20.64 13.84 -20.15
CA CYS E 198 21.72 13.59 -19.21
C CYS E 198 21.54 12.26 -18.53
N ASP E 199 22.51 11.94 -17.68
CA ASP E 199 22.48 10.69 -16.95
C ASP E 199 21.49 10.81 -15.81
N LYS E 200 20.92 9.69 -15.40
CA LYS E 200 19.94 9.65 -14.33
C LYS E 200 20.19 10.65 -13.22
N VAL E 201 19.15 11.41 -12.88
CA VAL E 201 19.22 12.39 -11.80
C VAL E 201 17.92 12.22 -11.03
N GLN E 202 17.85 12.81 -9.84
CA GLN E 202 16.65 12.80 -8.98
C GLN E 202 16.06 14.19 -9.24
N LYS E 203 14.77 14.30 -9.41
CA LYS E 203 14.20 15.61 -9.70
C LYS E 203 14.25 16.62 -8.56
N GLU E 204 14.27 16.13 -7.34
CA GLU E 204 14.29 17.00 -6.16
C GLU E 204 15.70 17.42 -5.76
N ASP E 205 16.70 16.90 -6.45
CA ASP E 205 18.08 17.25 -6.11
C ASP E 205 18.89 17.46 -7.40
N ILE E 206 18.42 18.39 -8.23
CA ILE E 206 19.11 18.68 -9.48
C ILE E 206 18.77 20.08 -9.98
N GLU E 207 19.73 20.78 -10.58
CA GLU E 207 19.50 22.12 -11.11
C GLU E 207 20.59 22.52 -12.12
N VAL E 208 20.26 23.41 -13.06
CA VAL E 208 21.22 23.82 -14.08
C VAL E 208 22.05 25.07 -13.70
N TYR E 209 23.29 24.83 -13.29
CA TYR E 209 24.23 25.88 -12.85
C TYR E 209 25.02 26.65 -13.93
N PHE E 210 24.59 27.87 -14.21
CA PHE E 210 25.27 28.72 -15.18
C PHE E 210 26.36 29.57 -14.53
N THR E 211 27.60 29.11 -14.56
CA THR E 211 28.66 29.91 -13.97
C THR E 211 29.42 30.76 -15.01
N GLY E 212 29.88 31.91 -14.55
CA GLY E 212 30.64 32.83 -15.38
C GLY E 212 31.68 33.58 -14.55
N PRO E 213 32.29 34.63 -15.11
CA PRO E 213 33.29 35.34 -14.30
C PRO E 213 32.64 36.26 -13.26
N GLY E 214 32.65 35.82 -12.01
CA GLY E 214 32.07 36.60 -10.91
C GLY E 214 30.57 36.71 -10.99
N TRP E 215 29.98 35.86 -11.84
CA TRP E 215 28.53 35.80 -12.07
C TRP E 215 28.06 34.39 -11.72
N GLU E 216 26.76 34.22 -11.58
CA GLU E 216 26.25 32.93 -11.20
C GLU E 216 24.73 32.97 -11.17
N ALA E 217 24.11 32.12 -11.99
CA ALA E 217 22.66 32.03 -12.10
C ALA E 217 22.19 30.57 -12.13
N ARG E 218 20.88 30.39 -12.32
CA ARG E 218 20.28 29.07 -12.38
C ARG E 218 19.19 29.04 -13.42
N GLY E 219 19.00 27.87 -14.00
CA GLY E 219 17.98 27.72 -15.02
C GLY E 219 16.63 27.65 -14.37
N SER E 220 15.63 28.11 -15.08
CA SER E 220 14.31 28.10 -14.51
C SER E 220 13.48 26.91 -14.95
N PHE E 221 13.16 26.05 -13.99
CA PHE E 221 12.38 24.87 -14.34
C PHE E 221 11.79 24.15 -13.13
N SER E 222 10.74 23.38 -13.42
CA SER E 222 9.97 22.61 -12.44
C SER E 222 10.36 21.15 -12.28
N GLN E 223 10.14 20.65 -11.07
CA GLN E 223 10.44 19.27 -10.76
C GLN E 223 9.76 18.42 -11.80
N ALA E 224 8.75 18.99 -12.43
CA ALA E 224 7.98 18.30 -13.43
C ALA E 224 8.64 18.27 -14.78
N ASP E 225 9.49 19.25 -15.04
CA ASP E 225 10.17 19.31 -16.32
C ASP E 225 11.28 18.31 -16.39
N VAL E 226 11.42 17.53 -15.32
CA VAL E 226 12.44 16.52 -15.28
C VAL E 226 11.81 15.24 -15.78
N HIS E 227 12.09 14.92 -17.04
CA HIS E 227 11.58 13.73 -17.70
C HIS E 227 12.40 12.47 -17.44
N ARG E 228 11.70 11.46 -16.93
CA ARG E 228 12.26 10.18 -16.56
C ARG E 228 13.65 10.13 -16.00
N GLN E 229 14.06 11.22 -15.39
CA GLN E 229 15.38 11.33 -14.78
C GLN E 229 16.48 11.50 -15.80
N VAL E 230 16.15 11.56 -17.09
CA VAL E 230 17.21 11.68 -18.09
C VAL E 230 17.22 12.95 -18.95
N ALA E 231 16.17 13.75 -18.84
CA ALA E 231 16.10 14.99 -19.59
C ALA E 231 15.55 16.13 -18.73
N ILE E 232 15.98 17.35 -19.02
CA ILE E 232 15.50 18.50 -18.29
C ILE E 232 15.11 19.44 -19.39
N VAL E 233 13.98 20.08 -19.24
CA VAL E 233 13.60 21.04 -20.25
C VAL E 233 13.46 22.30 -19.45
N PHE E 234 14.44 23.20 -19.56
CA PHE E 234 14.39 24.44 -18.79
C PHE E 234 14.57 25.70 -19.62
N ARG E 235 14.59 26.85 -18.94
CA ARG E 235 14.76 28.15 -19.58
C ARG E 235 16.02 28.81 -19.01
N THR E 236 16.62 29.67 -19.82
CA THR E 236 17.89 30.36 -19.53
C THR E 236 17.89 31.62 -18.70
N PRO E 237 18.41 31.57 -17.45
CA PRO E 237 18.40 32.81 -16.66
C PRO E 237 18.88 34.01 -17.48
N PRO E 238 18.62 35.23 -16.98
CA PRO E 238 19.11 36.37 -17.77
C PRO E 238 20.55 36.65 -17.34
N TYR E 239 21.38 37.05 -18.30
CA TYR E 239 22.77 37.32 -18.01
C TYR E 239 22.95 38.60 -17.18
N ALA E 240 24.10 38.74 -16.51
CA ALA E 240 24.36 39.93 -15.71
C ALA E 240 24.18 41.22 -16.52
N ASP E 241 24.74 41.25 -17.73
CA ASP E 241 24.62 42.42 -18.60
C ASP E 241 23.48 42.23 -19.58
N PRO E 242 22.37 42.97 -19.38
CA PRO E 242 21.19 42.91 -20.23
C PRO E 242 21.31 43.84 -21.46
N SER E 243 22.45 44.52 -21.56
CA SER E 243 22.71 45.43 -22.67
C SER E 243 23.96 44.99 -23.44
N LEU E 244 24.27 43.70 -23.33
CA LEU E 244 25.42 43.11 -23.99
C LEU E 244 25.49 43.59 -25.43
N GLN E 245 26.68 43.99 -25.87
CA GLN E 245 26.84 44.45 -27.24
C GLN E 245 27.44 43.33 -28.08
N ALA E 246 28.38 42.61 -27.47
CA ALA E 246 29.05 41.50 -28.13
C ALA E 246 28.76 40.20 -27.38
N PRO E 247 28.79 39.07 -28.09
CA PRO E 247 28.54 37.74 -27.52
C PRO E 247 29.54 37.37 -26.42
N VAL E 248 29.07 36.69 -25.38
CA VAL E 248 29.96 36.27 -24.29
C VAL E 248 29.76 34.79 -23.89
N ARG E 249 30.86 34.05 -23.80
CA ARG E 249 30.83 32.65 -23.44
C ARG E 249 30.59 32.52 -21.94
N VAL E 250 29.83 31.51 -21.54
CA VAL E 250 29.58 31.28 -20.12
C VAL E 250 29.43 29.80 -19.81
N SER E 251 29.81 29.44 -18.59
CA SER E 251 29.74 28.05 -18.15
C SER E 251 28.35 27.61 -17.73
N MET E 252 28.00 26.39 -18.14
CA MET E 252 26.70 25.79 -17.87
C MET E 252 26.98 24.36 -17.45
N GLN E 253 26.43 23.93 -16.33
CA GLN E 253 26.67 22.56 -15.85
C GLN E 253 25.61 22.05 -14.87
N LEU E 254 25.52 20.72 -14.74
CA LEU E 254 24.54 20.15 -13.81
C LEU E 254 25.04 20.22 -12.37
N ARG E 255 24.16 20.61 -11.47
CA ARG E 255 24.53 20.75 -10.06
C ARG E 255 23.61 20.02 -9.09
N ARG E 256 24.22 19.25 -8.19
CA ARG E 256 23.48 18.52 -7.16
C ARG E 256 23.71 19.28 -5.86
N PRO E 257 22.65 19.94 -5.34
CA PRO E 257 22.60 20.75 -4.12
C PRO E 257 23.04 20.02 -2.86
N SER E 258 22.55 18.81 -2.67
CA SER E 258 22.87 18.02 -1.49
C SER E 258 24.36 17.73 -1.28
N ASP E 259 25.21 18.03 -2.26
CA ASP E 259 26.64 17.85 -2.10
C ASP E 259 27.47 18.77 -3.00
N ARG E 260 26.82 19.79 -3.58
CA ARG E 260 27.46 20.78 -4.45
C ARG E 260 28.10 20.25 -5.74
N GLU E 261 28.13 18.93 -5.86
CA GLU E 261 28.71 18.28 -7.03
C GLU E 261 28.31 19.00 -8.32
N LEU E 262 29.21 19.03 -9.29
CA LEU E 262 28.95 19.69 -10.57
C LEU E 262 29.48 18.83 -11.73
N SER E 263 28.73 18.75 -12.82
CA SER E 263 29.14 17.97 -13.99
C SER E 263 30.18 18.77 -14.79
N GLU E 264 30.68 18.18 -15.87
CA GLU E 264 31.66 18.89 -16.68
C GLU E 264 30.98 20.00 -17.47
N PRO E 265 31.49 21.23 -17.36
CA PRO E 265 30.90 22.36 -18.06
C PRO E 265 30.70 22.23 -19.57
N MET E 266 29.76 23.02 -20.08
CA MET E 266 29.42 23.07 -21.48
C MET E 266 29.34 24.54 -21.84
N GLU E 267 30.02 24.93 -22.91
CA GLU E 267 30.03 26.33 -23.33
C GLU E 267 28.71 26.85 -23.82
N PHE E 268 28.25 27.91 -23.15
CA PHE E 268 27.01 28.56 -23.50
C PHE E 268 27.32 30.00 -23.88
N GLN E 269 26.70 30.47 -24.95
CA GLN E 269 26.96 31.81 -25.42
C GLN E 269 25.77 32.75 -25.42
N TYR E 270 25.73 33.64 -24.43
CA TYR E 270 24.68 34.66 -24.35
C TYR E 270 24.88 35.57 -25.53
N LEU E 271 23.86 36.33 -25.88
CA LEU E 271 23.98 37.24 -27.01
C LEU E 271 23.01 38.39 -26.83
N PRO E 272 23.18 39.46 -27.62
CA PRO E 272 22.30 40.61 -27.52
C PRO E 272 21.18 40.39 -28.52
N ASP E 273 19.95 40.64 -28.09
CA ASP E 273 18.77 40.47 -28.92
C ASP E 273 18.26 41.82 -29.48
N GLY F 1 -27.13 -27.36 -31.99
CA GLY F 1 -26.29 -28.09 -30.99
C GLY F 1 -25.90 -27.21 -29.82
N PRO F 2 -25.47 -27.79 -28.68
CA PRO F 2 -25.05 -27.04 -27.48
C PRO F 2 -23.60 -26.54 -27.52
N TYR F 3 -23.40 -25.27 -27.83
CA TYR F 3 -22.05 -24.70 -27.91
C TYR F 3 -21.77 -23.64 -26.84
N LEU F 4 -20.58 -23.06 -26.90
CA LEU F 4 -20.16 -22.02 -25.95
C LEU F 4 -19.89 -20.72 -26.75
N GLN F 5 -19.85 -19.59 -26.07
CA GLN F 5 -19.66 -18.33 -26.77
C GLN F 5 -19.16 -17.20 -25.87
N ILE F 6 -18.17 -16.47 -26.35
CA ILE F 6 -17.65 -15.36 -25.59
C ILE F 6 -18.59 -14.19 -25.80
N LEU F 7 -18.87 -13.49 -24.70
CA LEU F 7 -19.74 -12.32 -24.73
C LEU F 7 -18.86 -11.07 -24.74
N GLU F 8 -17.98 -10.94 -23.75
CA GLU F 8 -17.10 -9.77 -23.69
C GLU F 8 -15.62 -10.12 -23.56
N GLN F 9 -14.87 -9.95 -24.66
CA GLN F 9 -13.42 -10.23 -24.72
C GLN F 9 -12.59 -9.47 -23.70
N PRO F 10 -11.50 -10.06 -23.16
CA PRO F 10 -10.76 -9.27 -22.19
C PRO F 10 -10.13 -8.10 -22.94
N LYS F 11 -9.75 -7.05 -22.21
CA LYS F 11 -9.12 -5.92 -22.88
C LYS F 11 -7.73 -6.38 -23.23
N GLN F 12 -7.34 -6.20 -24.49
CA GLN F 12 -6.03 -6.66 -24.96
C GLN F 12 -4.77 -6.05 -24.36
N ARG F 13 -4.69 -4.74 -24.23
CA ARG F 13 -3.48 -4.20 -23.69
C ARG F 13 -3.73 -3.41 -22.43
N GLY F 14 -2.65 -3.02 -21.77
CA GLY F 14 -2.77 -2.24 -20.55
C GLY F 14 -2.76 -2.91 -19.19
N PHE F 15 -3.11 -4.19 -19.13
CA PHE F 15 -3.14 -4.87 -17.85
C PHE F 15 -1.75 -5.34 -17.49
N ARG F 16 -1.39 -5.32 -16.21
CA ARG F 16 -0.08 -5.79 -15.77
C ARG F 16 -0.13 -7.16 -15.10
N PHE F 17 0.79 -8.02 -15.50
CA PHE F 17 0.90 -9.36 -14.95
C PHE F 17 1.69 -9.19 -13.68
N ARG F 18 1.37 -9.96 -12.66
CA ARG F 18 2.08 -9.78 -11.41
C ARG F 18 2.83 -11.02 -10.99
N TYR F 19 4.02 -10.82 -10.41
CA TYR F 19 4.83 -11.94 -9.94
C TYR F 19 4.38 -12.24 -8.50
N VAL F 20 4.50 -13.50 -8.11
CA VAL F 20 4.11 -13.91 -6.77
C VAL F 20 4.56 -12.88 -5.75
N CYS F 21 5.86 -12.67 -5.66
CA CYS F 21 6.44 -11.72 -4.71
C CYS F 21 5.93 -10.28 -4.80
N GLU F 22 4.89 -10.02 -5.59
CA GLU F 22 4.38 -8.66 -5.71
C GLU F 22 3.26 -8.41 -4.71
N GLY F 23 2.68 -9.49 -4.21
CA GLY F 23 1.60 -9.34 -3.28
C GLY F 23 0.33 -9.79 -3.95
N PRO F 24 -0.81 -9.77 -3.23
CA PRO F 24 -2.06 -10.19 -3.83
C PRO F 24 -2.89 -9.01 -4.29
N SER F 25 -3.97 -9.33 -5.00
CA SER F 25 -4.93 -8.35 -5.49
C SER F 25 -4.29 -7.04 -5.95
N HIS F 26 -4.21 -6.79 -7.24
CA HIS F 26 -3.61 -5.54 -7.65
C HIS F 26 -4.35 -4.88 -8.76
N GLY F 27 -5.39 -5.53 -9.25
CA GLY F 27 -6.16 -4.95 -10.32
C GLY F 27 -6.77 -6.09 -11.11
N GLY F 28 -8.06 -6.01 -11.40
CA GLY F 28 -8.69 -7.10 -12.14
C GLY F 28 -8.54 -7.07 -13.64
N LEU F 29 -8.77 -8.23 -14.26
CA LEU F 29 -8.65 -8.28 -15.70
C LEU F 29 -9.92 -7.68 -16.30
N PRO F 30 -9.76 -6.50 -16.88
CA PRO F 30 -10.73 -5.64 -17.55
C PRO F 30 -11.42 -6.33 -18.72
N GLY F 31 -12.64 -5.89 -19.03
CA GLY F 31 -13.36 -6.43 -20.18
C GLY F 31 -12.92 -5.55 -21.34
N ALA F 32 -13.14 -5.97 -22.59
CA ALA F 32 -12.73 -5.18 -23.73
C ALA F 32 -13.51 -3.88 -23.79
N SER F 33 -14.66 -3.84 -23.10
CA SER F 33 -15.50 -2.65 -23.10
C SER F 33 -15.31 -1.81 -21.87
N SER F 34 -14.77 -2.41 -20.81
CA SER F 34 -14.58 -1.71 -19.55
C SER F 34 -14.10 -0.27 -19.67
N GLU F 35 -14.66 0.57 -18.81
CA GLU F 35 -14.35 2.01 -18.71
C GLU F 35 -14.08 2.34 -17.25
N LYS F 36 -13.53 3.52 -16.98
CA LYS F 36 -13.24 3.90 -15.61
C LYS F 36 -14.53 4.23 -14.87
N ASN F 37 -15.61 4.39 -15.62
CA ASN F 37 -16.93 4.68 -15.04
C ASN F 37 -17.73 3.41 -15.02
N LYS F 38 -17.83 2.77 -16.17
CA LYS F 38 -18.57 1.54 -16.31
C LYS F 38 -17.56 0.40 -16.49
N LYS F 39 -17.13 -0.21 -15.39
CA LYS F 39 -16.18 -1.32 -15.49
C LYS F 39 -16.88 -2.62 -15.85
N SER F 40 -16.31 -3.35 -16.81
CA SER F 40 -16.88 -4.62 -17.23
C SER F 40 -15.78 -5.65 -17.10
N TYR F 41 -16.15 -6.90 -17.32
CA TYR F 41 -15.18 -7.99 -17.23
C TYR F 41 -15.44 -9.03 -18.29
N PRO F 42 -14.49 -9.95 -18.44
CA PRO F 42 -14.66 -11.00 -19.43
C PRO F 42 -15.98 -11.64 -19.10
N GLN F 43 -16.68 -12.07 -20.13
CA GLN F 43 -17.96 -12.66 -19.89
C GLN F 43 -18.35 -13.58 -21.02
N VAL F 44 -18.81 -14.76 -20.63
CA VAL F 44 -19.21 -15.82 -21.56
C VAL F 44 -20.64 -16.30 -21.30
N LYS F 45 -21.22 -17.01 -22.28
CA LYS F 45 -22.59 -17.53 -22.16
C LYS F 45 -22.80 -18.91 -22.81
N ILE F 46 -23.49 -19.79 -22.08
CA ILE F 46 -23.79 -21.15 -22.55
C ILE F 46 -25.06 -21.07 -23.38
N CYS F 47 -24.95 -21.38 -24.67
CA CYS F 47 -26.09 -21.32 -25.58
C CYS F 47 -26.73 -22.71 -25.83
N ASN F 48 -28.01 -22.73 -26.20
CA ASN F 48 -28.72 -23.97 -26.51
C ASN F 48 -28.74 -24.99 -25.35
N TYR F 49 -28.88 -24.50 -24.14
CA TYR F 49 -28.93 -25.36 -22.95
C TYR F 49 -29.12 -24.47 -21.75
N VAL F 50 -30.02 -24.85 -20.84
CA VAL F 50 -30.22 -24.08 -19.63
C VAL F 50 -30.36 -25.06 -18.49
N GLY F 51 -29.46 -24.95 -17.53
CA GLY F 51 -29.48 -25.84 -16.38
C GLY F 51 -28.13 -25.79 -15.71
N PRO F 52 -27.88 -26.62 -14.69
CA PRO F 52 -26.55 -26.55 -14.06
C PRO F 52 -25.44 -26.65 -15.09
N ALA F 53 -24.27 -26.12 -14.75
CA ALA F 53 -23.14 -26.13 -15.66
C ALA F 53 -21.88 -25.70 -14.94
N LYS F 54 -20.75 -26.19 -15.43
CA LYS F 54 -19.45 -25.88 -14.86
C LYS F 54 -18.58 -25.24 -15.94
N VAL F 55 -17.99 -24.09 -15.64
CA VAL F 55 -17.12 -23.42 -16.60
C VAL F 55 -15.76 -23.15 -15.96
N ILE F 56 -14.71 -23.52 -16.69
CA ILE F 56 -13.35 -23.35 -16.21
C ILE F 56 -12.55 -22.45 -17.12
N VAL F 57 -11.61 -21.73 -16.51
CA VAL F 57 -10.75 -20.83 -17.26
C VAL F 57 -9.27 -21.14 -17.04
N GLN F 58 -8.58 -21.37 -18.15
CA GLN F 58 -7.15 -21.69 -18.10
C GLN F 58 -6.45 -20.74 -19.05
N LEU F 59 -5.19 -20.47 -18.76
CA LEU F 59 -4.39 -19.61 -19.59
C LEU F 59 -3.77 -20.53 -20.61
N VAL F 60 -3.58 -20.02 -21.82
CA VAL F 60 -2.99 -20.82 -22.87
C VAL F 60 -2.01 -19.96 -23.65
N THR F 61 -1.16 -20.58 -24.44
CA THR F 61 -0.16 -19.84 -25.20
C THR F 61 -0.76 -19.10 -26.38
N ASN F 62 0.03 -18.20 -26.97
CA ASN F 62 -0.43 -17.43 -28.12
C ASN F 62 0.33 -17.81 -29.38
N GLY F 63 0.67 -19.09 -29.49
CA GLY F 63 1.38 -19.54 -30.67
C GLY F 63 0.36 -20.10 -31.66
N LYS F 64 0.86 -20.82 -32.66
CA LYS F 64 0.02 -21.42 -33.68
C LYS F 64 -0.72 -22.65 -33.11
N ASN F 65 -0.01 -23.43 -32.30
CA ASN F 65 -0.58 -24.63 -31.66
C ASN F 65 -0.83 -24.22 -30.23
N ILE F 66 -2.09 -24.17 -29.84
CA ILE F 66 -2.42 -23.78 -28.49
C ILE F 66 -1.85 -24.76 -27.46
N HIS F 67 -1.22 -24.20 -26.42
CA HIS F 67 -0.63 -25.01 -25.36
C HIS F 67 -0.91 -24.41 -24.00
N LEU F 68 -0.65 -25.19 -22.96
CA LEU F 68 -0.85 -24.70 -21.63
C LEU F 68 0.18 -23.63 -21.34
N HIS F 69 -0.22 -22.63 -20.55
CA HIS F 69 0.67 -21.54 -20.18
C HIS F 69 1.07 -21.66 -18.70
N ALA F 70 2.36 -21.41 -18.47
CA ALA F 70 2.98 -21.48 -17.16
C ALA F 70 2.44 -20.50 -16.15
N HIS F 71 1.81 -19.44 -16.64
CA HIS F 71 1.23 -18.42 -15.77
C HIS F 71 -0.05 -18.96 -15.18
N SER F 72 -0.44 -18.41 -14.05
CA SER F 72 -1.62 -18.90 -13.38
C SER F 72 -2.65 -17.84 -13.06
N LEU F 73 -3.89 -18.17 -13.36
CA LEU F 73 -5.02 -17.29 -13.12
C LEU F 73 -5.31 -17.24 -11.63
N VAL F 74 -5.12 -16.10 -10.99
CA VAL F 74 -5.38 -16.01 -9.55
C VAL F 74 -6.52 -15.08 -9.08
N GLY F 75 -6.98 -15.30 -7.85
CA GLY F 75 -8.03 -14.49 -7.27
C GLY F 75 -9.38 -15.15 -6.98
N LYS F 76 -10.42 -14.48 -7.43
CA LYS F 76 -11.80 -14.92 -7.28
C LYS F 76 -12.07 -16.29 -7.92
N HIS F 77 -12.49 -17.26 -7.10
CA HIS F 77 -12.82 -18.60 -7.56
C HIS F 77 -11.68 -19.30 -8.27
N CYS F 78 -10.46 -18.86 -8.01
CA CYS F 78 -9.29 -19.45 -8.62
C CYS F 78 -8.53 -20.37 -7.68
N GLU F 79 -7.99 -21.43 -8.27
CA GLU F 79 -7.21 -22.39 -7.52
C GLU F 79 -6.30 -23.13 -8.50
N ASP F 80 -5.03 -23.26 -8.12
CA ASP F 80 -4.05 -23.94 -8.95
C ASP F 80 -4.01 -23.39 -10.36
N GLY F 81 -4.15 -22.09 -10.46
CA GLY F 81 -4.12 -21.45 -11.76
C GLY F 81 -5.34 -21.73 -12.61
N VAL F 82 -6.41 -22.27 -12.01
CA VAL F 82 -7.62 -22.51 -12.78
C VAL F 82 -8.85 -21.87 -12.16
N CYS F 83 -9.52 -21.07 -12.97
CA CYS F 83 -10.72 -20.38 -12.54
C CYS F 83 -11.89 -21.27 -12.82
N THR F 84 -12.64 -21.60 -11.77
CA THR F 84 -13.80 -22.46 -11.90
C THR F 84 -15.01 -21.87 -11.20
N VAL F 85 -16.06 -21.68 -11.98
CA VAL F 85 -17.32 -21.14 -11.52
C VAL F 85 -18.41 -22.01 -12.09
N THR F 86 -19.60 -21.90 -11.50
CA THR F 86 -20.75 -22.66 -11.95
C THR F 86 -21.75 -21.75 -12.66
N ALA F 87 -22.40 -22.26 -13.69
CA ALA F 87 -23.38 -21.49 -14.43
C ALA F 87 -24.75 -21.78 -13.81
N GLY F 88 -25.25 -20.83 -13.00
CA GLY F 88 -26.55 -20.98 -12.36
C GLY F 88 -27.52 -21.80 -13.19
N PRO F 89 -28.48 -22.49 -12.55
CA PRO F 89 -29.44 -23.31 -13.29
C PRO F 89 -30.35 -22.55 -14.27
N LYS F 90 -30.55 -21.25 -14.01
CA LYS F 90 -31.41 -20.40 -14.84
C LYS F 90 -30.58 -19.47 -15.71
N ASP F 91 -29.71 -18.70 -15.06
CA ASP F 91 -28.87 -17.75 -15.76
C ASP F 91 -27.67 -18.45 -16.37
N MET F 92 -27.57 -18.41 -17.70
CA MET F 92 -26.47 -19.07 -18.40
C MET F 92 -25.32 -18.15 -18.82
N VAL F 93 -25.22 -16.99 -18.19
CA VAL F 93 -24.16 -16.05 -18.50
C VAL F 93 -23.19 -15.93 -17.31
N VAL F 94 -21.90 -16.10 -17.55
CA VAL F 94 -20.94 -16.00 -16.45
C VAL F 94 -19.90 -14.93 -16.69
N GLY F 95 -19.56 -14.22 -15.63
CA GLY F 95 -18.55 -13.17 -15.73
C GLY F 95 -17.35 -13.58 -14.89
N PHE F 96 -16.22 -12.89 -15.08
CA PHE F 96 -14.99 -13.20 -14.36
C PHE F 96 -14.28 -11.95 -13.88
N ALA F 97 -14.73 -11.43 -12.77
CA ALA F 97 -14.13 -10.23 -12.27
C ALA F 97 -13.04 -10.57 -11.30
N ASN F 98 -12.26 -9.55 -10.98
CA ASN F 98 -11.18 -9.71 -10.06
C ASN F 98 -10.32 -10.89 -10.46
N LEU F 99 -9.90 -10.90 -11.72
CA LEU F 99 -9.07 -12.00 -12.21
C LEU F 99 -7.66 -11.47 -12.41
N GLY F 100 -6.68 -12.19 -11.87
CA GLY F 100 -5.30 -11.76 -12.00
C GLY F 100 -4.44 -12.68 -12.82
N ILE F 101 -3.29 -12.17 -13.26
CA ILE F 101 -2.38 -12.98 -14.06
C ILE F 101 -1.06 -13.07 -13.38
N LEU F 102 -0.80 -14.25 -12.83
CA LEU F 102 0.44 -14.50 -12.12
C LEU F 102 1.53 -14.82 -13.13
N HIS F 103 2.57 -13.99 -13.12
CA HIS F 103 3.72 -14.12 -14.01
C HIS F 103 4.80 -14.92 -13.30
N VAL F 104 5.00 -16.16 -13.76
CA VAL F 104 5.98 -17.09 -13.18
C VAL F 104 7.39 -16.64 -13.51
N THR F 105 8.33 -16.83 -12.60
CA THR F 105 9.68 -16.38 -12.89
C THR F 105 10.29 -17.21 -14.02
N LYS F 106 11.34 -16.69 -14.67
CA LYS F 106 11.98 -17.40 -15.78
C LYS F 106 12.45 -18.76 -15.33
N LYS F 107 13.20 -18.78 -14.23
CA LYS F 107 13.75 -20.00 -13.66
C LYS F 107 12.74 -21.07 -13.24
N LYS F 108 11.50 -20.68 -12.94
CA LYS F 108 10.48 -21.63 -12.50
C LYS F 108 9.48 -22.00 -13.58
N VAL F 109 9.77 -21.62 -14.82
CA VAL F 109 8.88 -21.91 -15.95
C VAL F 109 8.63 -23.38 -16.23
N PHE F 110 9.73 -24.12 -16.40
CA PHE F 110 9.66 -25.54 -16.69
C PHE F 110 8.92 -26.34 -15.61
N GLU F 111 9.48 -26.37 -14.41
CA GLU F 111 8.86 -27.12 -13.32
C GLU F 111 7.39 -26.74 -13.09
N THR F 112 7.08 -25.46 -13.18
CA THR F 112 5.70 -25.01 -12.98
C THR F 112 4.82 -25.48 -14.14
N LEU F 113 5.39 -25.59 -15.35
CA LEU F 113 4.67 -26.01 -16.57
C LEU F 113 4.33 -27.49 -16.51
N GLU F 114 5.24 -28.24 -15.91
CA GLU F 114 5.13 -29.67 -15.73
C GLU F 114 4.00 -29.92 -14.75
N ALA F 115 4.02 -29.19 -13.64
CA ALA F 115 3.01 -29.29 -12.59
C ALA F 115 1.58 -28.95 -13.05
N ARG F 116 1.46 -28.06 -14.03
CA ARG F 116 0.15 -27.66 -14.56
C ARG F 116 -0.44 -28.68 -15.53
N MET F 117 0.40 -29.29 -16.36
CA MET F 117 -0.07 -30.28 -17.33
C MET F 117 -0.51 -31.56 -16.59
N THR F 118 0.11 -31.81 -15.44
CA THR F 118 -0.23 -32.99 -14.62
C THR F 118 -1.61 -32.75 -13.99
N GLU F 119 -1.78 -31.61 -13.34
CA GLU F 119 -3.05 -31.24 -12.72
C GLU F 119 -4.12 -31.23 -13.79
N ALA F 120 -3.74 -30.88 -15.01
CA ALA F 120 -4.66 -30.82 -16.14
C ALA F 120 -4.99 -32.20 -16.68
N CYS F 121 -4.07 -33.14 -16.51
CA CYS F 121 -4.32 -34.50 -16.99
C CYS F 121 -5.02 -35.37 -15.94
N ILE F 122 -4.89 -35.00 -14.68
CA ILE F 122 -5.52 -35.71 -13.55
C ILE F 122 -7.04 -35.39 -13.50
N ARG F 123 -7.38 -34.11 -13.60
CA ARG F 123 -8.78 -33.69 -13.56
C ARG F 123 -9.43 -33.97 -14.92
N GLY F 124 -8.63 -34.06 -15.98
CA GLY F 124 -9.14 -34.30 -17.32
C GLY F 124 -9.50 -33.04 -18.11
N TYR F 125 -8.90 -31.92 -17.74
CA TYR F 125 -9.15 -30.62 -18.37
C TYR F 125 -8.43 -30.41 -19.72
N ASN F 126 -9.07 -30.86 -20.81
CA ASN F 126 -8.53 -30.74 -22.18
C ASN F 126 -7.10 -31.26 -22.30
N PRO F 127 -6.79 -32.39 -21.63
CA PRO F 127 -5.40 -32.87 -21.76
C PRO F 127 -4.89 -33.00 -23.19
N GLY F 128 -5.76 -33.50 -24.09
CA GLY F 128 -5.37 -33.70 -25.47
C GLY F 128 -4.99 -32.48 -26.27
N LEU F 129 -5.77 -31.43 -26.13
CA LEU F 129 -5.52 -30.23 -26.88
C LEU F 129 -4.31 -29.42 -26.40
N LEU F 130 -4.16 -29.29 -25.09
CA LEU F 130 -3.08 -28.49 -24.53
C LEU F 130 -1.76 -29.16 -24.12
N VAL F 131 -1.81 -30.40 -23.62
CA VAL F 131 -0.56 -31.07 -23.20
C VAL F 131 0.05 -31.91 -24.30
N HIS F 132 -0.70 -32.91 -24.80
CA HIS F 132 -0.20 -33.77 -25.87
C HIS F 132 -1.31 -34.56 -26.61
N SER F 133 -1.21 -34.58 -27.93
CA SER F 133 -2.18 -35.27 -28.81
C SER F 133 -2.75 -36.59 -28.29
N ASP F 134 -1.88 -37.53 -27.98
CA ASP F 134 -2.26 -38.85 -27.50
C ASP F 134 -2.49 -38.92 -25.99
N LEU F 135 -3.07 -37.87 -25.43
CA LEU F 135 -3.34 -37.86 -24.00
C LEU F 135 -4.82 -37.51 -23.86
N ALA F 136 -5.49 -37.40 -25.02
CA ALA F 136 -6.92 -37.06 -25.12
C ALA F 136 -7.84 -38.12 -24.49
N TYR F 137 -7.25 -39.27 -24.15
CA TYR F 137 -7.97 -40.38 -23.54
C TYR F 137 -8.25 -40.14 -22.05
N LEU F 138 -7.63 -39.08 -21.50
CA LEU F 138 -7.82 -38.71 -20.11
C LEU F 138 -8.89 -37.64 -20.05
N GLN F 139 -10.15 -38.08 -20.05
CA GLN F 139 -11.29 -37.18 -20.00
C GLN F 139 -12.00 -37.21 -18.63
N ALA F 140 -12.26 -36.02 -18.09
CA ALA F 140 -12.91 -35.80 -16.79
C ALA F 140 -14.14 -36.69 -16.57
N GLU F 141 -13.89 -37.97 -16.27
CA GLU F 141 -14.95 -38.97 -16.01
C GLU F 141 -15.26 -39.06 -14.51
N GLY F 142 -15.74 -37.97 -13.92
CA GLY F 142 -16.01 -37.96 -12.49
C GLY F 142 -14.66 -38.08 -11.81
N GLY F 143 -13.60 -37.82 -12.59
CA GLY F 143 -12.23 -37.91 -12.14
C GLY F 143 -11.47 -38.72 -13.18
N GLY F 144 -11.30 -38.13 -14.37
CA GLY F 144 -10.62 -38.81 -15.46
C GLY F 144 -9.21 -39.24 -15.13
N ASP F 145 -9.07 -40.47 -14.64
CA ASP F 145 -7.78 -41.03 -14.27
C ASP F 145 -7.21 -40.22 -13.11
N ARG F 146 -7.80 -40.38 -11.92
CA ARG F 146 -7.33 -39.63 -10.75
C ARG F 146 -5.87 -39.96 -10.40
N GLN F 147 -5.34 -41.02 -11.01
CA GLN F 147 -3.95 -41.43 -10.79
C GLN F 147 -3.20 -41.68 -12.10
N LEU F 148 -2.26 -40.80 -12.40
CA LEU F 148 -1.44 -40.89 -13.61
C LEU F 148 -0.45 -42.05 -13.54
N THR F 149 -0.39 -42.80 -14.63
CA THR F 149 0.51 -43.93 -14.75
C THR F 149 1.95 -43.39 -14.91
N ASP F 150 2.91 -44.29 -15.15
CA ASP F 150 4.33 -43.92 -15.32
C ASP F 150 4.71 -43.51 -16.74
N ARG F 151 3.98 -44.04 -17.72
CA ARG F 151 4.20 -43.73 -19.13
C ARG F 151 3.54 -42.39 -19.39
N GLU F 152 2.57 -42.07 -18.56
CA GLU F 152 1.86 -40.81 -18.67
C GLU F 152 2.75 -39.67 -18.11
N LYS F 153 3.47 -39.92 -17.02
CA LYS F 153 4.35 -38.89 -16.44
C LYS F 153 5.47 -38.54 -17.43
N GLU F 154 5.79 -39.49 -18.30
CA GLU F 154 6.84 -39.36 -19.32
C GLU F 154 6.45 -38.52 -20.53
N ILE F 155 5.18 -38.61 -20.92
CA ILE F 155 4.66 -37.82 -22.03
C ILE F 155 4.71 -36.37 -21.53
N ILE F 156 4.36 -36.19 -20.26
CA ILE F 156 4.34 -34.89 -19.59
C ILE F 156 5.75 -34.26 -19.55
N ARG F 157 6.74 -35.03 -19.13
CA ARG F 157 8.11 -34.54 -19.06
C ARG F 157 8.69 -34.22 -20.45
N GLN F 158 8.12 -34.82 -21.50
CA GLN F 158 8.58 -34.59 -22.87
C GLN F 158 7.89 -33.40 -23.53
N ALA F 159 6.67 -33.11 -23.08
CA ALA F 159 5.90 -31.99 -23.61
C ALA F 159 6.35 -30.71 -22.92
N ALA F 160 6.59 -30.80 -21.61
CA ALA F 160 7.03 -29.66 -20.79
C ALA F 160 8.31 -29.07 -21.37
N VAL F 161 9.33 -29.91 -21.48
CA VAL F 161 10.63 -29.52 -22.00
C VAL F 161 10.59 -29.01 -23.44
N GLN F 162 9.75 -29.63 -24.27
CA GLN F 162 9.63 -29.23 -25.67
C GLN F 162 8.88 -27.90 -25.80
N GLN F 163 7.91 -27.68 -24.91
CA GLN F 163 7.10 -26.46 -24.91
C GLN F 163 7.77 -25.26 -24.19
N THR F 164 8.72 -25.53 -23.30
CA THR F 164 9.42 -24.46 -22.57
C THR F 164 10.51 -23.81 -23.38
N LYS F 165 10.87 -24.43 -24.49
CA LYS F 165 11.92 -23.86 -25.32
C LYS F 165 11.38 -22.71 -26.12
N GLU F 166 10.05 -22.58 -26.16
CA GLU F 166 9.45 -21.50 -26.89
C GLU F 166 8.14 -21.00 -26.32
N MET F 167 8.22 -20.40 -25.14
CA MET F 167 7.07 -19.84 -24.46
C MET F 167 7.29 -18.34 -24.29
N ASP F 168 6.31 -17.55 -24.73
CA ASP F 168 6.37 -16.10 -24.60
C ASP F 168 5.72 -15.77 -23.24
N LEU F 169 6.50 -15.17 -22.36
CA LEU F 169 6.00 -14.83 -21.04
C LEU F 169 5.31 -13.47 -21.02
N SER F 170 5.18 -12.87 -22.20
CA SER F 170 4.57 -11.56 -22.27
C SER F 170 3.26 -11.53 -22.97
N VAL F 171 2.60 -12.67 -23.03
CA VAL F 171 1.31 -12.77 -23.68
C VAL F 171 0.56 -13.99 -23.21
N VAL F 172 -0.76 -13.93 -23.16
CA VAL F 172 -1.47 -15.10 -22.75
C VAL F 172 -2.88 -15.04 -23.36
N ARG F 173 -3.65 -16.11 -23.25
CA ARG F 173 -4.99 -16.14 -23.81
C ARG F 173 -5.82 -16.96 -22.86
N LEU F 174 -7.08 -16.60 -22.71
CA LEU F 174 -7.92 -17.34 -21.82
C LEU F 174 -8.59 -18.36 -22.66
N MET F 175 -8.98 -19.46 -22.04
CA MET F 175 -9.70 -20.49 -22.76
C MET F 175 -10.75 -20.98 -21.83
N PHE F 176 -11.99 -20.85 -22.26
CA PHE F 176 -13.08 -21.30 -21.43
C PHE F 176 -13.56 -22.63 -21.94
N THR F 177 -13.93 -23.47 -21.00
CA THR F 177 -14.43 -24.77 -21.34
C THR F 177 -15.61 -24.97 -20.42
N ALA F 178 -16.69 -25.51 -20.98
CA ALA F 178 -17.91 -25.75 -20.21
C ALA F 178 -18.24 -27.24 -20.12
N PHE F 179 -18.64 -27.67 -18.92
CA PHE F 179 -19.01 -29.07 -18.65
C PHE F 179 -20.45 -29.18 -18.18
N LEU F 180 -21.23 -30.04 -18.84
CA LEU F 180 -22.63 -30.21 -18.47
C LEU F 180 -22.79 -31.54 -17.72
N PRO F 181 -23.72 -31.58 -16.73
CA PRO F 181 -23.96 -32.80 -15.93
C PRO F 181 -24.37 -34.03 -16.75
N ASP F 182 -23.83 -35.17 -16.35
CA ASP F 182 -24.11 -36.45 -17.02
C ASP F 182 -25.30 -37.15 -16.36
N SER F 183 -25.44 -38.45 -16.65
CA SER F 183 -26.51 -39.26 -16.09
C SER F 183 -26.44 -39.26 -14.56
N THR F 184 -25.22 -39.37 -14.03
CA THR F 184 -25.00 -39.39 -12.58
C THR F 184 -25.10 -37.99 -11.96
N GLY F 185 -24.87 -36.97 -12.77
CA GLY F 185 -24.94 -35.60 -12.27
C GLY F 185 -23.59 -34.89 -12.27
N SER F 186 -22.51 -35.66 -12.37
CA SER F 186 -21.15 -35.11 -12.39
C SER F 186 -20.87 -34.36 -13.69
N PHE F 187 -20.49 -33.09 -13.58
CA PHE F 187 -20.22 -32.28 -14.75
C PHE F 187 -19.04 -32.84 -15.53
N THR F 188 -19.33 -33.72 -16.47
CA THR F 188 -18.32 -34.38 -17.30
C THR F 188 -18.53 -34.18 -18.79
N ARG F 189 -19.73 -33.76 -19.18
CA ARG F 189 -19.99 -33.53 -20.59
C ARG F 189 -19.29 -32.23 -21.03
N ARG F 190 -18.23 -32.37 -21.84
CA ARG F 190 -17.42 -31.23 -22.32
C ARG F 190 -17.88 -30.65 -23.67
N LEU F 191 -17.99 -29.32 -23.73
CA LEU F 191 -18.41 -28.63 -24.96
C LEU F 191 -17.15 -28.11 -25.63
N GLU F 192 -17.22 -27.82 -26.92
CA GLU F 192 -16.04 -27.30 -27.61
C GLU F 192 -15.54 -26.08 -26.83
N PRO F 193 -14.35 -26.19 -26.19
CA PRO F 193 -13.85 -25.04 -25.44
C PRO F 193 -13.52 -23.91 -26.39
N VAL F 194 -13.55 -22.68 -25.89
CA VAL F 194 -13.25 -21.54 -26.72
C VAL F 194 -12.15 -20.66 -26.13
N VAL F 195 -11.32 -20.15 -27.04
CA VAL F 195 -10.20 -19.30 -26.68
C VAL F 195 -10.47 -17.83 -26.99
N SER F 196 -9.98 -16.95 -26.12
CA SER F 196 -10.17 -15.52 -26.23
C SER F 196 -9.07 -14.84 -27.02
N ASP F 197 -9.22 -13.53 -27.17
CA ASP F 197 -8.19 -12.76 -27.86
C ASP F 197 -6.99 -12.84 -26.94
N ALA F 198 -5.82 -12.45 -27.45
CA ALA F 198 -4.58 -12.50 -26.69
C ALA F 198 -4.43 -11.33 -25.73
N ILE F 199 -3.67 -11.54 -24.67
CA ILE F 199 -3.43 -10.51 -23.66
C ILE F 199 -1.95 -10.24 -23.63
N TYR F 200 -1.58 -8.96 -23.58
CA TYR F 200 -0.17 -8.58 -23.58
C TYR F 200 0.15 -7.85 -22.32
N ASP F 201 1.07 -8.41 -21.57
CA ASP F 201 1.49 -7.82 -20.33
C ASP F 201 1.96 -6.39 -20.52
N SER F 202 1.42 -5.47 -19.74
CA SER F 202 1.83 -4.09 -19.85
C SER F 202 3.25 -3.83 -19.37
N LYS F 203 3.95 -4.79 -18.82
CA LYS F 203 5.29 -4.43 -18.39
C LYS F 203 6.32 -4.58 -19.51
N ALA F 204 6.04 -5.48 -20.45
CA ALA F 204 6.96 -5.74 -21.54
C ALA F 204 7.20 -4.57 -22.49
N PRO F 205 8.47 -4.21 -22.69
CA PRO F 205 8.84 -3.10 -23.56
C PRO F 205 8.18 -3.25 -24.92
N ASN F 206 8.11 -4.47 -25.42
CA ASN F 206 7.46 -4.69 -26.71
C ASN F 206 5.96 -4.71 -26.55
N ALA F 207 5.46 -3.99 -25.56
CA ALA F 207 4.02 -3.95 -25.33
C ALA F 207 3.56 -2.75 -24.45
N SER F 208 4.52 -1.97 -23.97
CA SER F 208 4.21 -0.83 -23.15
C SER F 208 3.69 0.31 -24.01
N ASN F 209 2.62 0.96 -23.55
CA ASN F 209 2.03 2.09 -24.24
C ASN F 209 3.09 3.06 -24.81
N LEU F 210 2.85 3.53 -26.00
CA LEU F 210 3.76 4.48 -26.60
C LEU F 210 3.11 5.82 -26.37
N LYS F 211 3.90 6.87 -26.17
CA LYS F 211 3.28 8.16 -25.97
C LYS F 211 4.34 9.23 -26.17
N ILE F 212 3.98 10.31 -26.87
CA ILE F 212 4.93 11.38 -27.07
C ILE F 212 4.64 12.30 -25.92
N VAL F 213 5.62 12.49 -25.06
CA VAL F 213 5.39 13.36 -23.94
C VAL F 213 5.49 14.81 -24.40
N ARG F 214 6.69 15.27 -24.71
CA ARG F 214 6.87 16.64 -25.16
C ARG F 214 7.76 16.63 -26.37
N MET F 215 7.76 17.72 -27.13
CA MET F 215 8.58 17.88 -28.33
C MET F 215 9.02 19.33 -28.37
N ASP F 216 10.27 19.59 -28.71
CA ASP F 216 10.73 20.97 -28.71
C ASP F 216 10.37 21.70 -29.97
N ARG F 217 9.48 21.14 -30.77
CA ARG F 217 9.10 21.80 -32.01
C ARG F 217 8.02 21.01 -32.72
N THR F 218 6.80 21.54 -32.76
CA THR F 218 5.71 20.80 -33.38
C THR F 218 5.43 21.35 -34.75
N ALA F 219 6.35 22.17 -35.25
CA ALA F 219 6.18 22.75 -36.56
C ALA F 219 7.50 22.61 -37.29
N GLY F 220 7.44 22.63 -38.60
CA GLY F 220 8.65 22.50 -39.38
C GLY F 220 8.43 22.81 -40.85
N CYS F 221 9.49 23.20 -41.53
CA CYS F 221 9.36 23.51 -42.94
C CYS F 221 8.96 22.23 -43.67
N VAL F 222 8.55 22.36 -44.91
CA VAL F 222 8.18 21.20 -45.73
C VAL F 222 9.44 20.57 -46.37
N THR F 223 10.54 21.33 -46.37
CA THR F 223 11.79 20.85 -46.92
C THR F 223 12.20 19.70 -46.05
N GLY F 224 11.97 19.82 -44.75
CA GLY F 224 12.35 18.75 -43.84
C GLY F 224 13.84 18.78 -43.54
N GLY F 225 14.29 17.86 -42.71
CA GLY F 225 15.70 17.82 -42.35
C GLY F 225 15.96 18.59 -41.07
N GLU F 226 14.92 19.25 -40.57
CA GLU F 226 15.04 20.01 -39.34
C GLU F 226 15.17 19.01 -38.20
N GLU F 227 16.00 19.35 -37.20
CA GLU F 227 16.25 18.48 -36.04
C GLU F 227 15.30 18.77 -34.90
N ILE F 228 14.71 17.72 -34.34
CA ILE F 228 13.79 17.86 -33.25
C ILE F 228 14.15 16.91 -32.13
N TYR F 229 13.95 17.36 -30.89
CA TYR F 229 14.20 16.53 -29.71
C TYR F 229 12.87 16.02 -29.22
N LEU F 230 12.72 14.73 -29.05
CA LEU F 230 11.46 14.23 -28.58
C LEU F 230 11.59 13.37 -27.31
N LEU F 231 10.75 13.68 -26.32
CA LEU F 231 10.74 12.93 -25.08
C LEU F 231 9.53 11.99 -25.20
N CYS F 232 9.64 10.82 -24.59
CA CYS F 232 8.62 9.78 -24.72
C CYS F 232 8.71 8.79 -23.57
N ASP F 233 7.76 7.87 -23.51
CA ASP F 233 7.81 6.84 -22.49
C ASP F 233 8.81 5.76 -22.94
N LYS F 234 9.01 4.73 -22.14
CA LYS F 234 9.97 3.69 -22.46
C LYS F 234 9.75 3.25 -23.89
N VAL F 235 10.85 3.14 -24.63
CA VAL F 235 10.87 2.68 -26.00
C VAL F 235 12.21 2.01 -26.28
N GLN F 236 12.18 1.02 -27.17
CA GLN F 236 13.34 0.23 -27.57
C GLN F 236 14.09 0.84 -28.75
N LYS F 237 15.33 1.29 -28.56
CA LYS F 237 16.02 1.95 -29.66
C LYS F 237 15.93 1.24 -31.00
N ASP F 238 15.98 -0.08 -30.99
CA ASP F 238 15.93 -0.75 -32.26
C ASP F 238 14.59 -0.97 -32.86
N ASP F 239 13.56 -1.01 -32.05
CA ASP F 239 12.26 -1.30 -32.58
C ASP F 239 11.33 -0.11 -32.64
N ILE F 240 11.84 1.05 -33.03
CA ILE F 240 10.96 2.23 -33.04
C ILE F 240 11.14 3.29 -34.12
N GLN F 241 10.02 3.86 -34.57
CA GLN F 241 10.01 4.90 -35.59
C GLN F 241 9.07 6.09 -35.31
N ILE F 242 9.39 7.23 -35.91
CA ILE F 242 8.58 8.45 -35.81
C ILE F 242 7.85 8.55 -37.16
N ARG F 243 6.54 8.41 -37.15
CA ARG F 243 5.82 8.46 -38.41
C ARG F 243 5.01 9.71 -38.59
N PHE F 244 5.18 10.42 -39.71
CA PHE F 244 4.37 11.61 -40.00
C PHE F 244 3.36 11.15 -41.02
N TYR F 245 2.19 11.75 -40.99
CA TYR F 245 1.18 11.32 -41.92
C TYR F 245 -0.03 12.23 -41.92
N GLU F 246 -0.73 12.22 -43.05
CA GLU F 246 -1.92 13.03 -43.25
C GLU F 246 -2.89 12.29 -44.14
N GLU F 247 -4.19 12.42 -43.83
CA GLU F 247 -5.26 11.81 -44.61
C GLU F 247 -5.30 12.50 -45.99
N GLU F 248 -5.46 11.71 -47.05
CA GLU F 248 -5.50 12.25 -48.40
C GLU F 248 -6.94 12.39 -48.90
N GLU F 249 -7.07 12.92 -50.11
CA GLU F 249 -8.40 13.10 -50.71
C GLU F 249 -8.96 11.72 -51.04
N ASN F 250 -8.18 10.95 -51.80
CA ASN F 250 -8.59 9.61 -52.21
C ASN F 250 -8.79 8.61 -51.07
N GLY F 251 -8.47 9.00 -49.83
CA GLY F 251 -8.63 8.09 -48.72
C GLY F 251 -7.31 7.51 -48.24
N GLY F 252 -6.29 7.50 -49.10
CA GLY F 252 -4.99 6.97 -48.71
C GLY F 252 -4.35 7.93 -47.74
N VAL F 253 -3.06 7.77 -47.49
CA VAL F 253 -2.40 8.67 -46.55
C VAL F 253 -0.96 8.88 -46.94
N TRP F 254 -0.46 10.10 -46.78
CA TRP F 254 0.94 10.33 -47.10
C TRP F 254 1.74 9.94 -45.89
N GLU F 255 2.76 9.10 -46.11
CA GLU F 255 3.62 8.64 -45.02
C GLU F 255 5.01 9.28 -45.06
N GLY F 256 5.49 9.70 -43.88
CA GLY F 256 6.79 10.34 -43.76
C GLY F 256 7.51 9.97 -42.48
N PHE F 257 8.75 9.52 -42.59
CA PHE F 257 9.48 9.08 -41.42
C PHE F 257 10.68 9.88 -41.01
N GLY F 258 10.87 9.95 -39.69
CA GLY F 258 11.98 10.68 -39.15
C GLY F 258 13.28 9.93 -39.39
N ASP F 259 14.35 10.69 -39.54
CA ASP F 259 15.64 10.08 -39.78
C ASP F 259 16.56 10.09 -38.56
N PHE F 260 16.64 8.93 -37.90
CA PHE F 260 17.47 8.75 -36.69
C PHE F 260 18.01 7.32 -36.58
N SER F 261 19.08 7.20 -35.82
CA SER F 261 19.72 5.91 -35.62
C SER F 261 19.59 5.49 -34.18
N PRO F 262 19.50 4.17 -33.91
CA PRO F 262 19.39 3.55 -32.58
C PRO F 262 20.31 4.14 -31.53
N THR F 263 21.19 5.02 -31.97
CA THR F 263 22.15 5.66 -31.10
C THR F 263 21.63 7.04 -30.70
N ASP F 264 20.67 7.55 -31.48
CA ASP F 264 19.99 8.86 -31.28
C ASP F 264 18.95 8.73 -30.13
N VAL F 265 18.52 7.50 -29.87
CA VAL F 265 17.55 7.17 -28.83
C VAL F 265 18.21 7.17 -27.46
N HIS F 266 17.99 8.25 -26.73
CA HIS F 266 18.55 8.47 -25.41
C HIS F 266 17.90 7.87 -24.15
N ARG F 267 18.58 6.90 -23.56
CA ARG F 267 18.12 6.28 -22.35
C ARG F 267 16.66 5.81 -22.41
N GLN F 268 16.24 5.32 -23.55
CA GLN F 268 14.89 4.78 -23.79
C GLN F 268 13.75 5.76 -23.74
N PHE F 269 14.04 6.98 -23.30
CA PHE F 269 13.00 8.00 -23.16
C PHE F 269 12.94 9.18 -24.09
N ALA F 270 13.97 9.39 -24.88
CA ALA F 270 13.99 10.50 -25.84
C ALA F 270 14.60 10.14 -27.20
N ILE F 271 14.37 10.96 -28.20
CA ILE F 271 14.91 10.65 -29.51
C ILE F 271 15.28 11.92 -30.22
N VAL F 272 16.52 12.03 -30.68
CA VAL F 272 16.92 13.23 -31.41
C VAL F 272 16.80 12.94 -32.91
N PHE F 273 15.75 13.40 -33.57
CA PHE F 273 15.65 13.10 -34.99
C PHE F 273 15.66 14.30 -35.94
N LYS F 274 15.34 14.04 -37.22
CA LYS F 274 15.30 15.06 -38.27
C LYS F 274 14.06 14.86 -39.14
N THR F 275 13.32 15.94 -39.36
CA THR F 275 12.08 15.87 -40.13
C THR F 275 12.15 15.32 -41.54
N PRO F 276 11.05 14.69 -41.98
CA PRO F 276 11.01 14.14 -43.33
C PRO F 276 10.56 15.29 -44.24
N LYS F 277 10.77 15.14 -45.54
CA LYS F 277 10.36 16.18 -46.49
C LYS F 277 8.87 16.02 -46.72
N TYR F 278 8.14 17.12 -46.76
CA TYR F 278 6.70 17.01 -46.96
C TYR F 278 6.41 16.43 -48.32
N LYS F 279 5.15 16.07 -48.52
CA LYS F 279 4.68 15.50 -49.77
C LYS F 279 4.63 16.56 -50.85
N ASP F 280 4.76 17.83 -50.45
CA ASP F 280 4.75 18.95 -51.39
C ASP F 280 5.57 20.13 -50.86
N VAL F 281 6.81 20.25 -51.33
CA VAL F 281 7.72 21.32 -50.89
C VAL F 281 7.44 22.70 -51.50
N ASN F 282 6.35 22.82 -52.25
CA ASN F 282 6.05 24.11 -52.85
C ASN F 282 4.63 24.62 -52.63
N ILE F 283 3.97 24.18 -51.57
CA ILE F 283 2.62 24.66 -51.33
C ILE F 283 2.78 26.11 -50.90
N THR F 284 1.69 26.84 -50.80
CA THR F 284 1.80 28.23 -50.44
C THR F 284 1.22 28.45 -49.03
N LYS F 285 0.43 27.49 -48.57
CA LYS F 285 -0.21 27.55 -47.24
C LYS F 285 0.14 26.39 -46.32
N PRO F 286 0.55 26.66 -45.06
CA PRO F 286 0.89 25.56 -44.17
C PRO F 286 -0.16 24.44 -44.18
N ALA F 287 0.30 23.22 -43.93
CA ALA F 287 -0.55 22.03 -43.90
C ALA F 287 -0.35 21.25 -42.62
N SER F 288 -1.42 21.08 -41.87
CA SER F 288 -1.37 20.35 -40.63
C SER F 288 -1.39 18.89 -40.89
N VAL F 289 -0.47 18.20 -40.24
CA VAL F 289 -0.30 16.77 -40.36
C VAL F 289 -0.37 16.10 -39.00
N PHE F 290 0.07 14.86 -38.93
CA PHE F 290 0.05 14.13 -37.68
C PHE F 290 1.37 13.42 -37.52
N VAL F 291 1.88 13.38 -36.29
CA VAL F 291 3.13 12.68 -36.02
C VAL F 291 2.81 11.73 -34.91
N GLN F 292 3.47 10.57 -34.93
CA GLN F 292 3.21 9.55 -33.93
C GLN F 292 4.39 8.59 -33.74
N LEU F 293 4.24 7.69 -32.77
CA LEU F 293 5.25 6.70 -32.45
C LEU F 293 4.71 5.33 -32.87
N ARG F 294 5.60 4.47 -33.39
CA ARG F 294 5.20 3.12 -33.80
C ARG F 294 6.28 2.02 -33.69
N ARG F 295 5.93 0.97 -32.93
CA ARG F 295 6.81 -0.17 -32.75
C ARG F 295 6.83 -0.87 -34.09
N LYS F 296 7.99 -1.38 -34.49
CA LYS F 296 8.05 -2.11 -35.75
C LYS F 296 7.35 -3.44 -35.51
N SER F 297 7.93 -4.24 -34.62
CA SER F 297 7.39 -5.54 -34.27
C SER F 297 5.88 -5.65 -34.44
N ASP F 298 5.11 -5.00 -33.58
CA ASP F 298 3.66 -5.09 -33.66
C ASP F 298 2.95 -3.93 -34.31
N LEU F 299 3.69 -2.90 -34.68
CA LEU F 299 3.11 -1.73 -35.34
C LEU F 299 2.10 -0.90 -34.56
N GLU F 300 2.09 -1.01 -33.24
CA GLU F 300 1.13 -0.20 -32.51
C GLU F 300 1.65 1.22 -32.62
N THR F 301 0.78 2.19 -32.36
CA THR F 301 1.15 3.61 -32.45
C THR F 301 0.69 4.47 -31.29
N SER F 302 1.45 5.55 -31.06
CA SER F 302 1.14 6.51 -30.01
C SER F 302 -0.05 7.27 -30.54
N GLU F 303 -0.65 8.12 -29.72
CA GLU F 303 -1.82 8.87 -30.14
C GLU F 303 -1.45 9.96 -31.13
N PRO F 304 -2.15 9.98 -32.28
CA PRO F 304 -1.85 11.01 -33.28
C PRO F 304 -1.62 12.35 -32.59
N LYS F 305 -0.51 13.00 -32.89
CA LYS F 305 -0.25 14.30 -32.29
C LYS F 305 0.13 15.33 -33.35
N PRO F 306 -0.61 16.46 -33.43
CA PRO F 306 -0.45 17.59 -34.36
C PRO F 306 0.94 18.12 -34.63
N PHE F 307 1.22 18.33 -35.91
CA PHE F 307 2.49 18.87 -36.37
C PHE F 307 2.14 19.83 -37.50
N LEU F 308 2.82 20.96 -37.57
CA LEU F 308 2.53 21.92 -38.62
C LEU F 308 3.67 22.18 -39.60
N TYR F 309 3.41 21.81 -40.85
CA TYR F 309 4.33 21.96 -41.97
C TYR F 309 4.06 23.26 -42.74
N TYR F 310 4.92 24.24 -42.56
CA TYR F 310 4.78 25.52 -43.24
C TYR F 310 5.76 25.58 -44.41
N PRO F 311 5.37 26.19 -45.54
CA PRO F 311 6.31 26.25 -46.67
C PRO F 311 7.47 27.23 -46.47
N GLU F 312 8.46 27.11 -47.35
CA GLU F 312 9.62 28.00 -47.29
C GLU F 312 9.75 28.60 -48.68
N ALA G 1 27.97 -69.81 -34.92
CA ALA G 1 29.00 -69.23 -35.83
C ALA G 1 29.10 -67.72 -35.63
N TYR G 2 30.18 -67.27 -34.99
CA TYR G 2 30.41 -65.85 -34.72
C TYR G 2 31.80 -65.35 -35.12
N VAL G 3 32.06 -64.06 -34.86
CA VAL G 3 33.33 -63.43 -35.20
C VAL G 3 33.97 -62.80 -33.96
N GLU G 4 35.30 -62.83 -33.89
CA GLU G 4 36.02 -62.23 -32.76
C GLU G 4 37.34 -61.64 -33.28
N ILE G 5 37.68 -60.46 -32.79
CA ILE G 5 38.90 -59.82 -33.21
C ILE G 5 40.10 -60.46 -32.51
N ILE G 6 40.98 -61.06 -33.30
CA ILE G 6 42.18 -61.69 -32.76
C ILE G 6 43.20 -60.59 -32.51
N GLU G 7 43.38 -59.74 -33.53
CA GLU G 7 44.32 -58.64 -33.47
C GLU G 7 43.69 -57.26 -33.67
N GLN G 8 43.26 -56.60 -32.59
CA GLN G 8 42.66 -55.27 -32.66
C GLN G 8 43.60 -54.31 -33.35
N PRO G 9 43.10 -53.17 -33.85
CA PRO G 9 44.02 -52.23 -34.49
C PRO G 9 44.74 -51.39 -33.41
N LYS G 10 45.77 -50.63 -33.76
CA LYS G 10 46.46 -49.84 -32.74
C LYS G 10 45.59 -48.64 -32.49
N GLN G 11 45.45 -48.23 -31.22
CA GLN G 11 44.59 -47.10 -30.89
C GLN G 11 45.02 -45.69 -31.21
N ARG G 12 46.27 -45.35 -30.86
CA ARG G 12 46.78 -44.00 -31.13
C ARG G 12 48.04 -44.13 -31.97
N GLY G 13 48.49 -43.05 -32.59
CA GLY G 13 49.73 -43.12 -33.36
C GLY G 13 49.69 -42.76 -34.84
N MET G 14 48.72 -43.35 -35.52
CA MET G 14 48.51 -43.14 -36.93
C MET G 14 47.63 -41.96 -37.08
N ARG G 15 47.97 -41.04 -37.96
CA ARG G 15 47.13 -39.89 -38.15
C ARG G 15 46.33 -40.04 -39.41
N PHE G 16 45.08 -39.63 -39.31
CA PHE G 16 44.15 -39.65 -40.40
C PHE G 16 44.58 -38.55 -41.35
N ARG G 17 44.49 -38.88 -42.64
CA ARG G 17 44.86 -37.97 -43.71
C ARG G 17 43.65 -37.52 -44.47
N TYR G 18 43.73 -36.32 -44.99
CA TYR G 18 42.61 -35.77 -45.73
C TYR G 18 42.68 -36.18 -47.19
N LYS G 19 41.60 -35.88 -47.90
CA LYS G 19 41.53 -36.22 -49.30
C LYS G 19 42.53 -35.36 -50.03
N CYS G 20 42.71 -34.11 -49.62
CA CYS G 20 43.65 -33.28 -50.32
C CYS G 20 45.12 -33.62 -50.09
N GLU G 21 45.41 -34.56 -49.19
CA GLU G 21 46.79 -34.97 -48.94
C GLU G 21 47.17 -36.15 -49.84
N GLY G 22 48.25 -36.85 -49.46
CA GLY G 22 48.71 -38.00 -50.22
C GLY G 22 47.58 -38.86 -50.76
N ARG G 23 47.60 -39.09 -52.07
CA ARG G 23 46.59 -39.93 -52.70
C ARG G 23 46.43 -41.14 -51.77
N SER G 24 47.53 -41.45 -51.08
CA SER G 24 47.60 -42.53 -50.12
C SER G 24 48.03 -42.05 -48.72
N ALA G 25 47.34 -42.60 -47.73
CA ALA G 25 47.55 -42.30 -46.33
C ALA G 25 48.56 -43.27 -45.82
N GLY G 26 48.12 -44.09 -44.87
CA GLY G 26 48.96 -45.11 -44.27
C GLY G 26 48.30 -46.46 -44.49
N SER G 27 48.56 -47.37 -43.56
CA SER G 27 48.02 -48.74 -43.56
C SER G 27 47.86 -49.08 -42.08
N ILE G 28 46.66 -49.38 -41.60
CA ILE G 28 46.50 -49.63 -40.16
C ILE G 28 47.35 -50.74 -39.57
N PRO G 29 48.06 -50.43 -38.50
CA PRO G 29 48.94 -51.35 -37.78
C PRO G 29 48.12 -52.26 -36.92
N GLY G 30 48.68 -53.42 -36.58
CA GLY G 30 47.96 -54.32 -35.72
C GLY G 30 47.83 -53.56 -34.42
N GLU G 31 48.36 -54.11 -33.35
CA GLU G 31 48.32 -53.48 -32.03
C GLU G 31 49.51 -54.00 -31.26
N ARG G 32 50.21 -54.94 -31.89
CA ARG G 32 51.38 -55.57 -31.36
C ARG G 32 52.46 -55.47 -32.43
N SER G 33 52.13 -54.77 -33.52
CA SER G 33 53.07 -54.59 -34.60
C SER G 33 54.12 -53.59 -34.12
N THR G 34 55.36 -53.99 -34.23
CA THR G 34 56.48 -53.16 -33.81
C THR G 34 57.35 -52.75 -34.98
N ASP G 35 58.42 -52.01 -34.70
CA ASP G 35 59.33 -51.57 -35.75
C ASP G 35 59.89 -52.82 -36.44
N THR G 36 60.28 -53.79 -35.61
CA THR G 36 60.83 -55.06 -36.10
C THR G 36 59.80 -55.78 -36.98
N THR G 37 58.75 -56.28 -36.35
CA THR G 37 57.68 -57.02 -37.04
C THR G 37 56.36 -56.24 -37.04
N LYS G 38 55.76 -56.10 -38.22
CA LYS G 38 54.50 -55.40 -38.32
C LYS G 38 53.36 -56.41 -38.42
N THR G 39 52.30 -56.17 -37.63
CA THR G 39 51.10 -57.03 -37.61
C THR G 39 49.91 -56.22 -38.14
N HIS G 40 48.75 -56.86 -38.21
CA HIS G 40 47.58 -56.18 -38.71
C HIS G 40 46.29 -56.60 -38.05
N PRO G 41 45.19 -55.88 -38.33
CA PRO G 41 43.87 -56.17 -37.78
C PRO G 41 43.44 -57.59 -38.16
N THR G 42 43.27 -58.46 -37.17
CA THR G 42 42.90 -59.84 -37.47
C THR G 42 41.70 -60.45 -36.73
N ILE G 43 40.63 -60.77 -37.47
CA ILE G 43 39.44 -61.39 -36.87
C ILE G 43 39.55 -62.89 -37.05
N LYS G 44 38.74 -63.62 -36.30
CA LYS G 44 38.67 -65.09 -36.34
C LYS G 44 37.20 -65.48 -36.37
N ILE G 45 36.83 -66.33 -37.32
CA ILE G 45 35.45 -66.76 -37.41
C ILE G 45 35.34 -68.09 -36.67
N ASN G 46 34.51 -68.16 -35.63
CA ASN G 46 34.38 -69.41 -34.88
C ASN G 46 33.18 -70.23 -35.32
N GLY G 47 33.44 -71.44 -35.82
CA GLY G 47 32.37 -72.29 -36.25
C GLY G 47 32.01 -72.11 -37.72
N TYR G 48 33.03 -71.93 -38.55
CA TYR G 48 32.80 -71.80 -39.98
C TYR G 48 34.10 -71.53 -40.69
N THR G 49 34.33 -72.34 -41.72
CA THR G 49 35.49 -72.24 -42.58
C THR G 49 34.93 -72.59 -43.96
N GLY G 50 34.82 -71.61 -44.84
CA GLY G 50 34.29 -71.90 -46.14
C GLY G 50 34.00 -70.60 -46.85
N PRO G 51 33.27 -70.63 -47.97
CA PRO G 51 32.90 -69.47 -48.78
C PRO G 51 32.15 -68.37 -48.05
N GLY G 52 32.42 -67.13 -48.42
CA GLY G 52 31.75 -66.00 -47.78
C GLY G 52 32.37 -64.65 -48.09
N THR G 53 31.86 -63.61 -47.43
CA THR G 53 32.38 -62.27 -47.64
C THR G 53 32.40 -61.46 -46.34
N VAL G 54 33.27 -60.45 -46.30
CA VAL G 54 33.45 -59.57 -45.14
C VAL G 54 33.44 -58.10 -45.57
N ARG G 55 32.75 -57.28 -44.80
CA ARG G 55 32.69 -55.85 -45.07
C ARG G 55 33.20 -55.10 -43.83
N ILE G 56 34.20 -54.24 -44.02
CA ILE G 56 34.72 -53.48 -42.88
C ILE G 56 34.28 -52.04 -42.97
N SER G 57 33.49 -51.66 -41.99
CA SER G 57 32.96 -50.33 -41.95
C SER G 57 33.33 -49.51 -40.74
N LEU G 58 33.33 -48.21 -41.00
CA LEU G 58 33.65 -47.21 -40.03
C LEU G 58 32.38 -46.72 -39.36
N VAL G 59 32.37 -46.67 -38.05
CA VAL G 59 31.21 -46.19 -37.33
C VAL G 59 31.65 -45.19 -36.27
N THR G 60 30.72 -44.69 -35.46
CA THR G 60 31.04 -43.73 -34.41
C THR G 60 31.63 -44.42 -33.20
N LYS G 61 32.38 -43.65 -32.43
CA LYS G 61 33.02 -44.19 -31.26
C LYS G 61 32.10 -44.78 -30.20
N ASP G 62 31.19 -43.94 -29.73
CA ASP G 62 30.25 -44.27 -28.65
C ASP G 62 28.90 -44.91 -29.06
N PRO G 63 28.27 -45.69 -28.13
CA PRO G 63 27.01 -46.43 -28.23
C PRO G 63 26.10 -46.34 -29.48
N PRO G 64 25.45 -45.20 -29.75
CA PRO G 64 24.61 -45.22 -30.97
C PRO G 64 25.63 -45.23 -32.12
N HIS G 65 26.07 -46.43 -32.51
CA HIS G 65 27.09 -46.59 -33.54
C HIS G 65 26.66 -46.29 -34.97
N ARG G 66 26.41 -45.00 -35.20
CA ARG G 66 25.99 -44.53 -36.51
C ARG G 66 27.18 -44.71 -37.40
N PRO G 67 27.00 -44.64 -38.73
CA PRO G 67 28.13 -44.80 -39.63
C PRO G 67 28.95 -43.49 -39.65
N HIS G 68 30.27 -43.62 -39.51
CA HIS G 68 31.17 -42.47 -39.45
C HIS G 68 31.42 -41.76 -40.77
N PRO G 69 31.51 -40.43 -40.72
CA PRO G 69 31.73 -39.57 -41.88
C PRO G 69 32.96 -40.01 -42.61
N HIS G 70 33.95 -40.45 -41.83
CA HIS G 70 35.24 -40.87 -42.39
C HIS G 70 35.19 -42.07 -43.32
N GLU G 71 36.14 -42.02 -44.25
CA GLU G 71 36.28 -43.05 -45.27
C GLU G 71 37.48 -43.94 -45.13
N LEU G 72 37.22 -45.23 -45.20
CA LEU G 72 38.22 -46.26 -45.12
C LEU G 72 38.67 -46.41 -46.56
N VAL G 73 39.88 -45.98 -46.89
CA VAL G 73 40.39 -46.10 -48.25
C VAL G 73 41.59 -47.02 -48.33
N GLY G 74 41.69 -47.72 -49.46
CA GLY G 74 42.78 -48.65 -49.68
C GLY G 74 42.36 -49.79 -50.58
N LYS G 75 43.04 -50.93 -50.44
CA LYS G 75 42.73 -52.09 -51.26
C LYS G 75 41.35 -52.66 -51.00
N ASP G 76 40.60 -52.85 -52.08
CA ASP G 76 39.25 -53.41 -52.06
C ASP G 76 38.23 -52.54 -51.37
N CYS G 77 38.48 -51.25 -51.36
CA CYS G 77 37.53 -50.40 -50.70
C CYS G 77 36.75 -49.62 -51.70
N ARG G 78 35.73 -48.95 -51.19
CA ARG G 78 34.87 -48.14 -52.01
C ARG G 78 33.79 -47.61 -51.11
N ASP G 79 33.27 -46.44 -51.46
CA ASP G 79 32.21 -45.82 -50.69
C ASP G 79 32.55 -45.72 -49.21
N GLY G 80 33.86 -45.74 -48.91
CA GLY G 80 34.31 -45.62 -47.54
C GLY G 80 34.25 -46.88 -46.68
N TYR G 81 34.14 -48.03 -47.32
CA TYR G 81 34.09 -49.28 -46.58
C TYR G 81 34.92 -50.28 -47.34
N TYR G 82 35.34 -51.32 -46.65
CA TYR G 82 36.14 -52.35 -47.28
C TYR G 82 35.29 -53.56 -47.40
N GLU G 83 35.54 -54.33 -48.46
CA GLU G 83 34.77 -55.53 -48.70
C GLU G 83 35.50 -56.45 -49.68
N ALA G 84 35.58 -57.73 -49.32
CA ALA G 84 36.25 -58.70 -50.18
C ALA G 84 35.75 -60.06 -49.80
N ASP G 85 36.21 -61.06 -50.54
CA ASP G 85 35.80 -62.44 -50.26
C ASP G 85 36.64 -63.05 -49.16
N LEU G 86 36.02 -63.82 -48.29
CA LEU G 86 36.75 -64.47 -47.21
C LEU G 86 37.59 -65.58 -47.80
N CYS G 87 38.68 -65.95 -47.13
CA CYS G 87 39.48 -67.05 -47.63
C CYS G 87 38.65 -68.27 -47.32
N PRO G 88 38.13 -68.95 -48.35
CA PRO G 88 37.29 -70.13 -48.15
C PRO G 88 37.90 -71.22 -47.28
N ASP G 89 39.22 -71.35 -47.33
CA ASP G 89 39.91 -72.39 -46.56
C ASP G 89 40.73 -71.93 -45.35
N ARG G 90 40.32 -70.84 -44.72
CA ARG G 90 41.03 -70.34 -43.54
C ARG G 90 40.03 -69.66 -42.61
N SER G 91 40.25 -69.77 -41.31
CA SER G 91 39.34 -69.21 -40.33
C SER G 91 39.80 -67.87 -39.73
N ILE G 92 41.00 -67.44 -40.11
CA ILE G 92 41.57 -66.20 -39.60
C ILE G 92 41.92 -65.28 -40.76
N HIS G 93 41.49 -64.00 -40.70
CA HIS G 93 41.81 -63.08 -41.78
C HIS G 93 42.23 -61.69 -41.28
N SER G 94 43.44 -61.30 -41.67
CA SER G 94 44.04 -60.02 -41.31
C SER G 94 43.95 -59.07 -42.50
N PHE G 95 43.64 -57.80 -42.24
CA PHE G 95 43.51 -56.83 -43.31
C PHE G 95 44.67 -55.86 -43.36
N GLN G 96 45.64 -56.20 -44.19
CA GLN G 96 46.82 -55.39 -44.28
C GLN G 96 46.69 -54.17 -45.12
N ASN G 97 45.49 -53.87 -45.59
CA ASN G 97 45.42 -52.65 -46.36
C ASN G 97 44.31 -51.71 -46.06
N LEU G 98 44.25 -51.35 -44.79
CA LEU G 98 43.24 -50.45 -44.28
C LEU G 98 43.76 -49.03 -44.11
N GLY G 99 42.98 -48.05 -44.56
CA GLY G 99 43.39 -46.66 -44.43
C GLY G 99 42.22 -45.75 -44.10
N ILE G 100 42.44 -44.83 -43.18
CA ILE G 100 41.40 -43.89 -42.80
C ILE G 100 41.70 -42.60 -43.52
N GLN G 101 40.63 -42.00 -44.06
CA GLN G 101 40.68 -40.73 -44.76
C GLN G 101 39.56 -39.96 -44.10
N CYS G 102 39.92 -38.89 -43.40
CA CYS G 102 38.94 -38.10 -42.70
C CYS G 102 38.34 -37.03 -43.60
N VAL G 103 37.11 -36.64 -43.30
CA VAL G 103 36.39 -35.65 -44.08
C VAL G 103 36.52 -34.31 -43.37
N LYS G 104 36.17 -33.23 -44.05
CA LYS G 104 36.23 -31.90 -43.43
C LYS G 104 34.91 -31.52 -42.74
N LYS G 105 34.98 -30.93 -41.55
CA LYS G 105 33.76 -30.52 -40.86
C LYS G 105 32.82 -29.85 -41.87
N ARG G 106 33.40 -29.28 -42.91
CA ARG G 106 32.61 -28.63 -43.94
C ARG G 106 31.80 -29.61 -44.78
N ASP G 107 32.43 -30.62 -45.33
CA ASP G 107 31.72 -31.58 -46.16
C ASP G 107 31.06 -32.71 -45.40
N LEU G 108 30.86 -32.48 -44.11
CA LEU G 108 30.24 -33.46 -43.20
C LEU G 108 28.97 -34.09 -43.77
N GLU G 109 27.93 -33.26 -43.88
CA GLU G 109 26.62 -33.63 -44.37
C GLU G 109 26.65 -34.44 -45.66
N GLN G 110 27.38 -33.94 -46.64
CA GLN G 110 27.51 -34.61 -47.91
C GLN G 110 28.08 -36.01 -47.73
N ALA G 111 28.82 -36.18 -46.65
CA ALA G 111 29.43 -37.47 -46.33
C ALA G 111 28.40 -38.41 -45.74
N ILE G 112 27.61 -37.91 -44.79
CA ILE G 112 26.59 -38.74 -44.17
C ILE G 112 25.63 -39.24 -45.24
N SER G 113 25.24 -38.36 -46.16
CA SER G 113 24.34 -38.74 -47.24
C SER G 113 24.86 -39.96 -48.00
N GLN G 114 26.17 -40.00 -48.25
CA GLN G 114 26.73 -41.14 -48.96
C GLN G 114 26.65 -42.46 -48.17
N ARG G 115 26.67 -42.39 -46.84
CA ARG G 115 26.56 -43.59 -46.00
C ARG G 115 25.16 -44.15 -46.17
N ILE G 116 24.23 -43.24 -46.34
CA ILE G 116 22.83 -43.54 -46.52
C ILE G 116 22.54 -44.06 -47.93
N GLN G 117 22.83 -43.25 -48.95
CA GLN G 117 22.59 -43.65 -50.33
C GLN G 117 23.22 -45.01 -50.66
N THR G 118 24.37 -45.29 -50.07
CA THR G 118 25.07 -46.54 -50.31
C THR G 118 24.69 -47.67 -49.34
N ASN G 119 23.80 -47.37 -48.40
CA ASN G 119 23.37 -48.37 -47.42
C ASN G 119 24.52 -48.87 -46.56
N ASN G 120 25.05 -48.00 -45.71
CA ASN G 120 26.12 -48.37 -44.82
C ASN G 120 25.64 -47.98 -43.46
N ASN G 121 25.13 -48.96 -42.73
CA ASN G 121 24.59 -48.69 -41.41
C ASN G 121 24.36 -50.04 -40.77
N PRO G 122 25.44 -50.69 -40.32
CA PRO G 122 25.50 -52.00 -39.68
C PRO G 122 24.62 -52.24 -38.44
N PHE G 123 24.37 -51.19 -37.67
CA PHE G 123 23.55 -51.28 -36.47
C PHE G 123 22.17 -50.68 -36.73
N HIS G 124 21.87 -50.53 -38.01
CA HIS G 124 20.62 -49.97 -38.50
C HIS G 124 20.12 -48.77 -37.70
N VAL G 125 21.02 -47.93 -37.21
CA VAL G 125 20.61 -46.75 -36.46
C VAL G 125 19.67 -45.91 -37.34
N PRO G 126 18.46 -45.63 -36.82
CA PRO G 126 17.39 -44.85 -37.45
C PRO G 126 17.78 -43.49 -38.03
N ILE G 127 17.10 -43.08 -39.10
CA ILE G 127 17.34 -41.78 -39.75
C ILE G 127 17.10 -40.69 -38.71
N GLU G 128 16.15 -40.96 -37.82
CA GLU G 128 15.79 -40.02 -36.75
C GLU G 128 16.92 -40.00 -35.71
N GLU G 129 17.34 -41.20 -35.26
CA GLU G 129 18.41 -41.37 -34.26
C GLU G 129 19.79 -41.09 -34.84
N GLN G 130 19.83 -40.69 -36.12
CA GLN G 130 21.07 -40.38 -36.83
C GLN G 130 21.54 -38.95 -36.64
N ARG G 131 20.70 -38.08 -36.10
CA ARG G 131 21.05 -36.67 -35.87
C ARG G 131 21.95 -36.48 -34.65
N GLY G 132 22.83 -35.48 -34.71
CA GLY G 132 23.73 -35.20 -33.60
C GLY G 132 25.13 -34.88 -34.08
N ASP G 133 26.02 -34.48 -33.17
CA ASP G 133 27.40 -34.17 -33.52
C ASP G 133 28.25 -35.43 -33.64
N TYR G 134 29.25 -35.39 -34.53
CA TYR G 134 30.16 -36.51 -34.79
C TYR G 134 31.57 -36.21 -34.30
N ASP G 135 32.19 -37.17 -33.60
CA ASP G 135 33.58 -37.00 -33.13
C ASP G 135 34.46 -37.39 -34.32
N LEU G 136 35.23 -36.43 -34.84
CA LEU G 136 36.07 -36.69 -36.00
C LEU G 136 37.51 -37.18 -35.78
N ASN G 137 37.89 -37.40 -34.53
CA ASN G 137 39.24 -37.84 -34.20
C ASN G 137 39.26 -39.26 -33.75
N ALA G 138 38.20 -40.01 -33.99
CA ALA G 138 38.19 -41.40 -33.58
C ALA G 138 37.11 -42.21 -34.28
N VAL G 139 37.32 -43.51 -34.38
CA VAL G 139 36.35 -44.40 -35.00
C VAL G 139 36.53 -45.84 -34.56
N ARG G 140 35.70 -46.69 -35.11
CA ARG G 140 35.77 -48.10 -34.77
C ARG G 140 35.58 -48.84 -36.05
N LEU G 141 36.21 -49.99 -36.12
CA LEU G 141 36.09 -50.79 -37.30
C LEU G 141 34.95 -51.70 -36.96
N CYS G 142 34.05 -51.86 -37.93
CA CYS G 142 32.93 -52.75 -37.71
C CYS G 142 32.98 -53.86 -38.71
N PHE G 143 33.27 -55.06 -38.23
CA PHE G 143 33.37 -56.22 -39.10
C PHE G 143 32.03 -56.91 -39.26
N GLN G 144 31.53 -56.92 -40.49
CA GLN G 144 30.28 -57.56 -40.81
C GLN G 144 30.66 -58.71 -41.74
N VAL G 145 30.69 -59.90 -41.17
CA VAL G 145 31.05 -61.12 -41.88
C VAL G 145 29.81 -61.83 -42.43
N THR G 146 29.88 -62.43 -43.61
CA THR G 146 28.73 -63.14 -44.19
C THR G 146 29.06 -64.56 -44.67
N VAL G 147 28.91 -65.53 -43.78
CA VAL G 147 29.17 -66.93 -44.14
C VAL G 147 27.90 -67.51 -44.77
N ARG G 148 27.73 -68.83 -44.66
CA ARG G 148 26.55 -69.50 -45.17
C ARG G 148 26.15 -70.53 -44.13
N ASP G 149 24.87 -70.56 -43.78
CA ASP G 149 24.38 -71.53 -42.80
C ASP G 149 24.62 -72.94 -43.34
N PRO G 150 24.45 -73.98 -42.51
CA PRO G 150 24.68 -75.34 -43.03
C PRO G 150 23.92 -75.62 -44.32
N ALA G 151 22.69 -75.11 -44.44
CA ALA G 151 21.86 -75.31 -45.63
C ALA G 151 22.61 -74.95 -46.92
N GLY G 152 23.17 -73.75 -46.97
CA GLY G 152 23.91 -73.32 -48.14
C GLY G 152 23.56 -71.92 -48.59
N ARG G 153 22.59 -71.31 -47.93
CA ARG G 153 22.14 -69.97 -48.25
C ARG G 153 22.91 -68.93 -47.42
N PRO G 154 23.43 -67.85 -48.04
CA PRO G 154 24.17 -66.82 -47.30
C PRO G 154 23.64 -66.62 -45.87
N LEU G 155 24.55 -66.32 -44.94
CA LEU G 155 24.19 -66.11 -43.54
C LEU G 155 24.99 -64.93 -42.99
N LEU G 156 24.31 -63.82 -42.67
CA LEU G 156 24.97 -62.65 -42.14
C LEU G 156 25.08 -62.77 -40.62
N LEU G 157 26.32 -62.83 -40.12
CA LEU G 157 26.57 -62.94 -38.68
C LEU G 157 26.35 -61.61 -38.00
N THR G 158 26.68 -61.58 -36.72
CA THR G 158 26.52 -60.36 -35.97
C THR G 158 27.73 -59.44 -36.16
N PRO G 159 27.48 -58.13 -36.38
CA PRO G 159 28.52 -57.11 -36.57
C PRO G 159 29.36 -56.95 -35.29
N VAL G 160 30.68 -56.95 -35.43
CA VAL G 160 31.52 -56.84 -34.25
C VAL G 160 32.36 -55.57 -34.33
N LEU G 161 32.61 -54.97 -33.18
CA LEU G 161 33.36 -53.73 -33.15
C LEU G 161 34.76 -53.94 -32.59
N SER G 162 35.62 -52.94 -32.82
CA SER G 162 37.01 -52.92 -32.37
C SER G 162 37.16 -51.70 -31.50
N HIS G 163 37.99 -51.75 -30.45
CA HIS G 163 38.12 -50.56 -29.64
C HIS G 163 38.47 -49.42 -30.58
N PRO G 164 38.07 -48.19 -30.22
CA PRO G 164 38.28 -46.95 -30.97
C PRO G 164 39.67 -46.59 -31.45
N ILE G 165 39.75 -46.11 -32.68
CA ILE G 165 41.02 -45.67 -33.24
C ILE G 165 41.04 -44.16 -33.02
N PHE G 166 42.22 -43.61 -32.77
CA PHE G 166 42.33 -42.19 -32.51
C PHE G 166 43.28 -41.40 -33.35
N ASP G 167 42.78 -40.31 -33.88
CA ASP G 167 43.59 -39.45 -34.70
C ASP G 167 44.73 -38.83 -33.89
N ASN G 168 45.94 -39.15 -34.32
CA ASN G 168 47.10 -38.61 -33.69
C ASN G 168 47.02 -37.11 -33.96
N ARG G 169 45.83 -36.54 -33.81
CA ARG G 169 45.65 -35.11 -33.99
C ARG G 169 44.82 -34.58 -32.85
N ALA G 170 44.45 -35.44 -31.91
CA ALA G 170 43.65 -34.98 -30.78
C ALA G 170 44.46 -35.07 -29.49
N PRO G 171 45.04 -33.93 -29.00
CA PRO G 171 45.87 -33.83 -27.78
C PRO G 171 45.19 -34.30 -26.48
N ASN G 172 43.89 -34.49 -26.57
CA ASN G 172 43.08 -34.95 -25.45
C ASN G 172 43.34 -36.43 -25.17
N THR G 173 44.13 -37.05 -26.03
CA THR G 173 44.41 -38.46 -25.90
C THR G 173 45.83 -38.87 -26.28
N ALA G 174 46.68 -37.93 -26.64
CA ALA G 174 48.03 -38.31 -27.02
C ALA G 174 48.83 -38.80 -25.84
N GLU G 175 50.12 -39.02 -26.08
CA GLU G 175 50.98 -39.53 -25.04
C GLU G 175 51.75 -38.47 -24.29
N LEU G 176 51.60 -38.53 -22.98
CA LEU G 176 52.28 -37.64 -22.06
C LEU G 176 53.76 -37.97 -22.12
N LYS G 177 54.60 -36.96 -22.24
CA LYS G 177 56.03 -37.18 -22.28
C LYS G 177 56.73 -35.95 -21.79
N ILE G 178 57.78 -36.14 -21.01
CA ILE G 178 58.56 -35.04 -20.47
C ILE G 178 59.84 -35.04 -21.25
N CYS G 179 60.29 -33.88 -21.71
CA CYS G 179 61.48 -33.86 -22.51
C CYS G 179 62.68 -33.31 -21.80
N ARG G 180 62.49 -32.33 -20.95
CA ARG G 180 63.62 -31.84 -20.20
C ARG G 180 63.09 -31.37 -18.87
N VAL G 181 64.00 -30.89 -18.03
CA VAL G 181 63.69 -30.40 -16.69
C VAL G 181 64.97 -29.76 -16.17
N ASN G 182 64.99 -28.45 -16.21
CA ASN G 182 66.14 -27.67 -15.78
C ASN G 182 66.59 -27.93 -14.36
N ARG G 183 65.96 -28.89 -13.68
CA ARG G 183 66.32 -29.14 -12.28
C ARG G 183 65.65 -30.39 -11.71
N ASN G 184 66.47 -31.33 -11.23
CA ASN G 184 65.95 -32.59 -10.68
C ASN G 184 66.30 -32.81 -9.22
N SER G 185 66.53 -31.72 -8.50
CA SER G 185 66.89 -31.84 -7.10
C SER G 185 66.65 -30.56 -6.31
N GLY G 186 65.82 -30.65 -5.30
CA GLY G 186 65.56 -29.47 -4.52
C GLY G 186 65.54 -29.69 -3.02
N SER G 187 65.03 -28.67 -2.32
CA SER G 187 64.92 -28.69 -0.88
C SER G 187 63.74 -29.58 -0.51
N CYS G 188 63.80 -30.23 0.65
CA CYS G 188 62.71 -31.09 1.08
C CYS G 188 61.53 -30.25 1.60
N LEU G 189 61.78 -28.96 1.79
CA LEU G 189 60.75 -28.05 2.26
C LEU G 189 59.95 -27.61 1.04
N GLY G 190 60.37 -28.11 -0.12
CA GLY G 190 59.71 -27.77 -1.37
C GLY G 190 59.74 -26.29 -1.69
N GLY G 191 59.09 -25.90 -2.79
CA GLY G 191 59.04 -24.51 -3.17
C GLY G 191 60.08 -24.12 -4.19
N ASP G 192 60.70 -25.10 -4.82
CA ASP G 192 61.71 -24.79 -5.80
C ASP G 192 61.02 -24.60 -7.16
N GLU G 193 61.47 -23.60 -7.92
CA GLU G 193 60.87 -23.34 -9.22
C GLU G 193 61.45 -24.29 -10.24
N ILE G 194 60.57 -24.97 -10.95
CA ILE G 194 61.01 -25.93 -11.95
C ILE G 194 60.45 -25.67 -13.37
N PHE G 195 61.36 -25.61 -14.33
CA PHE G 195 61.02 -25.38 -15.73
C PHE G 195 60.98 -26.75 -16.40
N LEU G 196 59.82 -27.14 -16.91
CA LEU G 196 59.68 -28.44 -17.54
C LEU G 196 59.16 -28.32 -18.96
N LEU G 197 59.90 -28.85 -19.92
CA LEU G 197 59.45 -28.80 -21.29
C LEU G 197 58.82 -30.14 -21.55
N CYS G 198 57.77 -30.18 -22.37
CA CYS G 198 57.06 -31.44 -22.63
C CYS G 198 56.39 -31.52 -23.99
N ASP G 199 55.44 -32.44 -24.10
CA ASP G 199 54.67 -32.68 -25.32
C ASP G 199 53.33 -32.00 -25.14
N LYS G 200 52.65 -31.71 -26.23
CA LYS G 200 51.36 -31.04 -26.16
C LYS G 200 50.40 -31.60 -25.11
N VAL G 201 50.02 -30.72 -24.18
CA VAL G 201 49.10 -31.06 -23.12
C VAL G 201 48.04 -29.99 -23.07
N GLN G 202 47.05 -30.20 -22.22
CA GLN G 202 45.95 -29.26 -22.10
C GLN G 202 46.12 -28.58 -20.76
N LYS G 203 46.23 -27.26 -20.74
CA LYS G 203 46.43 -26.60 -19.47
C LYS G 203 45.39 -26.89 -18.38
N GLU G 204 44.17 -27.26 -18.73
CA GLU G 204 43.18 -27.55 -17.70
C GLU G 204 43.26 -28.97 -17.16
N ASP G 205 43.76 -29.87 -17.99
CA ASP G 205 43.84 -31.26 -17.62
C ASP G 205 45.27 -31.76 -17.53
N ILE G 206 45.98 -31.30 -16.51
CA ILE G 206 47.36 -31.71 -16.33
C ILE G 206 48.00 -31.25 -15.00
N GLU G 207 48.82 -32.11 -14.38
CA GLU G 207 49.50 -31.77 -13.14
C GLU G 207 50.76 -32.60 -12.98
N VAL G 208 51.70 -32.06 -12.19
CA VAL G 208 52.97 -32.72 -11.89
C VAL G 208 52.73 -33.55 -10.63
N TYR G 209 52.81 -34.86 -10.81
CA TYR G 209 52.56 -35.83 -9.76
C TYR G 209 53.83 -36.37 -9.18
N PHE G 210 54.20 -35.91 -7.98
CA PHE G 210 55.39 -36.41 -7.31
C PHE G 210 55.04 -37.68 -6.54
N THR G 211 55.45 -38.84 -7.01
CA THR G 211 55.12 -40.05 -6.26
C THR G 211 56.32 -40.62 -5.55
N GLY G 212 56.07 -41.25 -4.41
CA GLY G 212 57.12 -41.86 -3.63
C GLY G 212 56.60 -43.10 -2.95
N PRO G 213 57.40 -43.73 -2.07
CA PRO G 213 56.91 -44.93 -1.39
C PRO G 213 55.92 -44.59 -0.28
N GLY G 214 54.63 -44.67 -0.57
CA GLY G 214 53.61 -44.36 0.42
C GLY G 214 53.44 -42.87 0.57
N TRP G 215 54.02 -42.14 -0.38
CA TRP G 215 53.95 -40.68 -0.41
C TRP G 215 53.38 -40.23 -1.72
N GLU G 216 52.87 -39.02 -1.76
CA GLU G 216 52.26 -38.53 -2.98
C GLU G 216 51.92 -37.05 -2.91
N ALA G 217 52.53 -36.29 -3.81
CA ALA G 217 52.33 -34.84 -3.86
C ALA G 217 52.23 -34.32 -5.29
N ARG G 218 51.86 -33.06 -5.40
CA ARG G 218 51.72 -32.39 -6.68
C ARG G 218 52.51 -31.09 -6.67
N GLY G 219 52.94 -30.66 -7.85
CA GLY G 219 53.69 -29.42 -7.90
C GLY G 219 52.70 -28.28 -7.89
N SER G 220 53.16 -27.10 -7.54
CA SER G 220 52.25 -25.98 -7.49
C SER G 220 52.39 -25.04 -8.66
N PHE G 221 51.37 -25.03 -9.51
CA PHE G 221 51.35 -24.17 -10.69
C PHE G 221 49.93 -23.88 -11.20
N SER G 222 49.77 -22.63 -11.61
CA SER G 222 48.51 -22.10 -12.12
C SER G 222 48.38 -22.42 -13.58
N GLN G 223 47.16 -22.46 -14.05
CA GLN G 223 46.95 -22.79 -15.45
C GLN G 223 47.69 -21.87 -16.39
N ALA G 224 48.00 -20.67 -15.95
CA ALA G 224 48.70 -19.76 -16.83
C ALA G 224 50.20 -20.04 -16.85
N ASP G 225 50.64 -21.02 -16.08
CA ASP G 225 52.05 -21.32 -16.09
C ASP G 225 52.35 -22.41 -17.14
N VAL G 226 51.29 -22.87 -17.80
CA VAL G 226 51.35 -23.87 -18.87
C VAL G 226 51.65 -23.13 -20.16
N HIS G 227 52.92 -22.94 -20.44
CA HIS G 227 53.34 -22.22 -21.65
C HIS G 227 53.05 -22.88 -22.98
N ARG G 228 52.04 -22.37 -23.68
CA ARG G 228 51.68 -22.88 -24.97
C ARG G 228 51.68 -24.41 -25.07
N GLN G 229 51.09 -25.05 -24.08
CA GLN G 229 50.98 -26.52 -24.00
C GLN G 229 52.27 -27.31 -24.15
N VAL G 230 53.41 -26.68 -23.88
CA VAL G 230 54.70 -27.33 -24.02
C VAL G 230 55.78 -26.99 -23.01
N ALA G 231 55.40 -26.32 -21.94
CA ALA G 231 56.35 -25.98 -20.89
C ALA G 231 55.52 -25.69 -19.63
N ILE G 232 55.86 -26.35 -18.53
CA ILE G 232 55.13 -26.11 -17.32
C ILE G 232 56.13 -25.53 -16.38
N VAL G 233 55.78 -24.42 -15.73
CA VAL G 233 56.66 -23.86 -14.73
C VAL G 233 55.85 -24.05 -13.46
N PHE G 234 56.48 -24.68 -12.47
CA PHE G 234 55.82 -24.98 -11.23
C PHE G 234 56.83 -25.03 -10.09
N ARG G 235 56.26 -25.11 -8.88
CA ARG G 235 57.05 -25.16 -7.67
C ARG G 235 56.86 -26.54 -7.05
N THR G 236 57.98 -27.11 -6.59
CA THR G 236 57.97 -28.42 -5.98
C THR G 236 57.19 -28.42 -4.70
N PRO G 237 56.49 -29.52 -4.42
CA PRO G 237 55.68 -29.70 -3.22
C PRO G 237 56.61 -30.13 -2.07
N PRO G 238 56.25 -29.83 -0.80
CA PRO G 238 57.14 -30.23 0.30
C PRO G 238 57.12 -31.75 0.51
N TYR G 239 58.30 -32.33 0.74
CA TYR G 239 58.39 -33.78 0.93
C TYR G 239 57.76 -34.22 2.24
N ALA G 240 57.56 -35.52 2.35
CA ALA G 240 57.00 -36.17 3.54
C ALA G 240 57.79 -35.73 4.78
N ASP G 241 59.08 -36.09 4.79
CA ASP G 241 59.99 -35.78 5.89
C ASP G 241 60.68 -34.41 5.72
N PRO G 242 60.22 -33.39 6.48
CA PRO G 242 60.81 -32.05 6.42
C PRO G 242 62.16 -31.86 7.15
N SER G 243 62.65 -32.92 7.79
CA SER G 243 63.92 -32.83 8.51
C SER G 243 64.93 -33.75 7.88
N LEU G 244 64.62 -34.23 6.68
CA LEU G 244 65.49 -35.16 5.96
C LEU G 244 66.92 -34.87 6.34
N GLN G 245 67.70 -35.93 6.51
CA GLN G 245 69.10 -35.80 6.86
C GLN G 245 69.88 -36.23 5.64
N ALA G 246 69.39 -37.28 4.99
CA ALA G 246 70.01 -37.83 3.80
C ALA G 246 69.13 -37.65 2.58
N PRO G 247 69.74 -37.40 1.41
CA PRO G 247 68.98 -37.22 0.17
C PRO G 247 68.13 -38.44 -0.13
N VAL G 248 66.96 -38.20 -0.70
CA VAL G 248 66.01 -39.26 -1.04
C VAL G 248 65.49 -39.13 -2.48
N ARG G 249 65.64 -40.18 -3.26
CA ARG G 249 65.19 -40.21 -4.65
C ARG G 249 63.66 -40.29 -4.65
N VAL G 250 63.01 -39.54 -5.54
CA VAL G 250 61.55 -39.60 -5.63
C VAL G 250 61.11 -39.65 -7.09
N SER G 251 59.90 -40.17 -7.33
CA SER G 251 59.34 -40.30 -8.67
C SER G 251 58.46 -39.07 -9.02
N MET G 252 58.83 -38.38 -10.09
CA MET G 252 58.15 -37.18 -10.56
C MET G 252 57.57 -37.45 -11.94
N GLN G 253 56.32 -37.08 -12.17
CA GLN G 253 55.71 -37.36 -13.46
C GLN G 253 54.43 -36.59 -13.83
N LEU G 254 54.17 -36.53 -15.12
CA LEU G 254 53.01 -35.80 -15.63
C LEU G 254 51.73 -36.56 -15.45
N ARG G 255 50.70 -35.89 -14.95
CA ARG G 255 49.44 -36.58 -14.75
C ARG G 255 48.19 -35.89 -15.30
N ARG G 256 47.45 -36.61 -16.15
CA ARG G 256 46.22 -36.08 -16.72
C ARG G 256 45.00 -36.61 -15.99
N PRO G 257 44.47 -35.83 -15.08
CA PRO G 257 43.31 -36.11 -14.23
C PRO G 257 42.18 -36.91 -14.91
N SER G 258 41.63 -36.33 -15.97
CA SER G 258 40.54 -36.95 -16.71
C SER G 258 40.65 -38.44 -16.93
N ASP G 259 41.86 -38.98 -16.98
CA ASP G 259 41.98 -40.41 -17.19
C ASP G 259 43.05 -41.17 -16.37
N ARG G 260 43.63 -40.48 -15.39
CA ARG G 260 44.63 -41.09 -14.51
C ARG G 260 45.92 -41.53 -15.24
N GLU G 261 46.05 -41.13 -16.50
CA GLU G 261 47.20 -41.45 -17.33
C GLU G 261 48.48 -40.77 -16.81
N LEU G 262 49.57 -41.52 -16.77
CA LEU G 262 50.86 -41.00 -16.29
C LEU G 262 52.02 -41.14 -17.27
N SER G 263 52.78 -40.07 -17.43
CA SER G 263 53.94 -40.04 -18.31
C SER G 263 55.03 -40.83 -17.61
N GLU G 264 56.09 -41.19 -18.33
CA GLU G 264 57.17 -41.95 -17.72
C GLU G 264 57.76 -41.13 -16.58
N PRO G 265 58.20 -41.78 -15.49
CA PRO G 265 58.77 -41.07 -14.34
C PRO G 265 60.16 -40.51 -14.58
N MET G 266 60.45 -39.41 -13.90
CA MET G 266 61.72 -38.72 -14.00
C MET G 266 62.31 -38.52 -12.63
N GLU G 267 63.48 -39.11 -12.37
CA GLU G 267 64.14 -39.04 -11.05
C GLU G 267 64.39 -37.66 -10.47
N PHE G 268 63.89 -37.47 -9.26
CA PHE G 268 64.05 -36.22 -8.55
C PHE G 268 64.54 -36.52 -7.16
N GLN G 269 65.49 -35.72 -6.71
CA GLN G 269 66.12 -35.90 -5.40
C GLN G 269 65.91 -34.76 -4.41
N TYR G 270 65.12 -35.02 -3.36
CA TYR G 270 64.85 -34.03 -2.32
C TYR G 270 66.10 -33.95 -1.48
N LEU G 271 66.40 -32.77 -0.95
CA LEU G 271 67.60 -32.63 -0.13
C LEU G 271 67.40 -31.94 1.19
N PRO G 272 68.26 -32.24 2.16
CA PRO G 272 68.10 -31.57 3.45
C PRO G 272 68.35 -30.10 3.08
N ASP G 273 67.69 -29.16 3.77
CA ASP G 273 67.83 -27.70 3.53
C ASP G 273 69.31 -27.40 3.33
N GLY H 1 52.51 25.22 -52.96
CA GLY H 1 51.26 24.61 -53.48
C GLY H 1 50.44 23.89 -52.43
N PRO H 2 49.34 23.19 -52.81
CA PRO H 2 48.43 22.43 -51.93
C PRO H 2 48.82 20.95 -51.86
N TYR H 3 49.21 20.47 -50.67
CA TYR H 3 49.63 19.07 -50.50
C TYR H 3 49.08 18.30 -49.29
N LEU H 4 49.36 16.99 -49.27
CA LEU H 4 48.94 16.05 -48.21
C LEU H 4 50.13 15.56 -47.38
N GLN H 5 49.99 15.46 -46.05
CA GLN H 5 51.09 15.04 -45.15
C GLN H 5 50.72 14.18 -43.92
N ILE H 6 51.53 13.15 -43.62
CA ILE H 6 51.29 12.29 -42.45
C ILE H 6 51.85 12.89 -41.18
N LEU H 7 50.98 13.05 -40.20
CA LEU H 7 51.39 13.62 -38.92
C LEU H 7 51.78 12.48 -38.00
N GLU H 8 51.11 11.35 -38.18
CA GLU H 8 51.32 10.15 -37.35
C GLU H 8 51.28 8.80 -38.09
N GLN H 9 52.41 8.08 -38.09
CA GLN H 9 52.56 6.78 -38.77
C GLN H 9 51.94 5.56 -38.08
N PRO H 10 51.35 4.62 -38.86
CA PRO H 10 50.77 3.48 -38.13
C PRO H 10 51.88 2.77 -37.36
N LYS H 11 51.57 1.81 -36.51
CA LYS H 11 52.66 1.06 -35.87
C LYS H 11 52.97 -0.02 -36.92
N GLN H 12 54.22 -0.42 -37.04
CA GLN H 12 54.56 -1.40 -38.06
C GLN H 12 54.23 -2.84 -37.67
N ARG H 13 54.49 -3.16 -36.41
CA ARG H 13 54.25 -4.50 -35.93
C ARG H 13 53.43 -4.55 -34.69
N GLY H 14 52.82 -5.72 -34.51
CA GLY H 14 52.02 -5.96 -33.35
C GLY H 14 50.54 -6.08 -33.66
N PHE H 15 50.18 -5.91 -34.93
CA PHE H 15 48.77 -5.98 -35.32
C PHE H 15 48.50 -7.24 -36.06
N ARG H 16 47.37 -7.89 -35.81
CA ARG H 16 47.09 -9.11 -36.53
C ARG H 16 46.13 -8.94 -37.68
N PHE H 17 46.41 -9.54 -38.81
CA PHE H 17 45.49 -9.45 -39.93
C PHE H 17 44.35 -10.42 -39.66
N ARG H 18 43.12 -10.01 -39.93
CA ARG H 18 42.01 -10.90 -39.64
C ARG H 18 41.20 -11.41 -40.81
N TYR H 19 41.01 -12.71 -40.90
CA TYR H 19 40.23 -13.25 -42.00
C TYR H 19 38.77 -12.92 -41.88
N VAL H 20 38.05 -13.17 -42.97
CA VAL H 20 36.62 -12.92 -42.99
C VAL H 20 35.95 -13.78 -41.93
N CYS H 21 36.27 -15.06 -41.94
CA CYS H 21 35.69 -16.01 -41.02
C CYS H 21 35.90 -15.77 -39.54
N GLU H 22 36.82 -14.91 -39.17
CA GLU H 22 37.04 -14.70 -37.74
C GLU H 22 36.01 -13.79 -37.07
N GLY H 23 35.33 -12.98 -37.86
CA GLY H 23 34.34 -12.08 -37.28
C GLY H 23 34.71 -10.61 -37.37
N PRO H 24 33.84 -9.73 -36.86
CA PRO H 24 34.10 -8.30 -36.90
C PRO H 24 34.64 -7.76 -35.60
N SER H 25 35.15 -6.53 -35.67
CA SER H 25 35.71 -5.74 -34.55
C SER H 25 36.68 -6.43 -33.56
N HIS H 26 37.88 -6.73 -34.05
CA HIS H 26 38.85 -7.43 -33.23
C HIS H 26 39.94 -6.55 -32.70
N GLY H 27 40.05 -5.38 -33.26
CA GLY H 27 41.13 -4.48 -32.89
C GLY H 27 41.31 -3.51 -34.03
N GLY H 28 41.64 -2.28 -33.74
CA GLY H 28 41.75 -1.28 -34.77
C GLY H 28 43.21 -1.06 -34.86
N LEU H 29 43.63 -0.20 -35.75
CA LEU H 29 45.01 -0.09 -35.97
C LEU H 29 45.73 0.77 -35.01
N PRO H 30 47.07 0.98 -35.25
CA PRO H 30 47.68 1.94 -34.31
C PRO H 30 48.71 2.99 -34.73
N GLY H 31 49.05 3.84 -33.76
CA GLY H 31 49.98 4.90 -34.03
C GLY H 31 51.08 4.96 -32.98
N ALA H 32 52.05 5.85 -33.26
CA ALA H 32 53.05 6.13 -32.30
C ALA H 32 52.85 7.05 -31.31
N SER H 33 53.51 6.24 -30.43
CA SER H 33 53.45 6.24 -28.94
C SER H 33 51.89 5.94 -28.76
N SER H 34 51.92 4.86 -28.13
CA SER H 34 50.87 3.94 -27.62
C SER H 34 51.25 3.87 -26.20
N GLU H 35 50.89 4.96 -25.56
CA GLU H 35 51.20 5.13 -24.15
C GLU H 35 50.25 4.24 -23.41
N LYS H 36 50.57 3.98 -22.14
CA LYS H 36 49.80 3.09 -21.25
C LYS H 36 48.30 3.11 -21.49
N ASN H 37 47.73 4.30 -21.55
CA ASN H 37 46.29 4.46 -21.79
C ASN H 37 45.70 4.31 -23.22
N LYS H 38 46.51 3.98 -24.24
CA LYS H 38 45.99 3.70 -25.60
C LYS H 38 45.98 4.83 -26.64
N LYS H 39 46.45 5.98 -26.25
CA LYS H 39 46.43 7.26 -26.97
C LYS H 39 46.65 7.49 -28.49
N SER H 40 47.00 6.48 -29.30
CA SER H 40 47.15 6.77 -30.74
C SER H 40 45.83 6.99 -31.50
N TYR H 41 45.90 8.01 -32.35
CA TYR H 41 44.85 8.51 -33.29
C TYR H 41 45.73 8.80 -34.40
N PRO H 42 45.70 7.96 -35.45
CA PRO H 42 46.60 8.33 -36.54
C PRO H 42 45.94 9.51 -37.30
N GLN H 43 46.71 10.57 -37.51
CA GLN H 43 46.17 11.80 -38.11
C GLN H 43 46.89 12.39 -39.32
N VAL H 44 46.31 12.25 -40.51
CA VAL H 44 46.94 12.85 -41.67
C VAL H 44 46.62 14.33 -41.54
N LYS H 45 46.87 15.11 -42.60
CA LYS H 45 46.57 16.55 -42.60
C LYS H 45 46.77 17.18 -43.99
N ILE H 46 45.81 17.98 -44.45
CA ILE H 46 45.99 18.62 -45.74
C ILE H 46 46.70 19.95 -45.46
N CYS H 47 47.63 20.32 -46.33
CA CYS H 47 48.38 21.56 -46.16
C CYS H 47 48.34 22.55 -47.34
N ASN H 48 48.27 23.84 -47.00
CA ASN H 48 48.17 24.90 -47.99
C ASN H 48 46.81 24.78 -48.69
N TYR H 49 45.77 24.54 -47.88
CA TYR H 49 44.36 24.40 -48.31
C TYR H 49 43.47 24.23 -47.08
N VAL H 50 42.32 24.89 -47.07
CA VAL H 50 41.38 24.80 -45.96
C VAL H 50 39.99 24.90 -46.60
N GLY H 51 39.23 23.82 -46.50
CA GLY H 51 37.89 23.81 -47.07
C GLY H 51 37.46 22.38 -47.28
N PRO H 52 36.35 22.13 -47.99
CA PRO H 52 35.92 20.75 -48.22
C PRO H 52 36.99 19.95 -48.92
N ALA H 53 37.12 18.67 -48.55
CA ALA H 53 38.13 17.80 -49.14
C ALA H 53 37.80 16.34 -48.83
N LYS H 54 38.22 15.46 -49.73
CA LYS H 54 37.96 14.04 -49.61
C LYS H 54 39.28 13.31 -49.41
N VAL H 55 39.34 12.46 -48.39
CA VAL H 55 40.53 11.67 -48.06
C VAL H 55 40.26 10.16 -48.15
N ILE H 56 40.75 9.51 -49.20
CA ILE H 56 40.56 8.07 -49.34
C ILE H 56 41.81 7.32 -48.82
N VAL H 57 41.62 6.08 -48.34
CA VAL H 57 42.73 5.27 -47.84
C VAL H 57 42.69 3.91 -48.49
N GLN H 58 43.81 3.52 -49.09
CA GLN H 58 43.85 2.24 -49.75
C GLN H 58 44.98 1.39 -49.21
N LEU H 59 44.90 0.09 -49.50
CA LEU H 59 45.90 -0.86 -49.08
C LEU H 59 46.76 -1.18 -50.29
N VAL H 60 48.06 -0.92 -50.17
CA VAL H 60 49.03 -1.13 -51.25
C VAL H 60 50.18 -2.04 -50.86
N THR H 61 50.92 -2.57 -51.83
CA THR H 61 52.04 -3.45 -51.51
C THR H 61 53.32 -2.73 -51.14
N ASN H 62 54.20 -3.48 -50.48
CA ASN H 62 55.46 -3.00 -49.96
C ASN H 62 56.62 -3.39 -50.81
N GLY H 63 56.36 -3.51 -52.10
CA GLY H 63 57.42 -3.84 -53.03
C GLY H 63 58.09 -2.57 -53.50
N LYS H 64 58.98 -2.72 -54.47
CA LYS H 64 59.70 -1.60 -55.08
C LYS H 64 58.69 -0.73 -55.84
N ASN H 65 57.84 -1.40 -56.62
CA ASN H 65 56.79 -0.77 -57.41
C ASN H 65 55.42 -0.92 -56.75
N ILE H 66 54.87 0.20 -56.29
CA ILE H 66 53.58 0.23 -55.63
C ILE H 66 52.41 -0.32 -56.48
N HIS H 67 51.51 -1.06 -55.83
CA HIS H 67 50.34 -1.66 -56.45
C HIS H 67 49.26 -1.86 -55.39
N LEU H 68 48.06 -2.19 -55.87
CA LEU H 68 46.95 -2.44 -54.98
C LEU H 68 47.17 -3.76 -54.25
N HIS H 69 46.86 -3.79 -52.97
CA HIS H 69 46.98 -5.01 -52.21
C HIS H 69 45.61 -5.70 -52.31
N ALA H 70 45.58 -7.02 -52.25
CA ALA H 70 44.32 -7.74 -52.36
C ALA H 70 43.50 -7.57 -51.08
N HIS H 71 44.20 -7.33 -49.98
CA HIS H 71 43.57 -7.16 -48.69
C HIS H 71 42.65 -5.97 -48.67
N SER H 72 41.75 -5.97 -47.69
CA SER H 72 40.75 -4.93 -47.54
C SER H 72 40.87 -4.22 -46.19
N LEU H 73 40.58 -2.92 -46.20
CA LEU H 73 40.64 -2.12 -45.00
C LEU H 73 39.19 -2.09 -44.51
N VAL H 74 38.94 -2.53 -43.28
CA VAL H 74 37.57 -2.55 -42.82
C VAL H 74 37.30 -1.82 -41.51
N GLY H 75 36.01 -1.51 -41.30
CA GLY H 75 35.56 -0.81 -40.11
C GLY H 75 34.90 0.54 -40.35
N LYS H 76 35.16 1.47 -39.44
CA LYS H 76 34.61 2.83 -39.49
C LYS H 76 34.82 3.50 -40.84
N HIS H 77 33.71 3.84 -41.48
CA HIS H 77 33.73 4.52 -42.78
C HIS H 77 34.32 3.73 -43.92
N CYS H 78 34.44 2.42 -43.79
CA CYS H 78 35.00 1.69 -44.88
C CYS H 78 33.98 0.97 -45.70
N GLU H 79 34.33 0.70 -46.94
CA GLU H 79 33.44 0.02 -47.87
C GLU H 79 34.33 -0.42 -49.01
N ASP H 80 34.05 -1.57 -49.59
CA ASP H 80 34.83 -2.13 -50.69
C ASP H 80 36.34 -2.00 -50.57
N GLY H 81 36.85 -2.29 -49.38
CA GLY H 81 38.28 -2.22 -49.14
C GLY H 81 38.85 -0.82 -49.12
N VAL H 82 37.99 0.20 -49.10
CA VAL H 82 38.49 1.56 -49.04
C VAL H 82 37.84 2.31 -47.89
N CYS H 83 38.63 3.19 -47.30
CA CYS H 83 38.20 4.01 -46.19
C CYS H 83 38.00 5.40 -46.75
N THR H 84 36.79 5.94 -46.60
CA THR H 84 36.47 7.28 -47.11
C THR H 84 35.88 8.18 -46.04
N VAL H 85 36.59 9.25 -45.73
CA VAL H 85 36.13 10.22 -44.77
C VAL H 85 36.33 11.60 -45.38
N THR H 86 35.63 12.60 -44.83
CA THR H 86 35.72 13.96 -45.33
C THR H 86 36.51 14.88 -44.37
N ALA H 87 37.24 15.82 -44.96
CA ALA H 87 38.06 16.76 -44.21
C ALA H 87 37.30 18.05 -43.98
N GLY H 88 36.82 18.25 -42.76
CA GLY H 88 36.05 19.44 -42.42
C GLY H 88 36.40 20.70 -43.20
N PRO H 89 35.44 21.62 -43.42
CA PRO H 89 35.78 22.83 -44.18
C PRO H 89 36.78 23.71 -43.41
N LYS H 90 36.79 23.56 -42.09
CA LYS H 90 37.69 24.33 -41.25
C LYS H 90 38.84 23.50 -40.73
N ASP H 91 38.53 22.29 -40.26
CA ASP H 91 39.55 21.39 -39.74
C ASP H 91 40.14 20.48 -40.82
N MET H 92 41.43 20.68 -41.13
CA MET H 92 42.09 19.90 -42.17
C MET H 92 43.00 18.74 -41.71
N VAL H 93 42.79 18.27 -40.47
CA VAL H 93 43.51 17.12 -39.88
C VAL H 93 42.51 15.94 -39.82
N VAL H 94 42.80 14.84 -40.52
CA VAL H 94 41.91 13.68 -40.52
C VAL H 94 42.55 12.55 -39.71
N GLY H 95 41.74 11.83 -38.93
CA GLY H 95 42.24 10.73 -38.12
C GLY H 95 41.68 9.38 -38.57
N PHE H 96 42.26 8.29 -38.12
CA PHE H 96 41.75 6.99 -38.54
C PHE H 96 41.79 5.92 -37.45
N ALA H 97 40.81 5.93 -36.55
CA ALA H 97 40.77 4.92 -35.50
C ALA H 97 39.95 3.73 -35.98
N ASN H 98 39.82 2.72 -35.13
CA ASN H 98 39.05 1.54 -35.48
C ASN H 98 39.22 1.12 -36.95
N LEU H 99 40.47 0.92 -37.35
CA LEU H 99 40.78 0.51 -38.69
C LEU H 99 41.32 -0.90 -38.62
N GLY H 100 40.70 -1.81 -39.35
CA GLY H 100 41.16 -3.19 -39.31
C GLY H 100 41.56 -3.72 -40.67
N ILE H 101 42.54 -4.64 -40.71
CA ILE H 101 42.96 -5.23 -41.97
C ILE H 101 42.23 -6.54 -42.13
N LEU H 102 41.72 -6.80 -43.34
CA LEU H 102 40.99 -8.02 -43.59
C LEU H 102 41.82 -8.91 -44.50
N HIS H 103 42.54 -9.83 -43.89
CA HIS H 103 43.40 -10.80 -44.57
C HIS H 103 42.61 -11.63 -45.58
N VAL H 104 42.86 -11.44 -46.87
CA VAL H 104 42.11 -12.23 -47.86
C VAL H 104 42.70 -13.61 -47.82
N THR H 105 42.00 -14.58 -48.37
CA THR H 105 42.54 -15.93 -48.37
C THR H 105 43.44 -16.11 -49.59
N LYS H 106 44.36 -17.08 -49.53
CA LYS H 106 45.30 -17.35 -50.62
C LYS H 106 44.54 -17.83 -51.84
N LYS H 107 43.54 -18.66 -51.60
CA LYS H 107 42.73 -19.23 -52.67
C LYS H 107 41.85 -18.22 -53.40
N LYS H 108 41.55 -17.10 -52.78
CA LYS H 108 40.70 -16.08 -53.40
C LYS H 108 41.53 -14.82 -53.67
N VAL H 109 42.86 -14.95 -53.64
CA VAL H 109 43.74 -13.80 -53.84
C VAL H 109 43.69 -13.15 -55.20
N PHE H 110 43.52 -13.98 -56.23
CA PHE H 110 43.49 -13.50 -57.61
C PHE H 110 42.18 -12.73 -57.92
N GLU H 111 41.04 -13.40 -57.76
CA GLU H 111 39.73 -12.79 -58.03
C GLU H 111 39.41 -11.55 -57.18
N THR H 112 39.83 -11.52 -55.93
CA THR H 112 39.58 -10.36 -55.06
C THR H 112 40.47 -9.22 -55.48
N LEU H 113 41.66 -9.56 -55.96
CA LEU H 113 42.62 -8.58 -56.42
C LEU H 113 42.05 -8.03 -57.72
N GLU H 114 41.48 -8.93 -58.52
CA GLU H 114 40.92 -8.54 -59.79
C GLU H 114 39.70 -7.64 -59.59
N ALA H 115 38.96 -7.86 -58.50
CA ALA H 115 37.77 -7.08 -58.17
C ALA H 115 38.13 -5.72 -57.61
N ARG H 116 39.29 -5.64 -56.94
CA ARG H 116 39.77 -4.38 -56.37
C ARG H 116 40.32 -3.41 -57.43
N MET H 117 40.96 -3.94 -58.47
CA MET H 117 41.51 -3.13 -59.57
C MET H 117 40.39 -2.56 -60.41
N THR H 118 39.26 -3.28 -60.45
CA THR H 118 38.07 -2.85 -61.21
C THR H 118 37.39 -1.65 -60.51
N GLU H 119 37.15 -1.79 -59.20
CA GLU H 119 36.52 -0.75 -58.38
C GLU H 119 37.33 0.53 -58.31
N ALA H 120 38.65 0.40 -58.49
CA ALA H 120 39.57 1.54 -58.45
C ALA H 120 39.67 2.19 -59.83
N CYS H 121 39.33 1.44 -60.88
CA CYS H 121 39.35 1.96 -62.24
C CYS H 121 38.02 2.66 -62.53
N ILE H 122 36.95 2.18 -61.88
CA ILE H 122 35.60 2.74 -62.02
C ILE H 122 35.49 4.07 -61.25
N ARG H 123 36.10 4.13 -60.06
CA ARG H 123 36.04 5.32 -59.23
C ARG H 123 37.19 6.29 -59.53
N GLY H 124 38.12 5.85 -60.37
CA GLY H 124 39.25 6.71 -60.71
C GLY H 124 40.16 6.95 -59.52
N TYR H 125 40.29 5.93 -58.68
CA TYR H 125 41.13 6.00 -57.49
C TYR H 125 42.57 5.58 -57.78
N ASN H 126 43.33 6.50 -58.40
CA ASN H 126 44.74 6.32 -58.79
C ASN H 126 44.99 5.09 -59.71
N PRO H 127 44.11 4.82 -60.69
CA PRO H 127 44.35 3.64 -61.56
C PRO H 127 45.73 3.45 -62.21
N GLY H 128 46.38 4.52 -62.63
CA GLY H 128 47.68 4.41 -63.29
C GLY H 128 48.84 4.03 -62.40
N LEU H 129 48.79 4.47 -61.15
CA LEU H 129 49.87 4.18 -60.21
C LEU H 129 49.76 2.78 -59.59
N LEU H 130 48.55 2.33 -59.31
CA LEU H 130 48.34 1.03 -58.66
C LEU H 130 47.98 -0.21 -59.51
N VAL H 131 47.23 -0.02 -60.60
CA VAL H 131 46.83 -1.15 -61.46
C VAL H 131 47.74 -1.38 -62.68
N HIS H 132 47.89 -0.35 -63.50
CA HIS H 132 48.74 -0.41 -64.70
C HIS H 132 48.99 1.00 -65.26
N SER H 133 50.23 1.25 -65.68
CA SER H 133 50.69 2.53 -66.21
C SER H 133 49.80 3.24 -67.25
N ASP H 134 49.37 2.51 -68.27
CA ASP H 134 48.52 3.06 -69.33
C ASP H 134 47.02 2.95 -68.98
N LEU H 135 46.70 3.24 -67.73
CA LEU H 135 45.33 3.20 -67.25
C LEU H 135 45.13 4.49 -66.43
N ALA H 136 46.12 5.39 -66.53
CA ALA H 136 46.12 6.69 -65.85
C ALA H 136 45.13 7.67 -66.46
N TYR H 137 44.60 7.34 -67.64
CA TYR H 137 43.63 8.20 -68.33
C TYR H 137 42.24 8.22 -67.64
N LEU H 138 42.01 7.25 -66.76
CA LEU H 138 40.76 7.10 -66.01
C LEU H 138 40.78 7.86 -64.68
N GLN H 139 40.62 9.18 -64.71
CA GLN H 139 40.63 9.94 -63.48
C GLN H 139 39.24 10.23 -62.93
N ALA H 140 39.13 10.24 -61.59
CA ALA H 140 37.87 10.48 -60.88
C ALA H 140 37.18 11.77 -61.30
N GLU H 141 36.53 11.72 -62.46
CA GLU H 141 35.80 12.85 -63.03
C GLU H 141 34.33 12.81 -62.55
N GLY H 142 34.13 12.88 -61.22
CA GLY H 142 32.78 12.79 -60.69
C GLY H 142 32.22 11.46 -61.17
N GLY H 143 33.14 10.55 -61.55
CA GLY H 143 32.80 9.24 -62.07
C GLY H 143 33.68 8.89 -63.28
N GLY H 144 34.99 8.98 -63.08
CA GLY H 144 35.98 8.72 -64.13
C GLY H 144 35.86 7.44 -64.94
N ASP H 145 34.88 7.44 -65.84
CA ASP H 145 34.57 6.30 -66.70
C ASP H 145 33.79 5.28 -65.90
N ARG H 146 32.57 5.65 -65.52
CA ARG H 146 31.70 4.78 -64.72
C ARG H 146 31.41 3.41 -65.34
N GLN H 147 31.87 3.20 -66.58
CA GLN H 147 31.69 1.92 -67.28
C GLN H 147 32.94 1.51 -68.08
N LEU H 148 33.67 0.53 -67.56
CA LEU H 148 34.89 0.02 -68.18
C LEU H 148 34.65 -0.67 -69.53
N THR H 149 35.49 -0.32 -70.50
CA THR H 149 35.42 -0.89 -71.84
C THR H 149 35.86 -2.36 -71.75
N ASP H 150 35.94 -3.06 -72.88
CA ASP H 150 36.35 -4.47 -72.89
C ASP H 150 37.88 -4.60 -72.94
N ARG H 151 38.54 -3.59 -73.52
CA ARG H 151 40.01 -3.57 -73.61
C ARG H 151 40.60 -3.20 -72.23
N GLU H 152 39.84 -2.46 -71.43
CA GLU H 152 40.29 -2.07 -70.10
C GLU H 152 40.16 -3.26 -69.12
N LYS H 153 39.17 -4.14 -69.34
CA LYS H 153 38.95 -5.32 -68.51
C LYS H 153 40.10 -6.30 -68.73
N GLU H 154 40.71 -6.21 -69.91
CA GLU H 154 41.85 -7.06 -70.30
C GLU H 154 43.15 -6.55 -69.65
N ILE H 155 43.25 -5.22 -69.50
CA ILE H 155 44.42 -4.57 -68.87
C ILE H 155 44.50 -5.05 -67.41
N ILE H 156 43.34 -5.03 -66.74
CA ILE H 156 43.19 -5.45 -65.34
C ILE H 156 43.45 -6.97 -65.17
N ARG H 157 42.92 -7.78 -66.08
CA ARG H 157 43.10 -9.24 -66.05
C ARG H 157 44.57 -9.64 -66.14
N GLN H 158 45.34 -8.90 -66.95
CA GLN H 158 46.77 -9.14 -67.13
C GLN H 158 47.57 -8.58 -65.94
N ALA H 159 47.13 -7.43 -65.42
CA ALA H 159 47.78 -6.78 -64.27
C ALA H 159 47.55 -7.59 -63.00
N ALA H 160 46.36 -8.16 -62.88
CA ALA H 160 45.98 -8.99 -61.74
C ALA H 160 46.85 -10.23 -61.67
N VAL H 161 46.88 -10.99 -62.76
CA VAL H 161 47.65 -12.23 -62.84
C VAL H 161 49.16 -12.05 -62.64
N GLN H 162 49.69 -10.92 -63.09
CA GLN H 162 51.13 -10.63 -62.96
C GLN H 162 51.51 -10.18 -61.55
N GLN H 163 50.65 -9.38 -60.93
CA GLN H 163 50.90 -8.89 -59.57
C GLN H 163 50.62 -9.94 -58.50
N THR H 164 49.87 -10.99 -58.84
CA THR H 164 49.57 -12.03 -57.87
C THR H 164 50.62 -13.11 -57.80
N LYS H 165 51.53 -13.16 -58.76
CA LYS H 165 52.56 -14.20 -58.68
C LYS H 165 53.63 -13.74 -57.70
N GLU H 166 53.46 -12.55 -57.11
CA GLU H 166 54.41 -12.02 -56.12
C GLU H 166 53.85 -10.97 -55.16
N MET H 167 52.93 -11.38 -54.29
CA MET H 167 52.30 -10.48 -53.32
C MET H 167 52.40 -10.96 -51.88
N ASP H 168 53.13 -10.20 -51.06
CA ASP H 168 53.32 -10.56 -49.65
C ASP H 168 52.08 -10.31 -48.79
N LEU H 169 51.25 -11.34 -48.65
CA LEU H 169 50.07 -11.18 -47.84
C LEU H 169 50.46 -10.95 -46.39
N SER H 170 51.73 -10.80 -46.10
CA SER H 170 52.10 -10.59 -44.72
C SER H 170 52.60 -9.18 -44.43
N VAL H 171 52.65 -8.37 -45.48
CA VAL H 171 53.03 -6.99 -45.27
C VAL H 171 52.19 -6.10 -46.19
N VAL H 172 51.81 -4.95 -45.65
CA VAL H 172 50.96 -4.04 -46.37
C VAL H 172 51.21 -2.60 -45.93
N ARG H 173 50.82 -1.66 -46.81
CA ARG H 173 50.97 -0.22 -46.57
C ARG H 173 49.70 0.58 -46.89
N LEU H 174 49.49 1.60 -46.08
CA LEU H 174 48.35 2.46 -46.22
C LEU H 174 48.75 3.56 -47.20
N MET H 175 47.79 3.99 -48.04
CA MET H 175 48.04 5.07 -48.99
C MET H 175 46.89 6.07 -49.02
N PHE H 176 47.18 7.30 -48.60
CA PHE H 176 46.18 8.37 -48.57
C PHE H 176 46.20 9.27 -49.80
N THR H 177 45.03 9.46 -50.38
CA THR H 177 44.87 10.30 -51.55
C THR H 177 43.78 11.32 -51.22
N ALA H 178 44.11 12.62 -51.28
CA ALA H 178 43.13 13.66 -50.99
C ALA H 178 42.55 14.23 -52.30
N PHE H 179 41.25 14.53 -52.27
CA PHE H 179 40.55 15.08 -53.42
C PHE H 179 39.90 16.43 -53.05
N LEU H 180 40.13 17.47 -53.85
CA LEU H 180 39.52 18.76 -53.55
C LEU H 180 38.38 19.01 -54.53
N PRO H 181 37.38 19.84 -54.14
CA PRO H 181 36.21 20.19 -54.96
C PRO H 181 36.52 21.03 -56.23
N ASP H 182 36.10 20.53 -57.40
CA ASP H 182 36.34 21.25 -58.66
C ASP H 182 35.28 22.34 -58.92
N SER H 183 35.09 22.66 -60.20
CA SER H 183 34.12 23.67 -60.65
C SER H 183 32.74 23.41 -60.06
N THR H 184 32.21 22.24 -60.45
CA THR H 184 30.90 21.74 -60.06
C THR H 184 30.70 21.52 -58.53
N GLY H 185 31.78 21.23 -57.81
CA GLY H 185 31.69 20.98 -56.38
C GLY H 185 32.08 19.55 -56.10
N SER H 186 32.23 18.77 -57.18
CA SER H 186 32.64 17.35 -57.12
C SER H 186 34.13 17.28 -56.76
N PHE H 187 34.49 16.46 -55.77
CA PHE H 187 35.89 16.34 -55.40
C PHE H 187 36.63 15.46 -56.40
N THR H 188 37.16 16.06 -57.46
CA THR H 188 37.89 15.32 -58.49
C THR H 188 39.31 15.82 -58.63
N ARG H 189 39.67 16.81 -57.80
CA ARG H 189 41.02 17.38 -57.82
C ARG H 189 42.00 16.58 -56.96
N ARG H 190 42.79 15.71 -57.59
CA ARG H 190 43.73 14.86 -56.87
C ARG H 190 45.08 15.52 -56.54
N LEU H 191 45.47 15.38 -55.28
CA LEU H 191 46.75 15.88 -54.77
C LEU H 191 47.70 14.67 -54.78
N GLU H 192 49.00 14.89 -54.70
CA GLU H 192 49.93 13.78 -54.71
C GLU H 192 49.63 12.87 -53.51
N PRO H 193 49.19 11.63 -53.79
CA PRO H 193 48.88 10.68 -52.71
C PRO H 193 50.17 10.31 -51.96
N VAL H 194 50.07 10.16 -50.63
CA VAL H 194 51.23 9.81 -49.80
C VAL H 194 51.05 8.45 -49.09
N VAL H 195 52.01 7.53 -49.28
CA VAL H 195 51.97 6.19 -48.67
C VAL H 195 52.58 6.15 -47.26
N SER H 196 52.21 5.13 -46.48
CA SER H 196 52.68 5.00 -45.11
C SER H 196 53.73 3.94 -44.93
N ASP H 197 54.36 3.97 -43.75
CA ASP H 197 55.37 3.00 -43.36
C ASP H 197 54.75 1.65 -43.65
N ALA H 198 55.45 0.58 -43.31
CA ALA H 198 54.91 -0.72 -43.56
C ALA H 198 54.37 -1.34 -42.28
N ILE H 199 53.25 -2.05 -42.42
CA ILE H 199 52.63 -2.72 -41.29
C ILE H 199 52.72 -4.23 -41.52
N TYR H 200 53.30 -4.91 -40.54
CA TYR H 200 53.53 -6.35 -40.60
C TYR H 200 52.61 -7.20 -39.76
N ASP H 201 51.89 -8.06 -40.47
CA ASP H 201 50.96 -8.99 -39.89
C ASP H 201 51.63 -9.64 -38.69
N SER H 202 50.92 -9.69 -37.56
CA SER H 202 51.49 -10.30 -36.37
C SER H 202 51.27 -11.81 -36.40
N LYS H 203 50.53 -12.30 -37.38
CA LYS H 203 50.35 -13.73 -37.48
C LYS H 203 51.39 -14.32 -38.44
N ALA H 204 52.48 -13.56 -38.62
CA ALA H 204 53.60 -13.95 -39.44
C ALA H 204 54.60 -14.49 -38.41
N PRO H 205 55.12 -15.70 -38.63
CA PRO H 205 56.09 -16.30 -37.68
C PRO H 205 57.34 -15.40 -37.61
N ASN H 206 57.57 -14.77 -38.74
CA ASN H 206 58.67 -13.87 -39.01
C ASN H 206 58.28 -12.41 -38.73
N ALA H 207 57.36 -12.22 -37.78
CA ALA H 207 56.91 -10.87 -37.46
C ALA H 207 56.01 -10.77 -36.23
N SER H 208 56.09 -11.72 -35.30
CA SER H 208 55.26 -11.60 -34.12
C SER H 208 56.17 -10.88 -33.17
N ASN H 209 55.57 -10.15 -32.24
CA ASN H 209 56.37 -9.41 -31.27
C ASN H 209 57.37 -10.36 -30.59
N LEU H 210 58.59 -10.41 -31.08
CA LEU H 210 59.61 -11.27 -30.48
C LEU H 210 59.68 -10.94 -29.00
N LYS H 211 59.28 -11.86 -28.13
CA LYS H 211 59.30 -11.58 -26.70
C LYS H 211 59.81 -12.72 -25.84
N ILE H 212 60.58 -12.35 -24.83
CA ILE H 212 61.14 -13.28 -23.89
C ILE H 212 60.15 -13.36 -22.76
N VAL H 213 59.29 -14.37 -22.78
CA VAL H 213 58.28 -14.52 -21.73
C VAL H 213 58.78 -14.75 -20.29
N ARG H 214 59.71 -15.66 -20.07
CA ARG H 214 60.17 -15.86 -18.71
C ARG H 214 61.49 -16.56 -18.86
N MET H 215 62.36 -16.39 -17.86
CA MET H 215 63.68 -17.00 -17.86
C MET H 215 64.02 -17.56 -16.52
N ASP H 216 64.27 -18.85 -16.47
CA ASP H 216 64.56 -19.47 -15.21
C ASP H 216 65.70 -18.82 -14.43
N ARG H 217 66.60 -18.13 -15.12
CA ARG H 217 67.75 -17.49 -14.45
C ARG H 217 68.15 -16.17 -15.10
N THR H 218 68.17 -15.07 -14.34
CA THR H 218 68.56 -13.79 -14.94
C THR H 218 69.92 -13.29 -14.49
N ALA H 219 70.78 -14.20 -14.08
CA ALA H 219 72.12 -13.84 -13.66
C ALA H 219 73.01 -14.98 -14.13
N GLY H 220 74.31 -14.72 -14.23
CA GLY H 220 75.21 -15.75 -14.68
C GLY H 220 76.65 -15.37 -14.44
N CYS H 221 77.49 -16.37 -14.19
CA CYS H 221 78.89 -16.12 -13.97
C CYS H 221 79.58 -15.73 -15.29
N VAL H 222 80.55 -14.84 -15.18
CA VAL H 222 81.33 -14.31 -16.30
C VAL H 222 82.08 -15.36 -17.11
N THR H 223 82.17 -16.58 -16.59
CA THR H 223 82.84 -17.68 -17.27
C THR H 223 81.89 -18.26 -18.29
N GLY H 224 80.60 -18.00 -18.07
CA GLY H 224 79.54 -18.47 -18.95
C GLY H 224 79.41 -19.97 -19.07
N GLY H 225 78.65 -20.41 -20.08
CA GLY H 225 78.45 -21.82 -20.30
C GLY H 225 77.27 -22.37 -19.53
N GLU H 226 76.84 -21.61 -18.52
CA GLU H 226 75.73 -21.99 -17.68
C GLU H 226 74.49 -22.20 -18.54
N GLU H 227 73.67 -23.19 -18.20
CA GLU H 227 72.47 -23.52 -18.97
C GLU H 227 71.21 -22.77 -18.52
N ILE H 228 70.51 -22.16 -19.48
CA ILE H 228 69.28 -21.40 -19.21
C ILE H 228 68.05 -21.83 -19.99
N TYR H 229 66.94 -21.91 -19.27
CA TYR H 229 65.67 -22.25 -19.87
C TYR H 229 64.97 -20.92 -20.07
N LEU H 230 64.35 -20.76 -21.23
CA LEU H 230 63.66 -19.52 -21.58
C LEU H 230 62.43 -19.78 -22.44
N LEU H 231 61.27 -19.34 -21.98
CA LEU H 231 60.06 -19.53 -22.77
C LEU H 231 59.86 -18.29 -23.63
N CYS H 232 59.21 -18.41 -24.78
CA CYS H 232 59.06 -17.26 -25.65
C CYS H 232 57.81 -17.33 -26.50
N ASP H 233 57.60 -16.29 -27.32
CA ASP H 233 56.44 -16.29 -28.20
C ASP H 233 56.98 -16.92 -29.46
N LYS H 234 56.11 -17.58 -30.21
CA LYS H 234 56.46 -18.26 -31.45
C LYS H 234 57.77 -17.76 -32.04
N VAL H 235 58.58 -18.69 -32.52
CA VAL H 235 59.85 -18.37 -33.17
C VAL H 235 60.22 -19.57 -34.01
N GLN H 236 61.08 -19.33 -35.00
CA GLN H 236 61.53 -20.38 -35.92
C GLN H 236 62.85 -20.95 -35.43
N LYS H 237 62.94 -22.27 -35.37
CA LYS H 237 64.16 -22.82 -34.82
C LYS H 237 65.37 -22.35 -35.56
N ASP H 238 65.31 -22.39 -36.88
CA ASP H 238 66.48 -21.99 -37.65
C ASP H 238 66.67 -20.50 -37.87
N ASP H 239 65.64 -19.74 -37.57
CA ASP H 239 65.71 -18.31 -37.76
C ASP H 239 65.69 -17.52 -36.43
N ILE H 240 66.56 -17.85 -35.49
CA ILE H 240 66.56 -17.11 -34.23
C ILE H 240 67.89 -17.18 -33.49
N GLN H 241 68.15 -16.20 -32.61
CA GLN H 241 69.40 -16.13 -31.84
C GLN H 241 69.14 -15.41 -30.53
N ILE H 242 69.85 -15.78 -29.47
CA ILE H 242 69.70 -15.05 -28.22
C ILE H 242 70.94 -14.22 -28.24
N ARG H 243 70.81 -12.89 -28.18
CA ARG H 243 71.95 -11.97 -28.22
C ARG H 243 72.20 -11.19 -26.94
N PHE H 244 73.35 -11.42 -26.32
CA PHE H 244 73.69 -10.70 -25.10
C PHE H 244 74.48 -9.49 -25.55
N TYR H 245 74.50 -8.42 -24.76
CA TYR H 245 75.25 -7.24 -25.14
C TYR H 245 75.24 -6.15 -24.09
N GLU H 246 76.08 -5.15 -24.29
CA GLU H 246 76.18 -4.04 -23.37
C GLU H 246 76.85 -2.83 -24.01
N GLU H 247 76.29 -1.67 -23.75
CA GLU H 247 76.82 -0.40 -24.23
C GLU H 247 78.27 -0.27 -23.76
N GLU H 248 79.20 0.06 -24.65
CA GLU H 248 80.60 0.22 -24.23
C GLU H 248 80.97 1.69 -23.95
N GLU H 249 82.25 1.93 -23.65
CA GLU H 249 82.75 3.27 -23.36
C GLU H 249 82.87 4.09 -24.65
N ASN H 250 83.51 3.49 -25.65
CA ASN H 250 83.74 4.10 -26.96
C ASN H 250 82.49 4.22 -27.84
N GLY H 251 81.33 3.79 -27.33
CA GLY H 251 80.11 3.86 -28.12
C GLY H 251 79.77 2.51 -28.74
N GLY H 252 80.77 1.66 -28.89
CA GLY H 252 80.56 0.34 -29.47
C GLY H 252 79.84 -0.58 -28.50
N VAL H 253 79.78 -1.86 -28.85
CA VAL H 253 79.08 -2.80 -27.97
C VAL H 253 79.70 -4.17 -27.88
N TRP H 254 79.69 -4.71 -26.67
CA TRP H 254 80.17 -6.06 -26.44
C TRP H 254 78.91 -6.87 -26.66
N GLU H 255 78.98 -7.74 -27.66
CA GLU H 255 77.86 -8.57 -28.01
C GLU H 255 78.29 -10.01 -27.75
N GLY H 256 77.34 -10.86 -27.38
CA GLY H 256 77.64 -12.26 -27.09
C GLY H 256 76.41 -13.11 -27.38
N PHE H 257 76.59 -14.37 -27.70
CA PHE H 257 75.42 -15.17 -27.99
C PHE H 257 75.24 -16.40 -27.14
N GLY H 258 74.04 -16.94 -27.17
CA GLY H 258 73.74 -18.13 -26.40
C GLY H 258 74.00 -19.33 -27.28
N ASP H 259 74.68 -20.32 -26.72
CA ASP H 259 74.97 -21.51 -27.48
C ASP H 259 73.78 -22.42 -27.41
N PHE H 260 73.35 -22.89 -28.57
CA PHE H 260 72.22 -23.79 -28.67
C PHE H 260 72.03 -24.08 -30.13
N SER H 261 71.40 -25.21 -30.41
CA SER H 261 71.15 -25.59 -31.78
C SER H 261 69.66 -25.68 -31.96
N PRO H 262 69.19 -25.60 -33.21
CA PRO H 262 67.78 -25.66 -33.60
C PRO H 262 66.96 -26.76 -32.93
N THR H 263 67.62 -27.79 -32.44
CA THR H 263 66.94 -28.86 -31.75
C THR H 263 66.62 -28.41 -30.32
N ASP H 264 67.43 -27.48 -29.81
CA ASP H 264 67.26 -26.93 -28.45
C ASP H 264 66.04 -26.02 -28.39
N VAL H 265 65.39 -25.82 -29.53
CA VAL H 265 64.22 -24.98 -29.60
C VAL H 265 62.98 -25.82 -29.57
N HIS H 266 62.57 -26.07 -28.35
CA HIS H 266 61.42 -26.87 -28.00
C HIS H 266 60.10 -26.40 -28.55
N ARG H 267 59.56 -27.12 -29.51
CA ARG H 267 58.25 -26.79 -30.05
C ARG H 267 58.02 -25.33 -30.42
N GLN H 268 59.04 -24.65 -30.91
CA GLN H 268 58.93 -23.25 -31.30
C GLN H 268 58.83 -22.31 -30.12
N PHE H 269 58.38 -22.81 -28.98
CA PHE H 269 58.16 -21.95 -27.83
C PHE H 269 59.18 -21.80 -26.73
N ALA H 270 60.21 -22.62 -26.71
CA ALA H 270 61.19 -22.47 -25.64
C ALA H 270 62.58 -22.79 -26.15
N ILE H 271 63.58 -22.16 -25.56
CA ILE H 271 64.93 -22.38 -25.98
C ILE H 271 65.89 -22.63 -24.83
N VAL H 272 66.49 -23.83 -24.80
CA VAL H 272 67.43 -24.17 -23.76
C VAL H 272 68.77 -23.76 -24.30
N PHE H 273 69.43 -22.81 -23.66
CA PHE H 273 70.71 -22.40 -24.20
C PHE H 273 71.74 -22.22 -23.12
N LYS H 274 72.98 -22.03 -23.55
CA LYS H 274 74.12 -21.83 -22.65
C LYS H 274 74.65 -20.42 -22.77
N THR H 275 74.93 -19.82 -21.62
CA THR H 275 75.44 -18.47 -21.57
C THR H 275 76.80 -18.31 -22.21
N PRO H 276 77.01 -17.21 -22.93
CA PRO H 276 78.27 -16.94 -23.58
C PRO H 276 79.19 -16.40 -22.52
N LYS H 277 80.50 -16.49 -22.77
CA LYS H 277 81.48 -15.99 -21.83
C LYS H 277 81.44 -14.47 -21.87
N TYR H 278 81.45 -13.84 -20.71
CA TYR H 278 81.42 -12.39 -20.66
C TYR H 278 82.74 -11.82 -21.19
N LYS H 279 82.72 -10.56 -21.63
CA LYS H 279 83.92 -9.92 -22.18
C LYS H 279 85.16 -9.91 -21.28
N ASP H 280 84.96 -9.92 -19.97
CA ASP H 280 86.08 -9.91 -19.04
C ASP H 280 85.87 -10.88 -17.86
N VAL H 281 86.39 -12.10 -17.98
CA VAL H 281 86.24 -13.11 -16.94
C VAL H 281 86.90 -12.79 -15.60
N ASN H 282 87.56 -11.65 -15.50
CA ASN H 282 88.20 -11.35 -14.23
C ASN H 282 87.82 -10.05 -13.55
N ILE H 283 86.58 -9.62 -13.73
CA ILE H 283 86.19 -8.38 -13.08
C ILE H 283 86.10 -8.70 -11.59
N THR H 284 85.92 -7.70 -10.74
CA THR H 284 85.81 -8.03 -9.32
C THR H 284 84.39 -7.77 -8.91
N LYS H 285 83.70 -6.92 -9.67
CA LYS H 285 82.30 -6.58 -9.38
C LYS H 285 81.33 -7.01 -10.49
N PRO H 286 80.15 -7.54 -10.10
CA PRO H 286 79.17 -7.97 -11.11
C PRO H 286 78.80 -6.81 -12.04
N ALA H 287 78.46 -7.15 -13.28
CA ALA H 287 78.10 -6.15 -14.28
C ALA H 287 76.78 -6.52 -14.93
N SER H 288 75.96 -5.51 -15.20
CA SER H 288 74.66 -5.74 -15.86
C SER H 288 74.73 -5.43 -17.36
N VAL H 289 74.20 -6.35 -18.17
CA VAL H 289 74.17 -6.20 -19.62
C VAL H 289 72.74 -6.37 -20.07
N PHE H 290 72.57 -6.80 -21.32
CA PHE H 290 71.25 -7.02 -21.89
C PHE H 290 71.19 -8.31 -22.70
N VAL H 291 69.99 -8.86 -22.82
CA VAL H 291 69.76 -10.09 -23.57
C VAL H 291 68.44 -10.01 -24.30
N GLN H 292 68.44 -10.43 -25.55
CA GLN H 292 67.22 -10.35 -26.33
C GLN H 292 67.30 -11.38 -27.42
N LEU H 293 66.16 -11.79 -27.97
CA LEU H 293 66.18 -12.74 -29.07
C LEU H 293 66.45 -11.89 -30.31
N ARG H 294 66.54 -12.48 -31.49
CA ARG H 294 66.78 -11.67 -32.71
C ARG H 294 66.74 -12.50 -33.98
N ARG H 295 65.78 -12.23 -34.86
CA ARG H 295 65.67 -12.96 -36.11
C ARG H 295 66.95 -12.65 -36.89
N LYS H 296 67.42 -13.61 -37.68
CA LYS H 296 68.60 -13.39 -38.49
C LYS H 296 68.02 -12.72 -39.73
N SER H 297 67.04 -13.40 -40.30
CA SER H 297 66.35 -12.95 -41.49
C SER H 297 66.11 -11.45 -41.57
N ASP H 298 65.67 -10.82 -40.49
CA ASP H 298 65.41 -9.39 -40.58
C ASP H 298 66.03 -8.57 -39.46
N LEU H 299 66.71 -9.25 -38.56
CA LEU H 299 67.38 -8.56 -37.46
C LEU H 299 66.49 -7.77 -36.50
N GLU H 300 65.23 -8.16 -36.38
CA GLU H 300 64.31 -7.49 -35.46
C GLU H 300 64.49 -8.12 -34.10
N THR H 301 64.51 -7.31 -33.04
CA THR H 301 64.74 -7.90 -31.74
C THR H 301 63.63 -7.72 -30.74
N SER H 302 63.67 -8.55 -29.71
CA SER H 302 62.71 -8.48 -28.64
C SER H 302 63.26 -7.33 -27.80
N GLU H 303 62.55 -6.96 -26.74
CA GLU H 303 62.98 -5.86 -25.92
C GLU H 303 64.10 -6.20 -24.96
N PRO H 304 65.11 -5.33 -24.94
CA PRO H 304 66.27 -5.50 -24.08
C PRO H 304 65.82 -5.92 -22.68
N LYS H 305 66.25 -7.10 -22.26
CA LYS H 305 65.91 -7.58 -20.95
C LYS H 305 67.19 -7.68 -20.14
N PRO H 306 67.20 -7.14 -18.92
CA PRO H 306 68.38 -7.15 -18.06
C PRO H 306 68.87 -8.51 -17.62
N PHE H 307 70.19 -8.63 -17.60
CA PHE H 307 70.84 -9.85 -17.16
C PHE H 307 72.03 -9.41 -16.32
N LEU H 308 72.46 -10.24 -15.39
CA LEU H 308 73.59 -9.85 -14.56
C LEU H 308 74.71 -10.87 -14.52
N TYR H 309 75.89 -10.43 -14.91
CA TYR H 309 77.10 -11.25 -14.91
C TYR H 309 77.90 -10.98 -13.64
N TYR H 310 78.05 -11.98 -12.78
CA TYR H 310 78.80 -11.79 -11.54
C TYR H 310 80.11 -12.55 -11.64
N PRO H 311 81.13 -12.19 -10.81
CA PRO H 311 82.45 -12.85 -10.81
C PRO H 311 82.53 -14.27 -10.20
N GLU H 312 83.69 -14.91 -10.36
CA GLU H 312 83.92 -16.23 -9.81
C GLU H 312 85.40 -16.45 -9.51
#